data_6G7G
#
_entry.id   6G7G
#
_entity_poly.entity_id   1
_entity_poly.type   'polypeptide(L)'
_entity_poly.pdbx_seq_one_letter_code
;AMGCKEIEIVIKNTLGPSRILQYHCRSGNTNVGVQYLNFKGTRIIKFKDDGTERSRWNCLFRQGINMKFFTEVEAYRPDL
KHPLCGKRYELSARMDAIYFKMDERPPQPLNKWRS
;
_entity_poly.pdbx_strand_id   A
#
# COMPACT_ATOMS: atom_id res chain seq x y z
N ALA A 1 12.27 7.79 18.28
CA ALA A 1 10.88 7.34 18.11
C ALA A 1 10.36 6.68 19.38
N MET A 2 9.72 7.47 20.24
CA MET A 2 9.16 6.95 21.48
C MET A 2 7.63 7.02 21.45
N GLY A 3 7.10 8.22 21.25
CA GLY A 3 5.66 8.37 21.14
C GLY A 3 5.17 7.92 19.78
N CYS A 4 5.81 8.45 18.76
CA CYS A 4 5.59 8.03 17.38
C CYS A 4 4.20 8.43 16.87
N LYS A 5 3.92 8.03 15.64
CA LYS A 5 2.67 8.38 14.97
C LYS A 5 2.05 7.13 14.37
N GLU A 6 0.73 7.06 14.35
CA GLU A 6 0.05 6.05 13.58
C GLU A 6 0.43 6.20 12.11
N ILE A 7 1.03 5.17 11.55
CA ILE A 7 1.54 5.22 10.19
C ILE A 7 0.42 4.93 9.21
N GLU A 8 0.19 5.85 8.29
CA GLU A 8 -0.82 5.63 7.27
C GLU A 8 -0.18 5.39 5.92
N ILE A 9 -0.59 4.30 5.31
CA ILE A 9 -0.05 3.88 4.06
C ILE A 9 -0.96 4.27 2.90
N VAL A 10 -0.37 4.91 1.89
CA VAL A 10 -1.11 5.34 0.73
C VAL A 10 -1.03 4.30 -0.37
N ILE A 11 -2.19 3.83 -0.79
CA ILE A 11 -2.29 2.99 -1.94
C ILE A 11 -2.83 3.84 -3.08
N LYS A 12 -1.93 4.27 -3.93
CA LYS A 12 -2.28 5.16 -5.02
C LYS A 12 -2.65 4.33 -6.21
N ASN A 13 -3.49 4.88 -7.06
CA ASN A 13 -4.00 4.13 -8.16
C ASN A 13 -4.35 5.05 -9.31
N THR A 14 -3.75 4.81 -10.48
CA THR A 14 -3.87 5.77 -11.57
C THR A 14 -3.12 5.35 -12.84
N LEU A 15 -3.77 4.57 -13.68
CA LEU A 15 -3.28 4.37 -15.02
C LEU A 15 -3.93 5.37 -15.94
N GLY A 16 -5.11 5.79 -15.53
CA GLY A 16 -5.99 6.57 -16.37
C GLY A 16 -7.36 5.93 -16.41
N PRO A 17 -8.15 6.17 -17.46
CA PRO A 17 -9.52 5.68 -17.51
C PRO A 17 -9.64 4.18 -17.30
N SER A 18 -10.52 3.79 -16.38
CA SER A 18 -10.81 2.40 -16.07
C SER A 18 -9.65 1.69 -15.36
N ARG A 19 -8.81 2.44 -14.65
CA ARG A 19 -7.86 1.82 -13.75
C ARG A 19 -8.60 1.42 -12.50
N ILE A 20 -8.59 0.14 -12.26
CA ILE A 20 -9.26 -0.44 -11.12
C ILE A 20 -8.43 -1.58 -10.59
N LEU A 21 -8.16 -1.55 -9.32
CA LEU A 21 -7.47 -2.65 -8.66
C LEU A 21 -7.89 -2.70 -7.22
N GLN A 22 -8.12 -3.91 -6.76
CA GLN A 22 -8.65 -4.17 -5.46
C GLN A 22 -7.52 -4.63 -4.55
N TYR A 23 -7.14 -3.78 -3.61
CA TYR A 23 -5.99 -4.07 -2.77
C TYR A 23 -6.45 -4.66 -1.45
N HIS A 24 -5.96 -5.85 -1.18
CA HIS A 24 -6.16 -6.47 0.10
C HIS A 24 -5.00 -6.14 0.99
N CYS A 25 -5.21 -5.24 1.94
CA CYS A 25 -4.12 -4.89 2.81
C CYS A 25 -4.47 -5.19 4.27
N ARG A 26 -3.92 -6.29 4.74
CA ARG A 26 -4.13 -6.77 6.08
C ARG A 26 -2.95 -7.61 6.51
N SER A 27 -2.51 -7.39 7.73
CA SER A 27 -1.56 -8.27 8.40
C SER A 27 -1.28 -7.71 9.79
N GLY A 28 -0.58 -8.48 10.61
CA GLY A 28 -0.08 -7.94 11.87
C GLY A 28 -1.18 -7.80 12.90
N ASN A 29 -1.98 -8.85 13.03
CA ASN A 29 -3.06 -8.94 14.01
C ASN A 29 -4.06 -7.79 13.84
N THR A 30 -4.26 -7.36 12.61
CA THR A 30 -5.18 -6.28 12.31
C THR A 30 -5.84 -6.49 10.96
N ASN A 31 -7.15 -6.24 10.87
CA ASN A 31 -7.91 -6.52 9.65
C ASN A 31 -8.50 -5.22 9.08
N VAL A 32 -8.56 -5.15 7.75
CA VAL A 32 -9.10 -3.97 7.07
C VAL A 32 -10.17 -4.36 6.06
N GLY A 33 -9.81 -5.17 5.08
CA GLY A 33 -10.73 -5.51 4.03
C GLY A 33 -10.02 -5.63 2.71
N VAL A 34 -10.80 -5.66 1.65
CA VAL A 34 -10.28 -5.85 0.31
C VAL A 34 -11.05 -4.98 -0.70
N GLN A 35 -10.58 -3.75 -0.92
CA GLN A 35 -11.33 -2.78 -1.70
C GLN A 35 -10.72 -2.46 -3.07
N TYR A 36 -11.60 -2.16 -4.03
CA TYR A 36 -11.17 -1.64 -5.34
C TYR A 36 -11.52 -0.18 -5.43
N LEU A 37 -10.88 0.51 -6.35
CA LEU A 37 -11.15 1.92 -6.55
C LEU A 37 -10.98 2.24 -8.03
N ASN A 38 -11.52 3.39 -8.43
CA ASN A 38 -11.36 3.90 -9.78
C ASN A 38 -10.18 4.86 -9.81
N PHE A 39 -9.62 5.10 -10.99
CA PHE A 39 -8.55 6.07 -11.15
C PHE A 39 -9.00 7.45 -10.66
N LYS A 40 -8.61 7.77 -9.44
CA LYS A 40 -8.98 9.03 -8.81
C LYS A 40 -7.75 9.69 -8.23
N GLY A 41 -7.15 9.03 -7.26
CA GLY A 41 -5.98 9.56 -6.60
C GLY A 41 -5.42 8.63 -5.57
N THR A 42 -5.65 8.95 -4.32
CA THR A 42 -5.15 8.16 -3.21
C THR A 42 -6.26 7.39 -2.51
N ARG A 43 -5.88 6.27 -1.94
CA ARG A 43 -6.75 5.47 -1.11
C ARG A 43 -5.93 5.11 0.11
N ILE A 44 -6.23 5.74 1.23
CA ILE A 44 -5.33 5.69 2.36
C ILE A 44 -5.83 4.80 3.45
N ILE A 45 -5.02 3.82 3.74
CA ILE A 45 -5.24 2.89 4.76
C ILE A 45 -4.30 3.19 5.93
N LYS A 46 -4.81 3.14 7.14
CA LYS A 46 -4.07 3.67 8.28
C LYS A 46 -3.96 2.65 9.39
N PHE A 47 -2.79 2.63 10.03
CA PHE A 47 -2.51 1.74 11.14
C PHE A 47 -1.68 2.48 12.17
N LYS A 48 -1.46 1.87 13.33
CA LYS A 48 -0.52 2.41 14.30
C LYS A 48 0.61 1.41 14.49
N ASP A 49 1.57 1.73 15.36
CA ASP A 49 2.80 0.93 15.50
C ASP A 49 2.56 -0.37 16.25
N ASP A 50 1.45 -1.01 15.94
CA ASP A 50 1.10 -2.29 16.53
C ASP A 50 1.40 -3.41 15.55
N GLY A 51 1.22 -3.13 14.27
CA GLY A 51 1.56 -4.09 13.24
C GLY A 51 3.00 -3.98 12.82
N THR A 52 3.89 -4.07 13.79
CA THR A 52 5.32 -3.96 13.55
C THR A 52 5.90 -5.23 12.94
N GLU A 53 6.99 -5.71 13.53
CA GLU A 53 7.67 -6.91 13.04
C GLU A 53 6.81 -8.14 13.23
N ARG A 54 5.70 -7.97 13.96
CA ARG A 54 4.80 -9.08 14.29
C ARG A 54 4.35 -9.80 13.02
N SER A 55 3.80 -9.04 12.08
CA SER A 55 3.47 -9.56 10.75
C SER A 55 3.29 -8.42 9.74
N ARG A 56 3.64 -7.19 10.16
CA ARG A 56 3.42 -5.97 9.41
C ARG A 56 2.12 -5.96 8.62
N TRP A 57 2.05 -5.19 7.53
CA TRP A 57 0.86 -5.15 6.68
C TRP A 57 1.25 -5.26 5.21
N ASN A 58 0.52 -6.06 4.44
CA ASN A 58 0.80 -6.19 3.01
C ASN A 58 -0.46 -5.94 2.20
N CYS A 59 -0.33 -5.16 1.12
CA CYS A 59 -1.48 -4.89 0.27
C CYS A 59 -1.30 -5.65 -1.04
N LEU A 60 -2.26 -6.48 -1.38
CA LEU A 60 -2.17 -7.30 -2.56
C LEU A 60 -3.21 -6.84 -3.53
N PHE A 61 -2.83 -6.57 -4.74
CA PHE A 61 -3.77 -5.98 -5.66
C PHE A 61 -4.34 -7.07 -6.54
N ARG A 62 -5.65 -7.19 -6.54
CA ARG A 62 -6.35 -8.15 -7.38
C ARG A 62 -7.62 -7.51 -7.91
N GLN A 63 -8.43 -8.25 -8.64
CA GLN A 63 -9.69 -7.70 -9.14
C GLN A 63 -10.76 -8.79 -9.14
N GLY A 64 -12.03 -8.38 -9.16
CA GLY A 64 -13.12 -9.33 -9.21
C GLY A 64 -13.23 -10.00 -10.55
N ILE A 65 -12.45 -11.06 -10.69
CA ILE A 65 -12.17 -11.68 -11.97
C ILE A 65 -11.10 -12.75 -11.68
N ASN A 66 -10.39 -13.24 -12.68
CA ASN A 66 -9.18 -14.03 -12.41
C ASN A 66 -8.14 -13.14 -11.73
N MET A 67 -6.89 -13.59 -11.64
CA MET A 67 -5.87 -12.76 -11.02
C MET A 67 -5.73 -11.44 -11.78
N LYS A 68 -5.76 -11.53 -13.13
CA LYS A 68 -5.75 -10.37 -14.04
C LYS A 68 -5.01 -9.17 -13.47
N PHE A 69 -5.75 -8.24 -12.87
CA PHE A 69 -5.19 -7.06 -12.23
C PHE A 69 -4.50 -7.42 -10.92
N PHE A 70 -3.32 -8.02 -10.99
CA PHE A 70 -2.68 -8.56 -9.79
C PHE A 70 -1.30 -7.95 -9.52
N THR A 71 -0.98 -7.92 -8.22
CA THR A 71 0.36 -7.62 -7.72
C THR A 71 0.38 -7.73 -6.21
N GLU A 72 1.54 -7.58 -5.63
CA GLU A 72 1.75 -7.88 -4.23
C GLU A 72 2.69 -6.86 -3.61
N VAL A 73 2.15 -5.90 -2.87
CA VAL A 73 2.96 -4.79 -2.37
C VAL A 73 3.06 -4.82 -0.85
N GLU A 74 4.24 -4.55 -0.35
CA GLU A 74 4.48 -4.47 1.07
C GLU A 74 4.19 -3.07 1.59
N ALA A 75 3.05 -2.91 2.26
CA ALA A 75 2.65 -1.62 2.82
C ALA A 75 3.67 -1.12 3.82
N TYR A 76 4.27 -2.04 4.54
CA TYR A 76 5.14 -1.69 5.63
C TYR A 76 6.36 -2.61 5.69
N ARG A 77 7.49 -2.05 6.07
CA ARG A 77 8.70 -2.82 6.28
C ARG A 77 8.87 -3.13 7.77
N PRO A 78 9.15 -4.39 8.12
CA PRO A 78 9.24 -4.83 9.51
C PRO A 78 10.60 -4.53 10.12
N ASP A 79 11.17 -3.42 9.73
CA ASP A 79 12.45 -2.98 10.23
C ASP A 79 12.27 -1.93 11.31
N LEU A 80 12.39 -2.32 12.55
CA LEU A 80 12.21 -1.41 13.68
C LEU A 80 13.45 -0.53 13.84
N LYS A 81 14.46 -0.85 13.07
CA LYS A 81 15.75 -0.15 13.12
C LYS A 81 15.63 1.23 12.50
N HIS A 82 14.75 1.37 11.51
CA HIS A 82 14.54 2.65 10.86
C HIS A 82 13.32 3.35 11.47
N PRO A 83 13.44 4.65 11.76
CA PRO A 83 12.38 5.42 12.41
C PRO A 83 11.16 5.63 11.52
N LEU A 84 9.98 5.33 12.07
CA LEU A 84 8.74 5.59 11.37
C LEU A 84 8.15 6.92 11.84
N CYS A 85 6.97 6.83 12.45
CA CYS A 85 6.28 7.97 13.01
C CYS A 85 5.89 8.98 11.94
N GLY A 86 6.81 9.84 11.65
CA GLY A 86 6.65 10.83 10.59
C GLY A 86 6.75 10.23 9.20
N LYS A 87 6.53 8.92 9.09
CA LYS A 87 6.79 8.19 7.85
C LYS A 87 5.49 7.86 7.13
N ARG A 88 5.57 7.78 5.81
CA ARG A 88 4.44 7.39 4.99
C ARG A 88 4.92 6.52 3.83
N TYR A 89 4.30 5.36 3.66
CA TYR A 89 4.63 4.49 2.54
C TYR A 89 3.61 4.68 1.43
N GLU A 90 4.09 5.07 0.27
CA GLU A 90 3.24 5.21 -0.89
C GLU A 90 3.55 4.15 -1.91
N LEU A 91 2.58 3.32 -2.19
CA LEU A 91 2.66 2.44 -3.32
C LEU A 91 1.58 2.84 -4.29
N SER A 92 1.97 3.13 -5.51
CA SER A 92 1.03 3.64 -6.47
C SER A 92 0.90 2.69 -7.64
N ALA A 93 -0.33 2.40 -7.97
CA ALA A 93 -0.63 1.54 -9.07
C ALA A 93 -0.93 2.37 -10.26
N ARG A 94 0.10 2.62 -10.98
CA ARG A 94 0.05 3.60 -12.03
C ARG A 94 0.38 3.02 -13.35
N MET A 95 -0.06 3.80 -14.30
CA MET A 95 0.12 3.60 -15.72
C MET A 95 1.30 2.67 -16.07
N ASP A 96 2.46 2.91 -15.45
CA ASP A 96 3.65 2.10 -15.69
C ASP A 96 3.69 0.86 -14.79
N ALA A 97 4.04 1.06 -13.53
CA ALA A 97 4.18 -0.04 -12.56
C ALA A 97 3.58 0.35 -11.23
N ILE A 98 3.82 -0.49 -10.26
CA ILE A 98 3.51 -0.21 -8.88
C ILE A 98 4.74 0.41 -8.22
N TYR A 99 4.53 1.51 -7.57
CA TYR A 99 5.64 2.24 -6.97
C TYR A 99 5.82 1.81 -5.52
N PHE A 100 7.02 1.97 -5.01
CA PHE A 100 7.34 1.52 -3.66
C PHE A 100 8.39 2.43 -3.02
N LYS A 101 7.94 3.44 -2.28
CA LYS A 101 8.87 4.32 -1.56
C LYS A 101 8.22 4.92 -0.33
N MET A 102 8.95 4.95 0.77
CA MET A 102 8.52 5.76 1.92
C MET A 102 9.32 7.05 1.90
N ASP A 103 8.87 8.00 1.11
CA ASP A 103 9.59 9.24 0.93
C ASP A 103 8.68 10.43 1.18
N GLU A 104 9.16 11.61 0.83
CA GLU A 104 8.37 12.82 0.83
C GLU A 104 8.10 13.24 -0.61
N ARG A 105 8.91 12.71 -1.53
CA ARG A 105 8.81 13.01 -2.95
C ARG A 105 8.23 11.80 -3.71
N PRO A 106 7.89 11.95 -5.01
CA PRO A 106 7.41 10.83 -5.84
C PRO A 106 8.25 9.56 -5.68
N PRO A 107 7.58 8.40 -5.64
CA PRO A 107 8.24 7.10 -5.41
C PRO A 107 8.79 6.49 -6.70
N GLN A 108 9.33 5.28 -6.58
CA GLN A 108 9.94 4.59 -7.72
C GLN A 108 9.18 3.31 -8.03
N PRO A 109 9.03 3.00 -9.33
CA PRO A 109 8.48 1.72 -9.78
C PRO A 109 9.28 0.53 -9.25
N LEU A 110 8.66 -0.29 -8.42
CA LEU A 110 9.35 -1.43 -7.83
C LEU A 110 8.45 -2.65 -7.76
N ASN A 111 7.23 -2.51 -8.25
CA ASN A 111 6.29 -3.60 -8.28
C ASN A 111 5.52 -3.42 -9.54
N LYS A 112 4.81 -4.42 -9.99
CA LYS A 112 4.05 -4.23 -11.18
C LYS A 112 2.74 -4.96 -11.12
N TRP A 113 1.72 -4.23 -11.49
CA TRP A 113 0.41 -4.79 -11.64
C TRP A 113 0.30 -5.52 -12.95
N ARG A 114 -0.85 -6.09 -13.15
CA ARG A 114 -1.15 -6.85 -14.31
C ARG A 114 -2.55 -6.49 -14.77
N SER A 115 -2.99 -7.08 -15.88
CA SER A 115 -4.33 -6.85 -16.38
C SER A 115 -4.63 -7.77 -17.54
N ALA A 1 8.13 2.93 19.66
CA ALA A 1 7.51 4.24 19.38
C ALA A 1 6.84 4.79 20.62
N MET A 2 7.16 6.04 20.96
CA MET A 2 6.60 6.68 22.14
C MET A 2 5.95 7.99 21.77
N GLY A 3 4.62 8.01 21.76
CA GLY A 3 3.90 9.20 21.35
C GLY A 3 4.06 9.47 19.88
N CYS A 4 3.80 8.45 19.08
CA CYS A 4 4.03 8.54 17.66
C CYS A 4 2.73 8.49 16.88
N LYS A 5 2.73 9.23 15.78
CA LYS A 5 1.61 9.32 14.85
C LYS A 5 1.12 7.97 14.39
N GLU A 6 -0.18 7.87 14.15
CA GLU A 6 -0.78 6.72 13.52
C GLU A 6 -0.34 6.66 12.06
N ILE A 7 0.35 5.59 11.70
CA ILE A 7 0.89 5.45 10.36
C ILE A 7 -0.19 4.99 9.39
N GLU A 8 -0.11 5.43 8.16
CA GLU A 8 -1.17 5.14 7.21
C GLU A 8 -0.63 4.70 5.85
N ILE A 9 -1.44 3.89 5.16
CA ILE A 9 -1.07 3.27 3.90
C ILE A 9 -1.91 3.84 2.76
N VAL A 10 -1.26 4.44 1.76
CA VAL A 10 -1.99 4.91 0.59
C VAL A 10 -1.82 3.97 -0.59
N ILE A 11 -2.93 3.59 -1.17
CA ILE A 11 -2.95 2.88 -2.43
C ILE A 11 -3.51 3.81 -3.50
N LYS A 12 -2.64 4.20 -4.40
CA LYS A 12 -3.02 5.06 -5.51
C LYS A 12 -3.25 4.21 -6.72
N ASN A 13 -4.07 4.69 -7.63
CA ASN A 13 -4.32 3.96 -8.86
C ASN A 13 -4.51 4.93 -10.00
N THR A 14 -3.71 4.78 -11.03
CA THR A 14 -3.72 5.71 -12.13
C THR A 14 -2.84 5.28 -13.28
N LEU A 15 -3.39 4.52 -14.21
CA LEU A 15 -2.76 4.38 -15.48
C LEU A 15 -3.46 5.33 -16.44
N GLY A 16 -4.69 5.69 -16.03
CA GLY A 16 -5.63 6.38 -16.87
C GLY A 16 -7.05 6.16 -16.36
N PRO A 17 -8.08 6.58 -17.11
CA PRO A 17 -9.48 6.52 -16.64
C PRO A 17 -9.99 5.09 -16.39
N SER A 18 -10.71 4.91 -15.28
CA SER A 18 -11.32 3.62 -14.91
C SER A 18 -10.30 2.49 -14.85
N ARG A 19 -9.12 2.81 -14.33
CA ARG A 19 -8.03 1.85 -14.25
C ARG A 19 -8.07 1.06 -12.95
N ILE A 20 -9.25 0.91 -12.46
CA ILE A 20 -9.52 0.41 -11.10
C ILE A 20 -8.98 -0.99 -10.85
N LEU A 21 -8.20 -1.12 -9.78
CA LEU A 21 -7.78 -2.42 -9.27
C LEU A 21 -8.11 -2.53 -7.79
N GLN A 22 -8.16 -3.74 -7.31
CA GLN A 22 -8.50 -4.02 -5.94
C GLN A 22 -7.25 -4.45 -5.16
N TYR A 23 -6.87 -3.66 -4.17
CA TYR A 23 -5.73 -3.96 -3.34
C TYR A 23 -6.19 -4.59 -2.02
N HIS A 24 -5.36 -5.44 -1.46
CA HIS A 24 -5.59 -6.01 -0.15
C HIS A 24 -4.42 -5.69 0.74
N CYS A 25 -4.56 -4.69 1.57
CA CYS A 25 -3.53 -4.39 2.53
C CYS A 25 -4.02 -4.66 3.93
N ARG A 26 -3.17 -5.26 4.74
CA ARG A 26 -3.52 -5.66 6.09
C ARG A 26 -2.29 -5.64 6.99
N SER A 27 -2.52 -5.49 8.28
CA SER A 27 -1.45 -5.59 9.25
C SER A 27 -1.24 -7.05 9.62
N GLY A 28 -0.13 -7.35 10.27
CA GLY A 28 0.13 -8.70 10.73
C GLY A 28 -1.00 -9.17 11.61
N ASN A 29 -1.41 -8.31 12.52
CA ASN A 29 -2.53 -8.61 13.41
C ASN A 29 -3.85 -8.09 12.84
N THR A 30 -3.91 -6.79 12.60
CA THR A 30 -5.18 -6.15 12.23
C THR A 30 -5.44 -6.23 10.72
N ASN A 31 -6.50 -6.95 10.35
CA ASN A 31 -6.91 -7.02 8.96
C ASN A 31 -8.00 -5.98 8.69
N VAL A 32 -7.95 -5.33 7.54
CA VAL A 32 -8.89 -4.25 7.24
C VAL A 32 -9.87 -4.63 6.12
N GLY A 33 -9.38 -5.27 5.06
CA GLY A 33 -10.24 -5.61 3.97
C GLY A 33 -9.52 -5.54 2.65
N VAL A 34 -10.28 -5.61 1.59
CA VAL A 34 -9.74 -5.65 0.25
C VAL A 34 -10.52 -4.71 -0.67
N GLN A 35 -10.04 -3.48 -0.80
CA GLN A 35 -10.78 -2.42 -1.48
C GLN A 35 -10.26 -2.15 -2.88
N TYR A 36 -11.10 -1.54 -3.71
CA TYR A 36 -10.68 -1.07 -5.03
C TYR A 36 -10.44 0.43 -4.98
N LEU A 37 -9.68 0.94 -5.93
CA LEU A 37 -9.38 2.35 -5.97
C LEU A 37 -9.54 2.86 -7.38
N ASN A 38 -10.32 3.93 -7.52
CA ASN A 38 -10.62 4.53 -8.80
C ASN A 38 -9.49 5.44 -9.23
N PHE A 39 -9.49 5.80 -10.50
CA PHE A 39 -8.50 6.72 -11.02
C PHE A 39 -8.88 8.15 -10.67
N LYS A 40 -8.18 8.70 -9.70
CA LYS A 40 -8.41 10.07 -9.25
C LYS A 40 -7.44 10.43 -8.13
N GLY A 41 -7.53 9.69 -7.03
CA GLY A 41 -6.75 10.03 -5.86
C GLY A 41 -6.15 8.83 -5.17
N THR A 42 -6.54 8.62 -3.92
CA THR A 42 -5.89 7.65 -3.05
C THR A 42 -6.92 6.85 -2.25
N ARG A 43 -6.47 5.73 -1.71
CA ARG A 43 -7.26 4.94 -0.77
C ARG A 43 -6.39 4.70 0.44
N ILE A 44 -6.72 5.34 1.55
CA ILE A 44 -5.81 5.38 2.66
C ILE A 44 -6.28 4.55 3.83
N ILE A 45 -5.43 3.63 4.20
CA ILE A 45 -5.57 2.84 5.40
C ILE A 45 -4.89 3.53 6.54
N LYS A 46 -5.24 3.18 7.75
CA LYS A 46 -4.55 3.72 8.90
C LYS A 46 -4.39 2.66 9.99
N PHE A 47 -3.24 2.65 10.63
CA PHE A 47 -2.98 1.76 11.76
C PHE A 47 -2.16 2.48 12.83
N LYS A 48 -2.60 2.38 14.08
CA LYS A 48 -1.94 3.09 15.17
C LYS A 48 -1.48 2.11 16.25
N ASP A 49 -0.23 2.31 16.70
CA ASP A 49 0.38 1.49 17.76
C ASP A 49 0.35 0.00 17.38
N ASP A 50 0.50 -0.88 18.38
CA ASP A 50 0.52 -2.33 18.17
C ASP A 50 1.49 -2.70 17.07
N GLY A 51 2.78 -2.65 17.39
CA GLY A 51 3.84 -2.80 16.41
C GLY A 51 3.88 -4.17 15.75
N THR A 52 3.39 -5.17 16.47
CA THR A 52 3.34 -6.56 16.01
C THR A 52 4.70 -7.15 15.64
N GLU A 53 4.95 -8.32 16.18
CA GLU A 53 6.17 -9.04 15.92
C GLU A 53 5.96 -10.01 14.76
N ARG A 54 4.69 -10.26 14.45
CA ARG A 54 4.33 -11.22 13.41
C ARG A 54 4.77 -10.74 12.03
N SER A 55 4.38 -9.51 11.69
CA SER A 55 4.73 -8.91 10.43
C SER A 55 4.37 -7.44 10.50
N ARG A 56 3.42 -7.03 9.67
CA ARG A 56 2.99 -5.65 9.58
C ARG A 56 2.11 -5.49 8.34
N TRP A 57 2.29 -4.41 7.62
CA TRP A 57 1.38 -4.05 6.56
C TRP A 57 1.92 -4.53 5.20
N ASN A 58 1.06 -5.20 4.45
CA ASN A 58 1.39 -5.61 3.09
C ASN A 58 0.16 -5.46 2.20
N CYS A 59 0.33 -4.83 1.05
CA CYS A 59 -0.77 -4.55 0.14
C CYS A 59 -0.64 -5.43 -1.09
N LEU A 60 -1.67 -6.18 -1.43
CA LEU A 60 -1.59 -7.08 -2.56
C LEU A 60 -2.70 -6.73 -3.51
N PHE A 61 -2.38 -6.58 -4.76
CA PHE A 61 -3.39 -6.14 -5.71
C PHE A 61 -3.94 -7.38 -6.37
N ARG A 62 -5.22 -7.63 -6.21
CA ARG A 62 -5.74 -8.98 -6.39
C ARG A 62 -7.26 -9.04 -6.47
N GLN A 63 -7.74 -10.07 -7.15
CA GLN A 63 -9.14 -10.46 -7.05
C GLN A 63 -9.22 -11.97 -6.79
N GLY A 64 -8.15 -12.67 -7.18
CA GLY A 64 -8.03 -14.09 -6.89
C GLY A 64 -8.61 -14.96 -7.98
N ILE A 65 -7.77 -15.34 -8.92
CA ILE A 65 -8.18 -16.18 -10.03
C ILE A 65 -6.97 -16.82 -10.73
N ASN A 66 -6.34 -16.09 -11.63
CA ASN A 66 -5.15 -16.56 -12.32
C ASN A 66 -3.97 -15.72 -11.89
N MET A 67 -2.96 -15.57 -12.73
CA MET A 67 -1.91 -14.59 -12.49
C MET A 67 -2.45 -13.19 -12.78
N LYS A 68 -3.60 -13.15 -13.42
CA LYS A 68 -4.33 -11.90 -13.64
C LYS A 68 -4.92 -11.45 -12.31
N PHE A 69 -5.11 -10.14 -12.16
CA PHE A 69 -5.60 -9.57 -10.89
C PHE A 69 -4.70 -9.97 -9.72
N PHE A 70 -3.39 -9.72 -9.83
CA PHE A 70 -2.46 -10.11 -8.77
C PHE A 70 -1.17 -9.29 -8.79
N THR A 71 -0.74 -8.96 -7.60
CA THR A 71 0.40 -8.10 -7.35
C THR A 71 0.67 -8.06 -5.87
N GLU A 72 1.92 -7.88 -5.47
CA GLU A 72 2.26 -7.97 -4.07
C GLU A 72 3.23 -6.86 -3.67
N VAL A 73 2.75 -5.93 -2.85
CA VAL A 73 3.55 -4.81 -2.41
C VAL A 73 3.72 -4.84 -0.90
N GLU A 74 4.95 -4.79 -0.43
CA GLU A 74 5.19 -4.69 1.00
C GLU A 74 5.00 -3.25 1.46
N ALA A 75 3.81 -2.95 1.96
CA ALA A 75 3.52 -1.68 2.61
C ALA A 75 4.60 -1.38 3.63
N TYR A 76 4.78 -2.31 4.56
CA TYR A 76 5.77 -2.14 5.61
C TYR A 76 6.22 -3.49 6.12
N ARG A 77 7.51 -3.75 6.02
CA ARG A 77 8.09 -4.95 6.59
C ARG A 77 8.33 -4.72 8.08
N PRO A 78 8.18 -5.78 8.90
CA PRO A 78 8.12 -5.68 10.37
C PRO A 78 9.23 -4.87 11.01
N ASP A 79 9.01 -3.58 11.13
CA ASP A 79 9.91 -2.69 11.86
C ASP A 79 9.35 -2.40 13.24
N LEU A 80 9.82 -3.14 14.23
CA LEU A 80 9.42 -2.91 15.61
C LEU A 80 10.41 -2.00 16.33
N LYS A 81 11.56 -1.82 15.70
CA LYS A 81 12.68 -1.16 16.35
C LYS A 81 12.68 0.35 16.13
N HIS A 82 12.29 0.79 14.95
CA HIS A 82 12.24 2.22 14.65
C HIS A 82 10.89 2.77 15.06
N PRO A 83 10.86 3.92 15.76
CA PRO A 83 9.61 4.56 16.15
C PRO A 83 8.82 5.04 14.94
N LEU A 84 7.61 4.51 14.76
CA LEU A 84 6.82 4.88 13.61
C LEU A 84 5.88 6.01 13.94
N CYS A 85 6.15 7.16 13.38
CA CYS A 85 5.37 8.36 13.67
C CYS A 85 5.28 9.23 12.44
N GLY A 86 6.41 9.75 12.10
CA GLY A 86 6.56 10.65 10.96
C GLY A 86 6.75 9.94 9.64
N LYS A 87 6.34 8.69 9.55
CA LYS A 87 6.58 7.88 8.36
C LYS A 87 5.32 7.70 7.54
N ARG A 88 5.44 7.94 6.24
CA ARG A 88 4.31 7.83 5.31
C ARG A 88 4.81 7.41 3.92
N TYR A 89 4.19 6.38 3.38
CA TYR A 89 4.58 5.84 2.09
C TYR A 89 3.36 5.58 1.23
N GLU A 90 3.57 5.51 -0.07
CA GLU A 90 2.48 5.36 -1.01
C GLU A 90 2.82 4.32 -2.06
N LEU A 91 1.91 3.38 -2.29
CA LEU A 91 2.06 2.47 -3.41
C LEU A 91 0.99 2.80 -4.40
N SER A 92 1.33 2.77 -5.66
CA SER A 92 0.42 3.21 -6.68
C SER A 92 0.44 2.30 -7.88
N ALA A 93 -0.74 1.98 -8.34
CA ALA A 93 -0.89 1.27 -9.57
C ALA A 93 -0.86 2.28 -10.68
N ARG A 94 0.33 2.52 -11.12
CA ARG A 94 0.60 3.62 -12.05
C ARG A 94 1.14 3.13 -13.33
N MET A 95 0.26 3.26 -14.28
CA MET A 95 0.51 3.15 -15.68
C MET A 95 1.31 1.89 -16.09
N ASP A 96 2.57 1.81 -15.69
CA ASP A 96 3.43 0.70 -16.07
C ASP A 96 3.82 -0.19 -14.89
N ALA A 97 3.73 0.33 -13.67
CA ALA A 97 4.08 -0.47 -12.49
C ALA A 97 3.38 0.00 -11.22
N ILE A 98 3.64 -0.74 -10.16
CA ILE A 98 3.24 -0.37 -8.83
C ILE A 98 4.41 0.31 -8.13
N TYR A 99 4.23 1.58 -7.85
CA TYR A 99 5.30 2.39 -7.30
C TYR A 99 5.35 2.32 -5.79
N PHE A 100 6.55 2.20 -5.26
CA PHE A 100 6.77 2.31 -3.83
C PHE A 100 7.37 3.67 -3.53
N LYS A 101 6.61 4.53 -2.87
CA LYS A 101 7.03 5.91 -2.65
C LYS A 101 7.60 6.13 -1.26
N MET A 102 8.48 7.13 -1.19
CA MET A 102 9.56 7.23 -0.23
C MET A 102 9.18 7.11 1.24
N ASP A 103 9.26 5.88 1.74
CA ASP A 103 9.65 5.65 3.11
C ASP A 103 10.85 4.78 3.08
N GLU A 104 11.70 4.99 4.05
CA GLU A 104 13.12 4.57 4.07
C GLU A 104 13.88 4.77 2.73
N ARG A 105 13.21 4.55 1.61
CA ARG A 105 13.83 4.63 0.28
C ARG A 105 12.90 5.37 -0.68
N PRO A 106 13.47 6.07 -1.69
CA PRO A 106 12.72 6.94 -2.63
C PRO A 106 11.73 6.18 -3.54
N PRO A 107 10.77 6.93 -4.15
CA PRO A 107 9.75 6.38 -5.06
C PRO A 107 10.34 5.62 -6.24
N GLN A 108 9.91 4.37 -6.41
CA GLN A 108 10.37 3.55 -7.54
C GLN A 108 9.34 2.50 -7.88
N PRO A 109 9.26 2.10 -9.17
CA PRO A 109 8.44 0.96 -9.61
C PRO A 109 8.91 -0.33 -8.94
N LEU A 110 8.22 -0.73 -7.88
CA LEU A 110 8.65 -1.86 -7.08
C LEU A 110 7.90 -3.14 -7.46
N ASN A 111 6.85 -2.98 -8.24
CA ASN A 111 6.03 -4.11 -8.63
C ASN A 111 5.25 -3.63 -9.82
N LYS A 112 4.32 -4.40 -10.33
CA LYS A 112 3.51 -3.91 -11.40
C LYS A 112 2.08 -4.40 -11.30
N TRP A 113 1.20 -3.41 -11.32
CA TRP A 113 -0.25 -3.59 -11.16
C TRP A 113 -0.79 -4.73 -12.00
N ARG A 114 -1.90 -5.31 -11.55
CA ARG A 114 -2.61 -6.29 -12.34
C ARG A 114 -4.09 -6.19 -12.14
N SER A 115 -4.77 -6.95 -12.99
CA SER A 115 -6.22 -7.13 -13.04
C SER A 115 -6.58 -7.63 -14.42
N ALA A 1 10.93 3.66 20.08
CA ALA A 1 10.04 4.81 19.82
C ALA A 1 9.19 5.11 21.04
N MET A 2 8.82 6.38 21.21
CA MET A 2 8.05 6.81 22.38
C MET A 2 6.55 6.66 22.13
N GLY A 3 6.14 5.45 21.74
CA GLY A 3 4.74 5.19 21.45
C GLY A 3 4.28 5.97 20.24
N CYS A 4 5.13 6.05 19.24
CA CYS A 4 4.83 6.82 18.05
C CYS A 4 5.07 5.99 16.81
N LYS A 5 4.07 5.21 16.44
CA LYS A 5 4.00 4.65 15.12
C LYS A 5 2.58 4.61 14.64
N GLU A 6 2.22 5.69 13.98
CA GLU A 6 0.95 5.82 13.30
C GLU A 6 1.23 5.89 11.83
N ILE A 7 1.16 4.75 11.20
CA ILE A 7 1.57 4.64 9.82
C ILE A 7 0.37 4.68 8.91
N GLU A 8 0.40 5.63 7.99
CA GLU A 8 -0.65 5.79 7.01
C GLU A 8 -0.14 5.40 5.63
N ILE A 9 -0.87 4.52 4.98
CA ILE A 9 -0.46 4.00 3.70
C ILE A 9 -1.51 4.28 2.63
N VAL A 10 -1.08 4.86 1.52
CA VAL A 10 -1.97 5.31 0.47
C VAL A 10 -2.16 4.25 -0.64
N ILE A 11 -3.39 4.00 -1.01
CA ILE A 11 -3.62 3.11 -2.11
C ILE A 11 -4.06 3.90 -3.31
N LYS A 12 -3.22 3.91 -4.33
CA LYS A 12 -3.53 4.57 -5.56
C LYS A 12 -3.48 3.56 -6.70
N ASN A 13 -4.34 3.71 -7.68
CA ASN A 13 -4.28 2.91 -8.89
C ASN A 13 -4.60 3.79 -10.10
N THR A 14 -3.56 4.25 -10.76
CA THR A 14 -3.70 5.32 -11.73
C THR A 14 -2.80 5.14 -12.95
N LEU A 15 -3.17 4.23 -13.84
CA LEU A 15 -2.51 4.15 -15.12
C LEU A 15 -3.17 5.17 -16.03
N GLY A 16 -4.45 5.34 -15.76
CA GLY A 16 -5.26 6.30 -16.44
C GLY A 16 -6.72 6.02 -16.16
N PRO A 17 -7.65 6.64 -16.90
CA PRO A 17 -9.08 6.52 -16.65
C PRO A 17 -9.54 5.08 -16.41
N SER A 18 -10.24 4.87 -15.29
CA SER A 18 -10.81 3.58 -14.94
C SER A 18 -9.75 2.51 -14.70
N ARG A 19 -8.71 2.87 -13.95
CA ARG A 19 -7.77 1.88 -13.44
C ARG A 19 -8.21 1.48 -12.05
N ILE A 20 -8.71 0.26 -11.93
CA ILE A 20 -9.30 -0.20 -10.69
C ILE A 20 -8.52 -1.37 -10.14
N LEU A 21 -8.04 -1.24 -8.93
CA LEU A 21 -7.41 -2.36 -8.25
C LEU A 21 -8.07 -2.62 -6.92
N GLN A 22 -8.39 -3.87 -6.70
CA GLN A 22 -8.95 -4.29 -5.45
C GLN A 22 -7.82 -4.74 -4.56
N TYR A 23 -7.47 -3.89 -3.62
CA TYR A 23 -6.31 -4.12 -2.80
C TYR A 23 -6.71 -4.76 -1.49
N HIS A 24 -6.05 -5.84 -1.16
CA HIS A 24 -6.23 -6.44 0.13
C HIS A 24 -5.02 -6.20 0.99
N CYS A 25 -5.10 -5.20 1.83
CA CYS A 25 -4.12 -5.02 2.87
C CYS A 25 -4.55 -5.70 4.15
N ARG A 26 -3.58 -6.23 4.86
CA ARG A 26 -3.79 -6.73 6.20
C ARG A 26 -2.74 -6.14 7.13
N SER A 27 -3.09 -6.04 8.40
CA SER A 27 -2.19 -5.48 9.40
C SER A 27 -1.53 -6.59 10.18
N GLY A 28 -0.52 -6.26 10.97
CA GLY A 28 0.17 -7.27 11.74
C GLY A 28 -0.74 -8.02 12.67
N ASN A 29 -1.26 -7.32 13.67
CA ASN A 29 -2.16 -7.92 14.64
C ASN A 29 -3.61 -7.55 14.30
N THR A 30 -3.77 -6.68 13.32
CA THR A 30 -5.06 -6.12 12.99
C THR A 30 -5.46 -6.48 11.55
N ASN A 31 -6.74 -6.36 11.23
CA ASN A 31 -7.21 -6.59 9.86
C ASN A 31 -7.56 -5.26 9.20
N VAL A 32 -7.35 -5.17 7.89
CA VAL A 32 -7.57 -3.92 7.17
C VAL A 32 -8.83 -3.99 6.32
N GLY A 33 -8.83 -4.84 5.30
CA GLY A 33 -9.97 -4.93 4.43
C GLY A 33 -9.56 -5.20 3.00
N VAL A 34 -10.54 -5.23 2.13
CA VAL A 34 -10.33 -5.52 0.72
C VAL A 34 -11.20 -4.57 -0.13
N GLN A 35 -10.59 -3.56 -0.72
CA GLN A 35 -11.33 -2.52 -1.41
C GLN A 35 -10.75 -2.24 -2.80
N TYR A 36 -11.59 -1.86 -3.75
CA TYR A 36 -11.10 -1.44 -5.07
C TYR A 36 -11.28 0.06 -5.26
N LEU A 37 -10.27 0.70 -5.83
CA LEU A 37 -10.29 2.15 -5.98
C LEU A 37 -10.23 2.56 -7.45
N ASN A 38 -10.59 3.81 -7.72
CA ASN A 38 -10.57 4.38 -9.05
C ASN A 38 -9.31 5.23 -9.27
N PHE A 39 -9.07 5.55 -10.54
CA PHE A 39 -7.84 6.23 -10.99
C PHE A 39 -7.67 7.63 -10.43
N LYS A 40 -8.75 8.19 -9.95
CA LYS A 40 -8.79 9.60 -9.58
C LYS A 40 -7.98 9.91 -8.32
N GLY A 41 -8.10 9.11 -7.28
CA GLY A 41 -7.50 9.48 -6.02
C GLY A 41 -6.81 8.35 -5.29
N THR A 42 -6.70 8.50 -3.98
CA THR A 42 -6.06 7.52 -3.11
C THR A 42 -7.04 7.00 -2.07
N ARG A 43 -6.64 5.95 -1.38
CA ARG A 43 -7.39 5.41 -0.25
C ARG A 43 -6.41 5.16 0.85
N ILE A 44 -6.47 5.96 1.89
CA ILE A 44 -5.38 5.99 2.82
C ILE A 44 -5.68 5.22 4.09
N ILE A 45 -4.89 4.19 4.25
CA ILE A 45 -4.91 3.34 5.40
C ILE A 45 -4.22 4.01 6.56
N LYS A 46 -4.48 3.55 7.76
CA LYS A 46 -3.74 4.03 8.90
C LYS A 46 -3.84 3.07 10.08
N PHE A 47 -2.73 2.92 10.78
CA PHE A 47 -2.63 2.00 11.89
C PHE A 47 -1.63 2.56 12.89
N LYS A 48 -2.13 2.86 14.05
CA LYS A 48 -1.39 3.63 15.04
C LYS A 48 -1.43 2.92 16.38
N ASP A 49 -1.92 1.69 16.34
CA ASP A 49 -2.01 0.84 17.52
C ASP A 49 -1.42 -0.54 17.19
N ASP A 50 -0.87 -0.64 15.98
CA ASP A 50 -0.23 -1.87 15.51
C ASP A 50 1.27 -1.64 15.39
N GLY A 51 1.73 -1.25 14.21
CA GLY A 51 3.14 -0.94 14.03
C GLY A 51 4.04 -2.13 14.20
N THR A 52 3.49 -3.33 14.06
CA THR A 52 4.27 -4.57 14.13
C THR A 52 5.45 -4.55 13.16
N GLU A 53 6.59 -5.05 13.65
CA GLU A 53 7.85 -5.02 12.93
C GLU A 53 7.83 -5.94 11.72
N ARG A 54 7.61 -7.23 11.96
CA ARG A 54 7.72 -8.25 10.94
C ARG A 54 6.39 -8.46 10.22
N SER A 55 5.31 -8.24 10.93
CA SER A 55 3.99 -8.47 10.39
C SER A 55 3.56 -7.31 9.50
N ARG A 56 3.36 -6.14 10.11
CA ARG A 56 2.95 -4.90 9.43
C ARG A 56 1.92 -5.13 8.32
N TRP A 57 1.93 -4.25 7.34
CA TRP A 57 0.88 -4.17 6.36
C TRP A 57 1.40 -4.52 4.97
N ASN A 58 0.56 -5.18 4.20
CA ASN A 58 0.88 -5.49 2.82
C ASN A 58 -0.41 -5.57 2.01
N CYS A 59 -0.45 -4.89 0.87
CA CYS A 59 -1.64 -4.88 0.03
C CYS A 59 -1.50 -5.87 -1.11
N LEU A 60 -2.62 -6.44 -1.53
CA LEU A 60 -2.62 -7.37 -2.62
C LEU A 60 -3.49 -6.78 -3.70
N PHE A 61 -2.92 -6.57 -4.86
CA PHE A 61 -3.64 -5.88 -5.91
C PHE A 61 -4.21 -6.89 -6.89
N ARG A 62 -5.53 -6.92 -7.01
CA ARG A 62 -6.18 -7.88 -7.90
C ARG A 62 -7.36 -7.24 -8.61
N GLN A 63 -7.70 -7.78 -9.77
CA GLN A 63 -8.86 -7.34 -10.53
C GLN A 63 -9.37 -8.48 -11.40
N GLY A 64 -10.67 -8.49 -11.68
CA GLY A 64 -11.22 -9.42 -12.63
C GLY A 64 -10.65 -9.16 -14.01
N ILE A 65 -9.99 -10.15 -14.58
CA ILE A 65 -9.11 -9.88 -15.70
C ILE A 65 -8.98 -11.09 -16.65
N ASN A 66 -8.27 -10.86 -17.75
CA ASN A 66 -7.74 -11.90 -18.64
C ASN A 66 -6.86 -12.88 -17.87
N MET A 67 -5.80 -13.40 -18.54
CA MET A 67 -4.88 -14.38 -17.92
C MET A 67 -4.67 -14.10 -16.44
N LYS A 68 -4.30 -12.85 -16.13
CA LYS A 68 -4.36 -12.28 -14.78
C LYS A 68 -3.91 -10.83 -14.77
N PHE A 69 -3.99 -10.25 -13.58
CA PHE A 69 -3.53 -8.89 -13.30
C PHE A 69 -3.56 -8.71 -11.79
N PHE A 70 -2.39 -8.74 -11.19
CA PHE A 70 -2.25 -8.89 -9.76
C PHE A 70 -0.96 -8.22 -9.31
N THR A 71 -0.70 -8.18 -8.01
CA THR A 71 0.64 -7.95 -7.48
C THR A 71 0.59 -7.73 -5.99
N GLU A 72 1.60 -8.22 -5.34
CA GLU A 72 1.68 -8.22 -3.91
C GLU A 72 2.76 -7.26 -3.44
N VAL A 73 2.35 -6.13 -2.90
CA VAL A 73 3.30 -5.10 -2.52
C VAL A 73 3.26 -4.88 -1.01
N GLU A 74 4.41 -4.97 -0.37
CA GLU A 74 4.50 -4.69 1.05
C GLU A 74 4.28 -3.20 1.30
N ALA A 75 3.30 -2.92 2.14
CA ALA A 75 2.87 -1.56 2.43
C ALA A 75 3.92 -0.87 3.25
N TYR A 76 4.43 -1.57 4.23
CA TYR A 76 5.41 -0.96 5.11
C TYR A 76 6.35 -1.98 5.72
N ARG A 77 7.40 -1.45 6.33
CA ARG A 77 8.32 -2.23 7.13
C ARG A 77 8.95 -1.28 8.15
N PRO A 78 8.30 -1.12 9.32
CA PRO A 78 8.66 -0.11 10.30
C PRO A 78 9.77 -0.57 11.26
N ASP A 79 10.43 0.40 11.88
CA ASP A 79 11.45 0.12 12.88
C ASP A 79 10.90 0.32 14.29
N LEU A 80 11.53 -0.35 15.24
CA LEU A 80 11.17 -0.20 16.65
C LEU A 80 12.00 0.90 17.28
N LYS A 81 13.25 0.91 16.89
CA LYS A 81 14.21 1.89 17.40
C LYS A 81 14.22 3.15 16.52
N HIS A 82 13.86 2.98 15.27
CA HIS A 82 13.68 4.10 14.36
C HIS A 82 12.18 4.40 14.22
N PRO A 83 11.73 5.53 14.79
CA PRO A 83 10.31 5.85 14.88
C PRO A 83 9.72 6.40 13.58
N LEU A 84 8.47 6.04 13.34
CA LEU A 84 7.68 6.62 12.26
C LEU A 84 6.26 6.73 12.75
N CYS A 85 5.65 7.87 12.56
CA CYS A 85 4.32 8.11 13.11
C CYS A 85 3.72 9.37 12.54
N GLY A 86 4.59 10.11 11.89
CA GLY A 86 4.20 11.28 11.13
C GLY A 86 4.16 10.99 9.64
N LYS A 87 4.00 9.72 9.29
CA LYS A 87 4.21 9.26 7.93
C LYS A 87 2.90 9.00 7.22
N ARG A 88 2.87 9.34 5.94
CA ARG A 88 1.74 9.04 5.07
C ARG A 88 2.26 8.85 3.64
N TYR A 89 2.57 7.62 3.28
CA TYR A 89 3.11 7.29 1.95
C TYR A 89 2.75 5.85 1.62
N GLU A 90 2.72 5.51 0.34
CA GLU A 90 2.47 4.14 -0.05
C GLU A 90 2.78 3.84 -1.52
N LEU A 91 2.75 2.55 -1.86
CA LEU A 91 2.71 2.10 -3.23
C LEU A 91 1.51 2.69 -3.98
N SER A 92 1.72 2.86 -5.26
CA SER A 92 0.69 3.35 -6.15
C SER A 92 0.75 2.61 -7.45
N ALA A 93 -0.35 2.03 -7.81
CA ALA A 93 -0.39 1.21 -8.98
C ALA A 93 -0.52 2.06 -10.19
N ARG A 94 0.58 2.22 -10.87
CA ARG A 94 0.68 3.24 -11.90
C ARG A 94 0.93 2.68 -13.26
N MET A 95 0.49 3.51 -14.16
CA MET A 95 0.65 3.40 -15.59
C MET A 95 1.67 2.34 -16.06
N ASP A 96 2.94 2.52 -15.75
CA ASP A 96 3.98 1.62 -16.26
C ASP A 96 4.36 0.55 -15.24
N ALA A 97 4.19 0.84 -13.97
CA ALA A 97 4.55 -0.10 -12.90
C ALA A 97 3.93 0.34 -11.60
N ILE A 98 4.09 -0.51 -10.63
CA ILE A 98 3.69 -0.21 -9.29
C ILE A 98 4.75 0.67 -8.62
N TYR A 99 4.36 1.87 -8.31
CA TYR A 99 5.29 2.88 -7.83
C TYR A 99 5.25 2.99 -6.32
N PHE A 100 6.33 2.58 -5.67
CA PHE A 100 6.44 2.74 -4.24
C PHE A 100 7.06 4.09 -3.93
N LYS A 101 6.35 4.94 -3.21
CA LYS A 101 6.81 6.28 -2.95
C LYS A 101 6.68 6.68 -1.50
N MET A 102 7.80 7.11 -0.94
CA MET A 102 7.87 7.64 0.41
C MET A 102 8.84 8.79 0.40
N ASP A 103 8.85 9.62 1.43
CA ASP A 103 9.78 10.74 1.47
C ASP A 103 11.20 10.25 1.67
N GLU A 104 12.15 11.14 1.34
CA GLU A 104 13.58 10.84 1.44
C GLU A 104 13.97 9.79 0.39
N ARG A 105 12.98 9.32 -0.35
CA ARG A 105 13.19 8.32 -1.39
C ARG A 105 12.45 8.70 -2.67
N PRO A 106 13.11 8.63 -3.83
CA PRO A 106 12.49 8.94 -5.11
C PRO A 106 11.47 7.88 -5.53
N PRO A 107 10.24 8.30 -5.89
CA PRO A 107 9.18 7.41 -6.40
C PRO A 107 9.64 6.62 -7.62
N GLN A 108 9.77 5.32 -7.45
CA GLN A 108 10.30 4.46 -8.51
C GLN A 108 9.44 3.21 -8.68
N PRO A 109 9.48 2.59 -9.86
CA PRO A 109 8.81 1.32 -10.12
C PRO A 109 9.29 0.23 -9.18
N LEU A 110 8.41 -0.22 -8.32
CA LEU A 110 8.74 -1.21 -7.32
C LEU A 110 8.46 -2.61 -7.86
N ASN A 111 7.45 -2.71 -8.69
CA ASN A 111 7.00 -4.01 -9.18
C ASN A 111 5.81 -3.83 -10.04
N LYS A 112 5.96 -3.96 -11.32
CA LYS A 112 4.82 -3.78 -12.19
C LYS A 112 3.80 -4.85 -11.89
N TRP A 113 2.56 -4.42 -11.87
CA TRP A 113 1.48 -5.24 -11.41
C TRP A 113 1.19 -6.41 -12.36
N ARG A 114 1.83 -7.53 -12.04
CA ARG A 114 1.69 -8.81 -12.76
C ARG A 114 1.38 -8.65 -14.25
N SER A 115 0.62 -9.60 -14.78
CA SER A 115 0.08 -9.56 -16.14
C SER A 115 1.19 -9.58 -17.19
N ALA A 1 9.25 0.27 20.79
CA ALA A 1 8.95 1.41 19.90
C ALA A 1 7.86 2.28 20.50
N MET A 2 8.20 3.53 20.77
CA MET A 2 7.25 4.49 21.30
C MET A 2 6.52 5.19 20.16
N GLY A 3 7.28 5.52 19.12
CA GLY A 3 6.71 6.10 17.93
C GLY A 3 6.24 7.52 18.11
N CYS A 4 5.65 8.06 17.06
CA CYS A 4 5.02 9.38 17.11
C CYS A 4 4.29 9.75 15.82
N LYS A 5 3.93 8.76 15.04
CA LYS A 5 3.06 8.97 13.90
C LYS A 5 2.29 7.71 13.57
N GLU A 6 1.00 7.86 13.33
CA GLU A 6 0.22 6.77 12.81
C GLU A 6 0.70 6.47 11.39
N ILE A 7 1.20 5.28 11.19
CA ILE A 7 1.79 4.92 9.91
C ILE A 7 0.70 4.65 8.89
N GLU A 8 0.70 5.41 7.83
CA GLU A 8 -0.38 5.36 6.87
C GLU A 8 0.12 5.07 5.47
N ILE A 9 -0.74 4.39 4.71
CA ILE A 9 -0.37 3.80 3.43
C ILE A 9 -1.37 4.19 2.35
N VAL A 10 -0.94 4.89 1.33
CA VAL A 10 -1.82 5.23 0.24
C VAL A 10 -1.77 4.17 -0.85
N ILE A 11 -2.94 3.78 -1.33
CA ILE A 11 -3.06 2.93 -2.49
C ILE A 11 -3.69 3.74 -3.61
N LYS A 12 -2.91 4.01 -4.62
CA LYS A 12 -3.35 4.78 -5.77
C LYS A 12 -3.44 3.86 -6.98
N ASN A 13 -4.34 4.14 -7.88
CA ASN A 13 -4.34 3.50 -9.17
C ASN A 13 -4.42 4.57 -10.25
N THR A 14 -3.50 4.53 -11.20
CA THR A 14 -3.37 5.60 -12.16
C THR A 14 -2.68 5.18 -13.46
N LEU A 15 -3.37 4.44 -14.30
CA LEU A 15 -2.87 4.22 -15.63
C LEU A 15 -3.58 5.17 -16.58
N GLY A 16 -4.87 5.29 -16.35
CA GLY A 16 -5.75 6.07 -17.20
C GLY A 16 -7.18 5.82 -16.82
N PRO A 17 -8.14 6.30 -17.63
CA PRO A 17 -9.57 6.34 -17.29
C PRO A 17 -10.07 5.09 -16.56
N SER A 18 -10.50 5.30 -15.32
CA SER A 18 -11.06 4.25 -14.48
C SER A 18 -10.10 3.08 -14.33
N ARG A 19 -8.95 3.35 -13.74
CA ARG A 19 -8.02 2.28 -13.37
C ARG A 19 -8.28 1.85 -11.95
N ILE A 20 -8.69 0.60 -11.79
CA ILE A 20 -9.16 0.11 -10.51
C ILE A 20 -8.50 -1.22 -10.17
N LEU A 21 -7.77 -1.24 -9.06
CA LEU A 21 -7.21 -2.48 -8.54
C LEU A 21 -7.64 -2.67 -7.10
N GLN A 22 -8.03 -3.90 -6.79
CA GLN A 22 -8.56 -4.23 -5.49
C GLN A 22 -7.46 -4.78 -4.60
N TYR A 23 -7.11 -4.04 -3.55
CA TYR A 23 -5.97 -4.40 -2.72
C TYR A 23 -6.41 -5.11 -1.44
N HIS A 24 -5.86 -6.29 -1.23
CA HIS A 24 -6.07 -7.06 -0.02
C HIS A 24 -4.88 -6.90 0.90
N CYS A 25 -5.03 -6.13 1.97
CA CYS A 25 -3.88 -5.81 2.78
C CYS A 25 -3.84 -6.47 4.17
N ARG A 26 -3.10 -7.61 4.29
CA ARG A 26 -2.62 -8.07 5.60
C ARG A 26 -1.35 -9.01 5.52
N SER A 27 -0.14 -8.45 5.69
CA SER A 27 1.15 -9.15 6.00
C SER A 27 2.32 -8.13 6.05
N GLY A 28 2.68 -7.61 7.21
CA GLY A 28 3.69 -6.53 7.26
C GLY A 28 3.45 -5.47 8.33
N ASN A 29 2.62 -4.44 8.08
CA ASN A 29 2.34 -3.46 9.15
C ASN A 29 1.01 -2.66 9.04
N THR A 30 0.20 -2.76 7.97
CA THR A 30 -1.02 -1.91 7.92
C THR A 30 -2.22 -2.56 7.22
N ASN A 31 -3.22 -2.93 8.03
CA ASN A 31 -4.33 -3.83 7.64
C ASN A 31 -5.47 -3.09 6.99
N VAL A 32 -6.13 -3.75 6.07
CA VAL A 32 -7.35 -3.18 5.52
C VAL A 32 -8.43 -4.22 5.28
N GLY A 33 -8.15 -5.18 4.43
CA GLY A 33 -9.17 -6.04 3.95
C GLY A 33 -9.02 -6.13 2.48
N VAL A 34 -10.09 -5.90 1.75
CA VAL A 34 -10.04 -6.04 0.32
C VAL A 34 -10.92 -4.98 -0.35
N GLN A 35 -10.29 -3.87 -0.73
CA GLN A 35 -11.00 -2.73 -1.29
C GLN A 35 -10.45 -2.37 -2.66
N TYR A 36 -11.26 -1.69 -3.45
CA TYR A 36 -10.81 -1.20 -4.75
C TYR A 36 -10.65 0.32 -4.73
N LEU A 37 -9.87 0.83 -5.66
CA LEU A 37 -9.61 2.26 -5.74
C LEU A 37 -9.46 2.66 -7.21
N ASN A 38 -10.12 3.75 -7.59
CA ASN A 38 -10.15 4.16 -8.99
C ASN A 38 -9.08 5.17 -9.31
N PHE A 39 -8.88 5.40 -10.59
CA PHE A 39 -7.90 6.37 -11.04
C PHE A 39 -8.46 7.77 -10.93
N LYS A 40 -8.26 8.37 -9.78
CA LYS A 40 -8.70 9.72 -9.49
C LYS A 40 -7.96 10.25 -8.27
N GLY A 41 -7.99 9.46 -7.20
CA GLY A 41 -7.33 9.85 -5.98
C GLY A 41 -6.61 8.71 -5.32
N THR A 42 -6.38 8.83 -4.02
CA THR A 42 -5.67 7.83 -3.24
C THR A 42 -6.61 7.15 -2.26
N ARG A 43 -6.15 6.07 -1.68
CA ARG A 43 -6.89 5.35 -0.66
C ARG A 43 -5.95 5.04 0.48
N ILE A 44 -6.13 5.73 1.59
CA ILE A 44 -5.11 5.73 2.61
C ILE A 44 -5.47 4.89 3.82
N ILE A 45 -4.52 4.05 4.16
CA ILE A 45 -4.53 3.25 5.37
C ILE A 45 -3.93 4.05 6.48
N LYS A 46 -4.13 3.64 7.72
CA LYS A 46 -3.36 4.21 8.81
C LYS A 46 -3.42 3.34 10.06
N PHE A 47 -2.26 3.15 10.67
CA PHE A 47 -2.13 2.32 11.89
C PHE A 47 -1.14 2.95 12.84
N LYS A 48 -1.57 3.16 14.07
CA LYS A 48 -0.74 3.80 15.08
C LYS A 48 -0.10 2.78 15.99
N ASP A 49 -0.12 1.52 15.56
CA ASP A 49 0.40 0.42 16.36
C ASP A 49 1.80 0.03 15.90
N ASP A 50 2.76 0.89 16.18
CA ASP A 50 4.12 0.70 15.70
C ASP A 50 4.89 -0.27 16.58
N GLY A 51 4.71 -0.17 17.88
CA GLY A 51 5.43 -1.03 18.80
C GLY A 51 4.72 -2.33 19.08
N THR A 52 4.18 -2.94 18.03
CA THR A 52 3.44 -4.19 18.16
C THR A 52 3.76 -5.14 17.01
N GLU A 53 4.01 -6.40 17.36
CA GLU A 53 4.42 -7.41 16.39
C GLU A 53 3.23 -7.99 15.63
N ARG A 54 2.06 -7.94 16.25
CA ARG A 54 0.85 -8.52 15.67
C ARG A 54 0.24 -7.60 14.62
N SER A 55 0.83 -6.43 14.46
CA SER A 55 0.32 -5.45 13.53
C SER A 55 1.08 -5.53 12.22
N ARG A 56 0.92 -6.64 11.52
CA ARG A 56 1.61 -6.87 10.29
C ARG A 56 0.66 -7.10 9.12
N TRP A 57 0.63 -6.15 8.16
CA TRP A 57 -0.33 -6.17 7.08
C TRP A 57 0.29 -5.70 5.71
N ASN A 58 -0.24 -6.23 4.57
CA ASN A 58 0.40 -6.20 3.23
C ASN A 58 -0.67 -6.16 2.14
N CYS A 59 -0.58 -5.23 1.20
CA CYS A 59 -1.67 -5.04 0.26
C CYS A 59 -1.39 -5.77 -1.04
N LEU A 60 -2.32 -6.58 -1.49
CA LEU A 60 -2.14 -7.33 -2.71
C LEU A 60 -3.17 -6.86 -3.69
N PHE A 61 -2.77 -6.56 -4.89
CA PHE A 61 -3.69 -5.96 -5.82
C PHE A 61 -4.25 -7.04 -6.72
N ARG A 62 -5.56 -7.11 -6.82
CA ARG A 62 -6.22 -8.12 -7.63
C ARG A 62 -7.44 -7.53 -8.32
N GLN A 63 -8.05 -8.33 -9.18
CA GLN A 63 -9.29 -7.95 -9.84
C GLN A 63 -10.16 -9.20 -10.02
N GLY A 64 -9.92 -10.17 -9.16
CA GLY A 64 -10.61 -11.44 -9.26
C GLY A 64 -10.09 -12.26 -10.41
N ILE A 65 -11.02 -12.71 -11.26
CA ILE A 65 -10.72 -13.45 -12.50
C ILE A 65 -9.53 -14.43 -12.35
N ASN A 66 -8.37 -14.09 -12.88
CA ASN A 66 -7.20 -14.98 -12.83
C ASN A 66 -6.10 -14.41 -11.94
N MET A 67 -4.87 -14.84 -12.17
CA MET A 67 -3.70 -14.22 -11.54
C MET A 67 -3.36 -12.93 -12.26
N LYS A 68 -4.17 -12.58 -13.26
CA LYS A 68 -4.05 -11.31 -13.96
C LYS A 68 -4.52 -10.18 -13.06
N PHE A 69 -4.08 -8.96 -13.38
CA PHE A 69 -4.43 -7.77 -12.61
C PHE A 69 -3.91 -7.86 -11.17
N PHE A 70 -2.92 -8.72 -10.95
CA PHE A 70 -2.41 -9.00 -9.61
C PHE A 70 -1.09 -8.30 -9.33
N THR A 71 -0.81 -8.14 -8.04
CA THR A 71 0.51 -7.71 -7.56
C THR A 71 0.51 -7.73 -6.04
N GLU A 72 1.68 -7.55 -5.46
CA GLU A 72 1.86 -7.77 -4.05
C GLU A 72 2.71 -6.66 -3.45
N VAL A 73 2.08 -5.78 -2.67
CA VAL A 73 2.74 -4.59 -2.20
C VAL A 73 2.72 -4.52 -0.69
N GLU A 74 3.89 -4.48 -0.07
CA GLU A 74 3.98 -4.32 1.37
C GLU A 74 3.38 -2.99 1.77
N ALA A 75 2.31 -3.07 2.55
CA ALA A 75 1.73 -1.90 3.17
C ALA A 75 2.81 -1.14 3.88
N TYR A 76 3.39 -1.79 4.86
CA TYR A 76 4.53 -1.21 5.51
C TYR A 76 5.41 -2.28 6.12
N ARG A 77 6.72 -2.10 6.00
CA ARG A 77 7.68 -3.01 6.60
C ARG A 77 8.00 -2.53 8.00
N PRO A 78 7.58 -3.28 9.03
CA PRO A 78 7.65 -2.82 10.42
C PRO A 78 9.07 -2.75 10.96
N ASP A 79 9.42 -1.61 11.53
CA ASP A 79 10.67 -1.49 12.27
C ASP A 79 10.35 -1.63 13.74
N LEU A 80 10.54 -2.82 14.28
CA LEU A 80 10.13 -3.10 15.64
C LEU A 80 11.11 -2.53 16.64
N LYS A 81 12.28 -2.23 16.13
CA LYS A 81 13.35 -1.65 16.94
C LYS A 81 13.29 -0.12 16.88
N HIS A 82 12.68 0.39 15.83
CA HIS A 82 12.59 1.84 15.63
C HIS A 82 11.21 2.34 16.00
N PRO A 83 11.12 3.50 16.66
CA PRO A 83 9.84 4.16 16.90
C PRO A 83 9.29 4.73 15.60
N LEU A 84 8.11 4.26 15.19
CA LEU A 84 7.58 4.65 13.89
C LEU A 84 6.82 5.95 13.99
N CYS A 85 7.19 6.87 13.12
CA CYS A 85 6.72 8.23 13.23
C CYS A 85 7.28 9.08 12.10
N GLY A 86 8.35 8.60 11.56
CA GLY A 86 9.02 9.28 10.46
C GLY A 86 8.73 8.64 9.11
N LYS A 87 7.68 7.84 9.03
CA LYS A 87 7.38 7.11 7.80
C LYS A 87 5.95 7.35 7.34
N ARG A 88 5.79 7.42 6.02
CA ARG A 88 4.48 7.48 5.39
C ARG A 88 4.59 6.84 4.01
N TYR A 89 3.84 5.76 3.80
CA TYR A 89 4.01 4.97 2.58
C TYR A 89 2.92 5.22 1.57
N GLU A 90 3.28 5.05 0.30
CA GLU A 90 2.39 5.25 -0.82
C GLU A 90 2.76 4.29 -1.93
N LEU A 91 1.82 3.43 -2.29
CA LEU A 91 2.02 2.57 -3.43
C LEU A 91 0.94 2.87 -4.43
N SER A 92 1.28 2.81 -5.69
CA SER A 92 0.37 3.20 -6.72
C SER A 92 0.49 2.33 -7.94
N ALA A 93 -0.64 1.89 -8.41
CA ALA A 93 -0.71 1.14 -9.63
C ALA A 93 -0.82 2.06 -10.79
N ARG A 94 0.30 2.33 -11.36
CA ARG A 94 0.38 3.35 -12.39
C ARG A 94 0.69 2.77 -13.71
N MET A 95 0.27 3.51 -14.70
CA MET A 95 0.54 3.25 -16.10
C MET A 95 1.78 2.37 -16.28
N ASP A 96 2.88 2.81 -15.65
CA ASP A 96 4.16 2.12 -15.70
C ASP A 96 4.23 0.91 -14.76
N ALA A 97 4.06 1.14 -13.45
CA ALA A 97 4.23 0.05 -12.47
C ALA A 97 3.56 0.41 -11.15
N ILE A 98 3.76 -0.47 -10.19
CA ILE A 98 3.39 -0.24 -8.83
C ILE A 98 4.56 0.41 -8.12
N TYR A 99 4.42 1.67 -7.78
CA TYR A 99 5.54 2.38 -7.22
C TYR A 99 5.43 2.49 -5.71
N PHE A 100 6.55 2.28 -5.05
CA PHE A 100 6.61 2.27 -3.61
C PHE A 100 7.19 3.59 -3.12
N LYS A 101 6.56 4.19 -2.15
CA LYS A 101 7.13 5.37 -1.53
C LYS A 101 7.58 5.07 -0.12
N MET A 102 8.86 5.20 0.05
CA MET A 102 9.49 5.11 1.35
C MET A 102 9.85 6.52 1.76
N ASP A 103 9.37 6.97 2.90
CA ASP A 103 9.54 8.37 3.27
C ASP A 103 11.00 8.73 3.43
N GLU A 104 11.25 10.02 3.44
CA GLU A 104 12.61 10.58 3.34
C GLU A 104 13.19 10.30 1.95
N ARG A 105 12.43 9.54 1.16
CA ARG A 105 12.81 9.24 -0.22
C ARG A 105 11.66 9.50 -1.18
N PRO A 106 11.96 9.72 -2.47
CA PRO A 106 10.94 9.82 -3.53
C PRO A 106 10.36 8.44 -3.87
N PRO A 107 9.14 8.41 -4.41
CA PRO A 107 8.49 7.14 -4.81
C PRO A 107 9.18 6.49 -6.01
N GLN A 108 9.38 5.17 -5.92
CA GLN A 108 10.05 4.45 -6.98
C GLN A 108 9.26 3.22 -7.42
N PRO A 109 9.04 3.07 -8.74
CA PRO A 109 8.44 1.87 -9.33
C PRO A 109 9.15 0.59 -8.90
N LEU A 110 8.53 -0.19 -8.03
CA LEU A 110 9.21 -1.33 -7.44
C LEU A 110 8.46 -2.63 -7.71
N ASN A 111 7.27 -2.54 -8.23
CA ASN A 111 6.48 -3.72 -8.53
C ASN A 111 5.60 -3.36 -9.68
N LYS A 112 4.86 -4.29 -10.19
CA LYS A 112 3.97 -3.98 -11.25
C LYS A 112 2.71 -4.80 -11.16
N TRP A 113 1.63 -4.16 -11.48
CA TRP A 113 0.36 -4.80 -11.63
C TRP A 113 0.37 -5.66 -12.87
N ARG A 114 -0.73 -6.32 -13.11
CA ARG A 114 -0.85 -7.23 -14.22
C ARG A 114 -2.13 -6.95 -14.98
N SER A 115 -2.30 -7.67 -16.08
CA SER A 115 -3.50 -7.61 -16.89
C SER A 115 -3.26 -8.37 -18.20
N ALA A 1 5.12 -0.01 16.05
CA ALA A 1 5.03 1.46 16.03
C ALA A 1 4.41 1.97 17.33
N MET A 2 5.17 1.87 18.42
CA MET A 2 4.69 2.26 19.74
C MET A 2 4.60 3.77 19.88
N GLY A 3 5.76 4.43 20.01
CA GLY A 3 5.78 5.88 20.14
C GLY A 3 5.77 6.55 18.80
N CYS A 4 4.82 6.15 17.97
CA CYS A 4 4.79 6.56 16.59
C CYS A 4 3.46 7.24 16.24
N LYS A 5 3.45 7.91 15.10
CA LYS A 5 2.24 8.49 14.55
C LYS A 5 1.33 7.38 14.02
N GLU A 6 0.03 7.65 14.01
CA GLU A 6 -0.90 6.84 13.28
C GLU A 6 -0.45 6.73 11.84
N ILE A 7 0.08 5.57 11.50
CA ILE A 7 0.70 5.36 10.21
C ILE A 7 -0.36 5.15 9.13
N GLU A 8 -0.12 5.68 7.93
CA GLU A 8 -1.16 5.77 6.91
C GLU A 8 -0.68 5.24 5.57
N ILE A 9 -1.31 4.16 5.13
CA ILE A 9 -0.97 3.49 3.88
C ILE A 9 -1.79 4.09 2.75
N VAL A 10 -1.13 4.48 1.67
CA VAL A 10 -1.86 4.98 0.53
C VAL A 10 -1.71 4.06 -0.66
N ILE A 11 -2.85 3.63 -1.18
CA ILE A 11 -2.88 2.83 -2.37
C ILE A 11 -3.47 3.66 -3.49
N LYS A 12 -2.64 3.94 -4.46
CA LYS A 12 -3.05 4.72 -5.59
C LYS A 12 -3.19 3.79 -6.79
N ASN A 13 -3.94 4.22 -7.78
CA ASN A 13 -3.97 3.53 -9.05
C ASN A 13 -4.15 4.55 -10.14
N THR A 14 -3.35 4.43 -11.18
CA THR A 14 -3.32 5.43 -12.21
C THR A 14 -2.56 4.97 -13.43
N LEU A 15 -3.25 4.31 -14.33
CA LEU A 15 -2.75 4.09 -15.65
C LEU A 15 -3.41 5.09 -16.59
N GLY A 16 -4.74 5.04 -16.54
CA GLY A 16 -5.58 5.93 -17.28
C GLY A 16 -7.00 5.87 -16.75
N PRO A 17 -7.99 6.43 -17.44
CA PRO A 17 -9.36 6.54 -16.92
C PRO A 17 -9.94 5.20 -16.50
N SER A 18 -10.64 5.21 -15.36
CA SER A 18 -11.28 4.01 -14.81
C SER A 18 -10.26 2.96 -14.41
N ARG A 19 -9.12 3.41 -13.89
CA ARG A 19 -8.17 2.48 -13.32
C ARG A 19 -8.51 2.17 -11.91
N ILE A 20 -8.41 0.91 -11.62
CA ILE A 20 -8.83 0.34 -10.34
C ILE A 20 -7.98 -0.87 -10.04
N LEU A 21 -7.69 -1.09 -8.78
CA LEU A 21 -7.13 -2.35 -8.32
C LEU A 21 -7.55 -2.57 -6.88
N GLN A 22 -8.00 -3.78 -6.59
CA GLN A 22 -8.51 -4.10 -5.29
C GLN A 22 -7.37 -4.71 -4.47
N TYR A 23 -6.89 -3.94 -3.52
CA TYR A 23 -5.76 -4.36 -2.71
C TYR A 23 -6.26 -4.94 -1.39
N HIS A 24 -5.71 -6.08 -1.02
CA HIS A 24 -5.99 -6.64 0.29
C HIS A 24 -4.77 -6.55 1.17
N CYS A 25 -4.73 -5.52 1.99
CA CYS A 25 -3.64 -5.33 2.91
C CYS A 25 -3.91 -6.05 4.24
N ARG A 26 -3.08 -7.06 4.52
CA ARG A 26 -3.12 -7.83 5.77
C ARG A 26 -1.73 -8.39 6.12
N SER A 27 -1.09 -7.82 7.13
CA SER A 27 0.18 -8.34 7.68
C SER A 27 0.57 -7.55 8.91
N GLY A 28 1.54 -8.02 9.64
CA GLY A 28 1.92 -7.31 10.82
C GLY A 28 1.51 -8.06 12.05
N ASN A 29 0.22 -7.96 12.36
CA ASN A 29 -0.36 -8.70 13.49
C ASN A 29 -1.86 -8.47 13.54
N THR A 30 -2.43 -8.11 12.40
CA THR A 30 -3.84 -7.75 12.31
C THR A 30 -4.35 -7.97 10.89
N ASN A 31 -5.64 -8.28 10.76
CA ASN A 31 -6.26 -8.47 9.45
C ASN A 31 -7.63 -7.78 9.43
N VAL A 32 -7.90 -7.01 8.39
CA VAL A 32 -9.12 -6.21 8.36
C VAL A 32 -10.03 -6.53 7.17
N GLY A 33 -9.58 -6.27 5.94
CA GLY A 33 -10.49 -6.35 4.83
C GLY A 33 -9.81 -5.99 3.52
N VAL A 34 -10.61 -5.81 2.50
CA VAL A 34 -10.13 -5.65 1.14
C VAL A 34 -10.84 -4.48 0.46
N GLN A 35 -10.15 -3.71 -0.38
CA GLN A 35 -10.70 -2.50 -0.92
C GLN A 35 -10.04 -2.13 -2.26
N TYR A 36 -10.79 -1.47 -3.15
CA TYR A 36 -10.27 -1.01 -4.45
C TYR A 36 -10.19 0.50 -4.52
N LEU A 37 -9.44 1.01 -5.49
CA LEU A 37 -9.19 2.44 -5.64
C LEU A 37 -9.18 2.82 -7.11
N ASN A 38 -9.86 3.92 -7.43
CA ASN A 38 -9.91 4.40 -8.81
C ASN A 38 -8.90 5.50 -9.05
N PHE A 39 -8.55 5.65 -10.32
CA PHE A 39 -7.58 6.63 -10.76
C PHE A 39 -8.16 8.03 -10.69
N LYS A 40 -7.99 8.67 -9.55
CA LYS A 40 -8.39 10.04 -9.34
C LYS A 40 -7.64 10.62 -8.17
N GLY A 41 -7.73 9.93 -7.04
CA GLY A 41 -7.05 10.37 -5.85
C GLY A 41 -6.20 9.28 -5.23
N THR A 42 -6.60 8.83 -4.05
CA THR A 42 -5.85 7.85 -3.29
C THR A 42 -6.79 7.07 -2.38
N ARG A 43 -6.31 5.98 -1.83
CA ARG A 43 -7.11 5.17 -0.94
C ARG A 43 -6.31 4.97 0.33
N ILE A 44 -6.73 5.63 1.40
CA ILE A 44 -5.88 5.69 2.56
C ILE A 44 -6.43 4.88 3.72
N ILE A 45 -5.65 3.89 4.03
CA ILE A 45 -5.90 2.95 5.05
C ILE A 45 -4.84 3.12 6.14
N LYS A 46 -5.14 2.84 7.40
CA LYS A 46 -4.17 3.12 8.44
C LYS A 46 -4.26 2.16 9.62
N PHE A 47 -3.29 2.29 10.52
CA PHE A 47 -3.23 1.56 11.77
C PHE A 47 -2.67 2.54 12.76
N LYS A 48 -3.27 2.60 13.91
CA LYS A 48 -3.03 3.70 14.82
C LYS A 48 -3.10 3.24 16.28
N ASP A 49 -2.15 2.39 16.62
CA ASP A 49 -2.07 1.76 17.94
C ASP A 49 -0.83 0.87 17.95
N ASP A 50 -0.68 0.00 18.95
CA ASP A 50 0.42 -0.96 18.93
C ASP A 50 0.22 -2.05 19.98
N GLY A 51 -1.02 -2.23 20.41
CA GLY A 51 -1.31 -3.28 21.37
C GLY A 51 -2.58 -4.01 21.04
N THR A 52 -3.19 -3.66 19.92
CA THR A 52 -4.47 -4.24 19.54
C THR A 52 -4.49 -4.65 18.08
N GLU A 53 -5.40 -5.56 17.76
CA GLU A 53 -5.63 -5.97 16.39
C GLU A 53 -6.52 -4.94 15.71
N ARG A 54 -6.02 -3.73 15.59
CA ARG A 54 -6.76 -2.64 14.99
C ARG A 54 -6.71 -2.66 13.44
N SER A 55 -5.54 -2.96 12.86
CA SER A 55 -5.38 -2.83 11.39
C SER A 55 -4.24 -3.72 10.78
N ARG A 56 -2.96 -3.23 10.69
CA ARG A 56 -1.79 -4.04 10.28
C ARG A 56 -1.95 -4.67 8.88
N TRP A 57 -1.06 -4.31 7.97
CA TRP A 57 -1.33 -4.43 6.54
C TRP A 57 -0.13 -4.86 5.65
N ASN A 58 -0.37 -5.85 4.78
CA ASN A 58 0.43 -6.10 3.56
C ASN A 58 -0.53 -6.40 2.42
N CYS A 59 -0.49 -5.61 1.35
CA CYS A 59 -1.59 -5.64 0.40
C CYS A 59 -1.28 -6.40 -0.87
N LEU A 60 -2.35 -6.92 -1.44
CA LEU A 60 -2.30 -7.72 -2.62
C LEU A 60 -3.26 -7.10 -3.61
N PHE A 61 -2.82 -6.84 -4.81
CA PHE A 61 -3.65 -6.16 -5.77
C PHE A 61 -4.30 -7.18 -6.68
N ARG A 62 -5.61 -7.22 -6.68
CA ARG A 62 -6.35 -8.19 -7.47
C ARG A 62 -7.57 -7.53 -8.10
N GLN A 63 -7.86 -7.90 -9.34
CA GLN A 63 -9.08 -7.45 -10.02
C GLN A 63 -9.04 -5.95 -10.31
N GLY A 64 -8.46 -5.60 -11.45
CA GLY A 64 -8.40 -4.21 -11.86
C GLY A 64 -9.51 -3.84 -12.82
N ILE A 65 -10.07 -4.86 -13.45
CA ILE A 65 -11.16 -4.69 -14.39
C ILE A 65 -11.91 -6.01 -14.53
N ASN A 66 -11.16 -7.06 -14.83
CA ASN A 66 -11.67 -8.42 -14.81
C ASN A 66 -11.01 -9.13 -13.65
N MET A 67 -10.85 -10.45 -13.72
CA MET A 67 -10.06 -11.17 -12.72
C MET A 67 -8.58 -10.85 -12.92
N LYS A 68 -8.28 -10.23 -14.07
CA LYS A 68 -6.94 -9.79 -14.41
C LYS A 68 -6.47 -8.67 -13.46
N PHE A 69 -5.19 -8.32 -13.59
CA PHE A 69 -4.55 -7.29 -12.77
C PHE A 69 -4.27 -7.81 -11.37
N PHE A 70 -2.99 -8.07 -11.10
CA PHE A 70 -2.55 -8.70 -9.86
C PHE A 70 -1.16 -8.20 -9.46
N THR A 71 -0.86 -8.27 -8.17
CA THR A 71 0.49 -8.01 -7.63
C THR A 71 0.46 -7.99 -6.11
N GLU A 72 1.62 -7.89 -5.51
CA GLU A 72 1.73 -7.92 -4.07
C GLU A 72 2.65 -6.82 -3.58
N VAL A 73 2.15 -5.99 -2.67
CA VAL A 73 2.91 -4.85 -2.20
C VAL A 73 2.81 -4.73 -0.69
N GLU A 74 3.93 -4.90 -0.01
CA GLU A 74 3.95 -4.80 1.45
C GLU A 74 3.76 -3.37 1.90
N ALA A 75 3.06 -3.23 3.02
CA ALA A 75 2.81 -1.93 3.61
C ALA A 75 3.43 -1.84 4.99
N TYR A 76 3.13 -2.84 5.80
CA TYR A 76 3.53 -2.86 7.19
C TYR A 76 3.91 -4.30 7.57
N ARG A 77 5.21 -4.56 7.57
CA ARG A 77 5.73 -5.90 7.76
C ARG A 77 7.20 -5.78 8.20
N PRO A 78 7.70 -6.70 9.07
CA PRO A 78 9.08 -6.65 9.62
C PRO A 78 10.22 -6.73 8.59
N ASP A 79 10.14 -5.89 7.59
CA ASP A 79 11.20 -5.67 6.62
C ASP A 79 11.90 -4.36 6.99
N LEU A 80 12.88 -3.91 6.21
CA LEU A 80 13.44 -2.57 6.41
C LEU A 80 12.30 -1.53 6.34
N LYS A 81 11.21 -1.98 5.78
CA LYS A 81 9.95 -1.24 5.70
C LYS A 81 9.30 -1.11 7.10
N HIS A 82 10.04 -1.51 8.13
CA HIS A 82 9.59 -1.53 9.54
C HIS A 82 8.75 -0.29 9.92
N PRO A 83 7.92 -0.44 10.98
CA PRO A 83 7.05 0.62 11.52
C PRO A 83 7.71 1.99 11.56
N LEU A 84 6.97 2.99 11.12
CA LEU A 84 7.44 4.35 11.11
C LEU A 84 6.74 5.12 12.21
N CYS A 85 7.25 6.30 12.53
CA CYS A 85 6.55 7.17 13.44
C CYS A 85 5.99 8.38 12.73
N GLY A 86 6.15 8.41 11.42
CA GLY A 86 5.54 9.47 10.64
C GLY A 86 4.33 9.02 9.83
N LYS A 87 4.53 8.06 8.91
CA LYS A 87 3.43 7.44 8.18
C LYS A 87 3.84 6.21 7.39
N ARG A 88 2.95 5.81 6.48
CA ARG A 88 3.17 4.70 5.58
C ARG A 88 3.27 5.23 4.14
N TYR A 89 3.86 4.44 3.27
CA TYR A 89 4.27 4.91 1.96
C TYR A 89 3.21 4.57 0.91
N GLU A 90 3.23 5.31 -0.19
CA GLU A 90 2.23 5.13 -1.24
C GLU A 90 2.67 4.10 -2.27
N LEU A 91 1.80 3.15 -2.50
CA LEU A 91 1.99 2.19 -3.55
C LEU A 91 0.93 2.43 -4.61
N SER A 92 1.35 2.74 -5.81
CA SER A 92 0.41 3.10 -6.84
C SER A 92 0.51 2.18 -8.02
N ALA A 93 -0.63 1.69 -8.44
CA ALA A 93 -0.71 0.88 -9.62
C ALA A 93 -0.81 1.77 -10.82
N ARG A 94 0.32 1.93 -11.45
CA ARG A 94 0.49 2.99 -12.44
C ARG A 94 0.79 2.46 -13.79
N MET A 95 0.36 3.27 -14.71
CA MET A 95 0.61 3.18 -16.12
C MET A 95 1.77 2.25 -16.46
N ASP A 96 2.92 2.48 -15.82
CA ASP A 96 4.12 1.69 -16.09
C ASP A 96 4.29 0.53 -15.09
N ALA A 97 4.10 0.80 -13.80
CA ALA A 97 4.31 -0.22 -12.77
C ALA A 97 3.66 0.18 -11.47
N ILE A 98 3.88 -0.64 -10.47
CA ILE A 98 3.47 -0.32 -9.12
C ILE A 98 4.55 0.53 -8.49
N TYR A 99 4.22 1.78 -8.30
CA TYR A 99 5.17 2.78 -7.84
C TYR A 99 5.23 2.78 -6.32
N PHE A 100 6.41 2.96 -5.79
CA PHE A 100 6.59 3.00 -4.35
C PHE A 100 7.11 4.37 -3.94
N LYS A 101 6.24 5.17 -3.33
CA LYS A 101 6.59 6.52 -2.94
C LYS A 101 6.95 6.59 -1.46
N MET A 102 8.18 7.00 -1.22
CA MET A 102 8.70 7.19 0.12
C MET A 102 9.67 8.35 0.07
N ASP A 103 10.03 8.89 1.22
CA ASP A 103 10.99 9.98 1.24
C ASP A 103 12.39 9.43 1.09
N GLU A 104 13.39 10.32 1.17
CA GLU A 104 14.79 9.96 0.97
C GLU A 104 15.05 9.59 -0.49
N ARG A 105 13.98 9.35 -1.24
CA ARG A 105 14.10 9.00 -2.65
C ARG A 105 12.87 9.47 -3.42
N PRO A 106 12.99 9.64 -4.74
CA PRO A 106 11.85 10.01 -5.60
C PRO A 106 10.91 8.83 -5.85
N PRO A 107 9.60 9.10 -6.01
CA PRO A 107 8.60 8.07 -6.31
C PRO A 107 8.89 7.36 -7.63
N GLN A 108 9.20 6.07 -7.55
CA GLN A 108 9.56 5.31 -8.73
C GLN A 108 9.01 3.89 -8.66
N PRO A 109 8.89 3.23 -9.84
CA PRO A 109 8.45 1.83 -9.96
C PRO A 109 9.24 0.89 -9.06
N LEU A 110 8.53 0.07 -8.29
CA LEU A 110 9.18 -0.93 -7.45
C LEU A 110 8.52 -2.29 -7.60
N ASN A 111 7.40 -2.33 -8.29
CA ASN A 111 6.61 -3.53 -8.45
C ASN A 111 5.83 -3.35 -9.71
N LYS A 112 5.15 -4.35 -10.17
CA LYS A 112 4.28 -4.16 -11.27
C LYS A 112 3.04 -5.01 -11.14
N TRP A 113 1.94 -4.43 -11.52
CA TRP A 113 0.70 -5.13 -11.59
C TRP A 113 0.71 -6.07 -12.78
N ARG A 114 -0.36 -6.82 -12.93
CA ARG A 114 -0.43 -7.85 -13.92
C ARG A 114 -1.61 -7.61 -14.84
N SER A 115 -1.71 -8.45 -15.86
CA SER A 115 -2.75 -8.35 -16.88
C SER A 115 -2.42 -9.28 -18.04
N ALA A 1 9.45 11.06 15.75
CA ALA A 1 8.34 12.03 15.77
C ALA A 1 7.84 12.24 17.19
N MET A 2 7.11 13.32 17.40
CA MET A 2 6.54 13.62 18.71
C MET A 2 5.29 12.78 18.94
N GLY A 3 5.49 11.59 19.50
CA GLY A 3 4.39 10.67 19.67
C GLY A 3 4.40 9.60 18.63
N CYS A 4 3.27 8.97 18.43
CA CYS A 4 3.16 7.97 17.41
C CYS A 4 1.84 8.07 16.66
N LYS A 5 1.91 8.75 15.51
CA LYS A 5 0.80 8.81 14.59
C LYS A 5 0.30 7.42 14.20
N GLU A 6 -1.00 7.26 14.04
CA GLU A 6 -1.52 6.07 13.45
C GLU A 6 -1.23 6.10 11.95
N ILE A 7 -0.31 5.23 11.53
CA ILE A 7 0.27 5.30 10.19
C ILE A 7 -0.72 4.75 9.17
N GLU A 8 -0.71 5.31 7.97
CA GLU A 8 -1.79 5.02 7.03
C GLU A 8 -1.32 4.70 5.63
N ILE A 9 -1.94 3.68 5.06
CA ILE A 9 -1.52 3.08 3.80
C ILE A 9 -2.29 3.68 2.63
N VAL A 10 -1.58 4.27 1.68
CA VAL A 10 -2.23 4.79 0.48
C VAL A 10 -1.96 3.91 -0.73
N ILE A 11 -3.04 3.50 -1.38
CA ILE A 11 -2.96 2.76 -2.61
C ILE A 11 -3.56 3.59 -3.74
N LYS A 12 -2.75 3.85 -4.73
CA LYS A 12 -3.15 4.62 -5.89
C LYS A 12 -3.11 3.72 -7.12
N ASN A 13 -3.91 4.05 -8.12
CA ASN A 13 -3.88 3.33 -9.39
C ASN A 13 -4.28 4.27 -10.50
N THR A 14 -3.30 4.72 -11.24
CA THR A 14 -3.51 5.82 -12.16
C THR A 14 -2.71 5.67 -13.45
N LEU A 15 -3.31 4.95 -14.38
CA LEU A 15 -2.84 4.91 -15.74
C LEU A 15 -3.55 6.02 -16.48
N GLY A 16 -4.76 6.24 -16.03
CA GLY A 16 -5.63 7.26 -16.55
C GLY A 16 -7.07 6.96 -16.17
N PRO A 17 -8.05 7.67 -16.74
CA PRO A 17 -9.47 7.52 -16.36
C PRO A 17 -9.92 6.06 -16.22
N SER A 18 -10.50 5.75 -15.06
CA SER A 18 -11.03 4.41 -14.77
C SER A 18 -9.91 3.36 -14.70
N ARG A 19 -9.04 3.49 -13.71
CA ARG A 19 -8.06 2.46 -13.39
C ARG A 19 -8.33 1.95 -12.00
N ILE A 20 -8.79 0.72 -11.90
CA ILE A 20 -9.26 0.19 -10.62
C ILE A 20 -8.53 -1.10 -10.24
N LEU A 21 -7.80 -1.06 -9.14
CA LEU A 21 -7.18 -2.25 -8.57
C LEU A 21 -7.69 -2.44 -7.15
N GLN A 22 -8.00 -3.67 -6.79
CA GLN A 22 -8.48 -3.96 -5.47
C GLN A 22 -7.35 -4.53 -4.62
N TYR A 23 -6.89 -3.73 -3.69
CA TYR A 23 -5.74 -4.09 -2.88
C TYR A 23 -6.19 -4.56 -1.50
N HIS A 24 -5.37 -5.38 -0.88
CA HIS A 24 -5.53 -5.67 0.52
C HIS A 24 -4.29 -5.21 1.26
N CYS A 25 -4.37 -4.03 1.86
CA CYS A 25 -3.26 -3.53 2.65
C CYS A 25 -3.52 -3.66 4.13
N ARG A 26 -2.47 -3.86 4.88
CA ARG A 26 -2.52 -3.78 6.32
C ARG A 26 -1.14 -3.33 6.82
N SER A 27 -1.06 -2.63 7.94
CA SER A 27 0.25 -2.25 8.51
C SER A 27 0.19 -2.11 10.03
N GLY A 28 1.37 -2.00 10.63
CA GLY A 28 1.48 -1.81 12.06
C GLY A 28 1.15 -3.04 12.88
N ASN A 29 -0.11 -3.41 12.91
CA ASN A 29 -0.59 -4.45 13.82
C ASN A 29 -2.01 -4.90 13.48
N THR A 30 -2.78 -4.03 12.84
CA THR A 30 -4.19 -4.30 12.59
C THR A 30 -4.35 -5.07 11.27
N ASN A 31 -5.43 -5.84 11.14
CA ASN A 31 -5.66 -6.63 9.93
C ASN A 31 -7.07 -6.43 9.41
N VAL A 32 -7.26 -5.43 8.54
CA VAL A 32 -8.54 -5.16 7.93
C VAL A 32 -8.45 -4.06 6.87
N GLY A 33 -8.59 -4.44 5.61
CA GLY A 33 -8.57 -3.44 4.55
C GLY A 33 -8.42 -4.04 3.17
N VAL A 34 -9.53 -4.36 2.53
CA VAL A 34 -9.51 -4.83 1.15
C VAL A 34 -10.48 -3.99 0.31
N GLN A 35 -9.94 -3.05 -0.47
CA GLN A 35 -10.77 -2.13 -1.24
C GLN A 35 -10.23 -1.90 -2.63
N TYR A 36 -11.03 -1.27 -3.46
CA TYR A 36 -10.62 -0.89 -4.80
C TYR A 36 -10.56 0.62 -4.91
N LEU A 37 -9.70 1.13 -5.80
CA LEU A 37 -9.51 2.57 -5.91
C LEU A 37 -9.38 2.98 -7.37
N ASN A 38 -9.75 4.23 -7.66
CA ASN A 38 -9.75 4.73 -9.04
C ASN A 38 -8.55 5.63 -9.32
N PHE A 39 -8.51 6.10 -10.55
CA PHE A 39 -7.41 6.94 -11.05
C PHE A 39 -7.31 8.27 -10.33
N LYS A 40 -8.45 8.74 -9.89
CA LYS A 40 -8.55 10.09 -9.35
C LYS A 40 -8.28 10.14 -7.86
N GLY A 41 -8.45 9.00 -7.17
CA GLY A 41 -8.40 9.03 -5.73
C GLY A 41 -7.58 7.90 -5.15
N THR A 42 -6.80 8.24 -4.15
CA THR A 42 -6.04 7.26 -3.39
C THR A 42 -6.96 6.53 -2.43
N ARG A 43 -6.51 5.42 -1.91
CA ARG A 43 -7.31 4.63 -1.01
C ARG A 43 -6.49 4.33 0.23
N ILE A 44 -6.90 4.88 1.35
CA ILE A 44 -6.06 4.89 2.52
C ILE A 44 -6.65 4.15 3.69
N ILE A 45 -5.84 3.26 4.24
CA ILE A 45 -6.12 2.57 5.48
C ILE A 45 -5.32 3.24 6.57
N LYS A 46 -5.75 3.14 7.81
CA LYS A 46 -4.93 3.68 8.87
C LYS A 46 -4.80 2.72 10.05
N PHE A 47 -3.56 2.34 10.35
CA PHE A 47 -3.25 1.41 11.45
C PHE A 47 -2.02 1.95 12.21
N LYS A 48 -2.16 2.11 13.52
CA LYS A 48 -1.04 2.61 14.32
C LYS A 48 0.10 1.60 14.36
N ASP A 49 1.30 2.07 14.06
CA ASP A 49 2.47 1.21 13.92
C ASP A 49 2.99 0.79 15.29
N ASP A 50 4.07 0.02 15.30
CA ASP A 50 4.64 -0.54 16.52
C ASP A 50 3.66 -1.49 17.18
N GLY A 51 3.78 -2.76 16.82
CA GLY A 51 2.88 -3.77 17.33
C GLY A 51 3.41 -5.16 17.11
N THR A 52 4.10 -5.36 15.99
CA THR A 52 4.66 -6.66 15.67
C THR A 52 6.17 -6.57 15.44
N GLU A 53 6.82 -7.68 15.14
CA GLU A 53 8.23 -7.71 14.91
C GLU A 53 8.60 -6.91 13.66
N ARG A 54 7.97 -7.25 12.54
CA ARG A 54 8.16 -6.49 11.32
C ARG A 54 7.41 -5.17 11.43
N SER A 55 6.41 -5.16 12.30
CA SER A 55 5.69 -3.97 12.73
C SER A 55 4.80 -3.47 11.62
N ARG A 56 4.41 -4.39 10.74
CA ARG A 56 3.66 -4.03 9.59
C ARG A 56 3.21 -5.26 8.81
N TRP A 57 2.54 -5.02 7.68
CA TRP A 57 1.94 -6.05 6.87
C TRP A 57 2.13 -5.70 5.40
N ASN A 58 1.62 -6.56 4.53
CA ASN A 58 1.78 -6.41 3.10
C ASN A 58 0.46 -6.03 2.42
N CYS A 59 0.54 -5.72 1.13
CA CYS A 59 -0.65 -5.44 0.33
C CYS A 59 -0.78 -6.47 -0.77
N LEU A 60 -2.00 -6.71 -1.21
CA LEU A 60 -2.27 -7.65 -2.27
C LEU A 60 -3.21 -7.01 -3.27
N PHE A 61 -2.75 -6.84 -4.48
CA PHE A 61 -3.59 -6.19 -5.50
C PHE A 61 -4.24 -7.26 -6.35
N ARG A 62 -5.54 -7.21 -6.47
CA ARG A 62 -6.26 -8.18 -7.26
C ARG A 62 -7.27 -7.49 -8.17
N GLN A 63 -7.42 -8.00 -9.37
CA GLN A 63 -8.47 -7.57 -10.28
C GLN A 63 -8.82 -8.71 -11.21
N GLY A 64 -8.67 -9.92 -10.70
CA GLY A 64 -8.92 -11.10 -11.50
C GLY A 64 -9.25 -12.32 -10.66
N ILE A 65 -8.27 -13.19 -10.50
CA ILE A 65 -8.53 -14.49 -9.92
C ILE A 65 -7.28 -15.15 -9.31
N ASN A 66 -6.30 -15.44 -10.15
CA ASN A 66 -5.12 -16.19 -9.76
C ASN A 66 -3.91 -15.26 -9.75
N MET A 67 -2.73 -15.79 -10.02
CA MET A 67 -1.54 -14.96 -10.21
C MET A 67 -1.82 -13.88 -11.25
N LYS A 68 -2.69 -14.21 -12.22
CA LYS A 68 -3.16 -13.24 -13.20
C LYS A 68 -3.96 -12.14 -12.51
N PHE A 69 -3.66 -10.89 -12.84
CA PHE A 69 -4.33 -9.74 -12.25
C PHE A 69 -4.07 -9.66 -10.74
N PHE A 70 -2.79 -9.65 -10.36
CA PHE A 70 -2.40 -9.69 -8.97
C PHE A 70 -1.02 -9.06 -8.74
N THR A 71 -0.77 -8.64 -7.52
CA THR A 71 0.56 -8.23 -7.08
C THR A 71 0.61 -8.11 -5.56
N GLU A 72 1.66 -8.64 -4.96
CA GLU A 72 1.84 -8.48 -3.54
C GLU A 72 2.89 -7.40 -3.28
N VAL A 73 2.45 -6.29 -2.71
CA VAL A 73 3.35 -5.21 -2.40
C VAL A 73 3.58 -5.17 -0.89
N GLU A 74 4.63 -4.51 -0.46
CA GLU A 74 4.81 -4.26 0.96
C GLU A 74 3.92 -3.07 1.33
N ALA A 75 3.11 -3.24 2.37
CA ALA A 75 2.13 -2.23 2.73
C ALA A 75 2.85 -1.07 3.33
N TYR A 76 3.91 -1.37 4.06
CA TYR A 76 4.64 -0.33 4.74
C TYR A 76 6.06 -0.76 5.12
N ARG A 77 7.02 -0.31 4.31
CA ARG A 77 8.42 -0.62 4.52
C ARG A 77 8.99 0.22 5.66
N PRO A 78 9.79 -0.40 6.55
CA PRO A 78 10.35 0.26 7.74
C PRO A 78 11.00 1.62 7.45
N ASP A 79 10.30 2.67 7.85
CA ASP A 79 10.81 4.03 7.75
C ASP A 79 11.33 4.50 9.11
N LEU A 80 12.64 4.63 9.22
CA LEU A 80 13.25 5.06 10.46
C LEU A 80 13.48 6.56 10.48
N LYS A 81 13.60 7.13 9.31
CA LYS A 81 14.07 8.51 9.16
C LYS A 81 12.93 9.54 9.14
N HIS A 82 11.81 9.21 8.51
CA HIS A 82 10.71 10.16 8.38
C HIS A 82 9.87 10.17 9.65
N PRO A 83 9.36 11.34 10.08
CA PRO A 83 8.57 11.42 11.29
C PRO A 83 7.06 11.26 11.04
N LEU A 84 6.52 10.16 11.55
CA LEU A 84 5.07 9.92 11.64
C LEU A 84 4.82 9.14 12.90
N CYS A 85 5.29 7.93 12.79
CA CYS A 85 5.32 6.97 13.87
C CYS A 85 6.02 5.75 13.39
N GLY A 86 5.42 5.17 12.41
CA GLY A 86 6.02 4.05 11.72
C GLY A 86 6.58 4.43 10.37
N LYS A 87 5.74 4.96 9.48
CA LYS A 87 6.12 5.25 8.09
C LYS A 87 5.12 6.22 7.44
N ARG A 88 5.40 6.61 6.19
CA ARG A 88 4.41 7.27 5.32
C ARG A 88 4.75 6.99 3.86
N TYR A 89 4.03 6.07 3.24
CA TYR A 89 4.36 5.60 1.89
C TYR A 89 3.10 5.28 1.08
N GLU A 90 3.26 5.30 -0.25
CA GLU A 90 2.16 5.07 -1.18
C GLU A 90 2.58 4.11 -2.29
N LEU A 91 1.71 3.19 -2.67
CA LEU A 91 1.92 2.41 -3.87
C LEU A 91 0.94 2.87 -4.92
N SER A 92 1.36 2.90 -6.17
CA SER A 92 0.50 3.36 -7.24
C SER A 92 0.62 2.44 -8.44
N ALA A 93 -0.50 1.99 -8.94
CA ALA A 93 -0.50 0.95 -9.96
C ALA A 93 -0.55 1.50 -11.38
N ARG A 94 0.28 0.86 -12.22
CA ARG A 94 0.36 1.02 -13.69
C ARG A 94 0.25 2.39 -14.31
N MET A 95 0.27 3.44 -13.52
CA MET A 95 0.91 4.65 -14.02
C MET A 95 2.16 4.24 -14.86
N ASP A 96 2.71 3.07 -14.48
CA ASP A 96 3.86 2.41 -15.08
C ASP A 96 4.43 1.43 -14.05
N ALA A 97 3.65 0.37 -13.74
CA ALA A 97 3.99 -0.61 -12.68
C ALA A 97 3.50 -0.12 -11.34
N ILE A 98 3.79 -0.90 -10.33
CA ILE A 98 3.41 -0.56 -8.98
C ILE A 98 4.50 0.29 -8.37
N TYR A 99 4.17 1.55 -8.20
CA TYR A 99 5.11 2.54 -7.70
C TYR A 99 5.21 2.48 -6.21
N PHE A 100 6.41 2.65 -5.70
CA PHE A 100 6.62 2.83 -4.29
C PHE A 100 7.05 4.28 -4.06
N LYS A 101 6.17 5.06 -3.46
CA LYS A 101 6.47 6.47 -3.28
C LYS A 101 6.97 6.73 -1.88
N MET A 102 8.07 7.45 -1.83
CA MET A 102 8.71 7.81 -0.59
C MET A 102 8.60 9.31 -0.39
N ASP A 103 8.86 9.75 0.83
CA ASP A 103 8.88 11.17 1.12
C ASP A 103 10.18 11.76 0.64
N GLU A 104 10.24 13.09 0.55
CA GLU A 104 11.37 13.84 0.05
C GLU A 104 11.74 13.49 -1.40
N ARG A 105 11.63 12.22 -1.76
CA ARG A 105 12.04 11.75 -3.09
C ARG A 105 10.84 11.26 -3.91
N PRO A 106 10.96 11.29 -5.25
CA PRO A 106 9.86 10.89 -6.16
C PRO A 106 9.58 9.39 -6.14
N PRO A 107 8.36 9.00 -6.55
CA PRO A 107 7.92 7.60 -6.58
C PRO A 107 8.69 6.75 -7.59
N GLN A 108 9.05 5.55 -7.18
CA GLN A 108 9.81 4.63 -8.04
C GLN A 108 9.02 3.36 -8.33
N PRO A 109 9.05 2.91 -9.59
CA PRO A 109 8.45 1.61 -9.99
C PRO A 109 9.08 0.45 -9.22
N LEU A 110 8.39 -0.02 -8.19
CA LEU A 110 8.97 -1.03 -7.32
C LEU A 110 8.44 -2.42 -7.64
N ASN A 111 7.33 -2.49 -8.33
CA ASN A 111 6.66 -3.76 -8.51
C ASN A 111 5.77 -3.61 -9.71
N LYS A 112 5.04 -4.64 -10.04
CA LYS A 112 4.02 -4.52 -11.05
C LYS A 112 3.00 -5.58 -10.82
N TRP A 113 1.81 -5.25 -11.18
CA TRP A 113 0.71 -6.16 -11.06
C TRP A 113 0.52 -6.89 -12.37
N ARG A 114 0.07 -8.10 -12.24
CA ARG A 114 -0.16 -8.98 -13.36
C ARG A 114 -1.46 -8.65 -14.05
N SER A 115 -1.69 -9.30 -15.17
CA SER A 115 -2.87 -9.08 -15.99
C SER A 115 -2.77 -9.93 -17.25
N ALA A 1 6.96 12.29 15.42
CA ALA A 1 8.00 11.35 14.92
C ALA A 1 8.98 10.98 16.03
N MET A 2 8.75 11.49 17.23
CA MET A 2 9.63 11.20 18.36
C MET A 2 9.32 9.84 18.95
N GLY A 3 8.04 9.62 19.27
CA GLY A 3 7.62 8.33 19.76
C GLY A 3 7.27 7.39 18.63
N CYS A 4 6.00 7.03 18.55
CA CYS A 4 5.53 6.26 17.42
C CYS A 4 4.11 6.62 17.05
N LYS A 5 3.67 6.10 15.92
CA LYS A 5 2.45 6.54 15.28
C LYS A 5 1.82 5.44 14.48
N GLU A 6 0.49 5.31 14.54
CA GLU A 6 -0.24 4.49 13.59
C GLU A 6 0.04 5.02 12.18
N ILE A 7 0.86 4.27 11.46
CA ILE A 7 1.40 4.70 10.19
C ILE A 7 0.37 4.56 9.08
N GLU A 8 0.49 5.39 8.05
CA GLU A 8 -0.52 5.46 7.01
C GLU A 8 0.00 4.81 5.75
N ILE A 9 -0.92 4.38 4.90
CA ILE A 9 -0.60 3.68 3.68
C ILE A 9 -1.62 4.01 2.58
N VAL A 10 -1.26 4.77 1.54
CA VAL A 10 -2.21 4.95 0.42
C VAL A 10 -2.02 3.92 -0.67
N ILE A 11 -3.14 3.48 -1.19
CA ILE A 11 -3.18 2.68 -2.40
C ILE A 11 -3.73 3.55 -3.52
N LYS A 12 -2.89 3.77 -4.50
CA LYS A 12 -3.29 4.57 -5.65
C LYS A 12 -3.43 3.67 -6.86
N ASN A 13 -4.27 4.04 -7.79
CA ASN A 13 -4.34 3.35 -9.06
C ASN A 13 -4.55 4.36 -10.16
N THR A 14 -3.58 4.45 -11.06
CA THR A 14 -3.59 5.48 -12.07
C THR A 14 -2.79 5.09 -13.32
N LEU A 15 -3.36 4.26 -14.17
CA LEU A 15 -2.81 4.07 -15.49
C LEU A 15 -3.45 5.10 -16.40
N GLY A 16 -4.49 5.71 -15.86
CA GLY A 16 -5.29 6.65 -16.56
C GLY A 16 -6.75 6.46 -16.21
N PRO A 17 -7.68 7.10 -16.91
CA PRO A 17 -9.12 7.07 -16.57
C PRO A 17 -9.67 5.65 -16.43
N SER A 18 -10.49 5.45 -15.40
CA SER A 18 -11.22 4.20 -15.19
C SER A 18 -10.29 3.01 -14.91
N ARG A 19 -9.13 3.27 -14.32
CA ARG A 19 -8.29 2.21 -13.79
C ARG A 19 -8.75 1.88 -12.39
N ILE A 20 -9.16 0.64 -12.16
CA ILE A 20 -9.62 0.23 -10.85
C ILE A 20 -8.94 -1.06 -10.41
N LEU A 21 -8.05 -0.96 -9.43
CA LEU A 21 -7.40 -2.13 -8.85
C LEU A 21 -7.77 -2.25 -7.38
N GLN A 22 -8.14 -3.45 -6.97
CA GLN A 22 -8.50 -3.70 -5.59
C GLN A 22 -7.34 -4.34 -4.86
N TYR A 23 -7.01 -3.80 -3.69
CA TYR A 23 -5.90 -4.30 -2.91
C TYR A 23 -6.41 -4.95 -1.65
N HIS A 24 -5.66 -5.89 -1.13
CA HIS A 24 -5.92 -6.43 0.18
C HIS A 24 -4.69 -6.34 1.04
N CYS A 25 -4.72 -5.47 2.03
CA CYS A 25 -3.59 -5.32 2.91
C CYS A 25 -3.84 -6.01 4.25
N ARG A 26 -3.00 -7.00 4.55
CA ARG A 26 -3.06 -7.75 5.81
C ARG A 26 -1.71 -8.37 6.12
N SER A 27 -1.25 -8.28 7.37
CA SER A 27 -0.03 -8.97 7.82
C SER A 27 0.11 -8.86 9.34
N GLY A 28 1.03 -9.66 9.90
CA GLY A 28 1.40 -9.52 11.30
C GLY A 28 0.33 -10.01 12.25
N ASN A 29 -0.78 -9.30 12.29
CA ASN A 29 -1.88 -9.57 13.20
C ASN A 29 -3.06 -8.68 12.84
N THR A 30 -2.75 -7.50 12.34
CA THR A 30 -3.76 -6.53 11.95
C THR A 30 -4.18 -6.74 10.50
N ASN A 31 -5.48 -6.84 10.28
CA ASN A 31 -6.00 -7.15 8.95
C ASN A 31 -7.37 -6.52 8.73
N VAL A 32 -7.38 -5.41 8.00
CA VAL A 32 -8.61 -4.74 7.61
C VAL A 32 -8.36 -3.85 6.39
N GLY A 33 -8.72 -4.34 5.22
CA GLY A 33 -8.52 -3.54 4.02
C GLY A 33 -8.57 -4.34 2.74
N VAL A 34 -9.75 -4.41 2.12
CA VAL A 34 -9.89 -4.94 0.77
C VAL A 34 -10.75 -3.98 -0.05
N GLN A 35 -10.14 -3.03 -0.73
CA GLN A 35 -10.87 -2.00 -1.40
C GLN A 35 -10.27 -1.68 -2.76
N TYR A 36 -11.06 -1.09 -3.66
CA TYR A 36 -10.61 -0.76 -5.00
C TYR A 36 -10.44 0.73 -5.17
N LEU A 37 -9.57 1.12 -6.11
CA LEU A 37 -9.26 2.53 -6.29
C LEU A 37 -9.43 2.98 -7.72
N ASN A 38 -9.78 4.25 -7.85
CA ASN A 38 -9.97 4.87 -9.15
C ASN A 38 -8.74 5.69 -9.51
N PHE A 39 -8.64 6.07 -10.78
CA PHE A 39 -7.57 6.96 -11.25
C PHE A 39 -7.66 8.31 -10.58
N LYS A 40 -8.83 8.59 -10.05
CA LYS A 40 -9.10 9.83 -9.34
C LYS A 40 -8.96 9.65 -7.82
N GLY A 41 -8.78 8.42 -7.36
CA GLY A 41 -8.88 8.14 -5.95
C GLY A 41 -7.66 7.46 -5.34
N THR A 42 -7.34 7.89 -4.14
CA THR A 42 -6.38 7.22 -3.28
C THR A 42 -7.15 6.40 -2.24
N ARG A 43 -6.45 5.56 -1.51
CA ARG A 43 -7.05 4.83 -0.42
C ARG A 43 -6.12 4.90 0.75
N ILE A 44 -6.47 5.68 1.74
CA ILE A 44 -5.59 5.84 2.83
C ILE A 44 -6.08 5.12 4.05
N ILE A 45 -5.37 4.07 4.33
CA ILE A 45 -5.56 3.26 5.46
C ILE A 45 -4.40 3.54 6.41
N LYS A 46 -4.60 3.36 7.69
CA LYS A 46 -3.56 3.70 8.64
C LYS A 46 -3.66 2.86 9.89
N PHE A 47 -2.52 2.41 10.35
CA PHE A 47 -2.44 1.47 11.45
C PHE A 47 -1.00 1.36 11.93
N LYS A 48 -0.78 1.63 13.20
CA LYS A 48 0.50 1.35 13.84
C LYS A 48 0.51 1.71 15.32
N ASP A 49 -0.38 1.08 16.07
CA ASP A 49 -0.37 1.20 17.52
C ASP A 49 0.36 0.01 18.13
N ASP A 50 0.41 -1.06 17.35
CA ASP A 50 1.15 -2.26 17.68
C ASP A 50 1.26 -3.11 16.43
N GLY A 51 0.69 -4.31 16.45
CA GLY A 51 0.66 -5.16 15.28
C GLY A 51 1.89 -6.02 15.10
N THR A 52 2.78 -6.02 16.11
CA THR A 52 4.02 -6.82 16.14
C THR A 52 4.99 -6.48 15.00
N GLU A 53 6.28 -6.54 15.30
CA GLU A 53 7.33 -6.25 14.32
C GLU A 53 7.51 -7.40 13.33
N ARG A 54 6.40 -7.96 12.89
CA ARG A 54 6.44 -9.09 11.97
C ARG A 54 6.43 -8.61 10.52
N SER A 55 5.48 -7.73 10.19
CA SER A 55 5.36 -7.21 8.82
C SER A 55 4.23 -6.19 8.73
N ARG A 56 3.26 -6.29 9.65
CA ARG A 56 2.20 -5.32 9.79
C ARG A 56 1.19 -5.39 8.66
N TRP A 57 1.58 -4.91 7.51
CA TRP A 57 0.69 -4.83 6.39
C TRP A 57 1.39 -5.14 5.07
N ASN A 58 0.75 -6.01 4.30
CA ASN A 58 1.16 -6.30 2.93
C ASN A 58 -0.08 -6.24 2.05
N CYS A 59 -0.03 -5.41 1.02
CA CYS A 59 -1.21 -5.20 0.18
C CYS A 59 -1.11 -6.06 -1.06
N LEU A 60 -2.21 -6.70 -1.43
CA LEU A 60 -2.24 -7.59 -2.57
C LEU A 60 -3.20 -7.02 -3.56
N PHE A 61 -2.74 -6.77 -4.76
CA PHE A 61 -3.61 -6.13 -5.74
C PHE A 61 -4.23 -7.17 -6.64
N ARG A 62 -5.53 -7.15 -6.78
CA ARG A 62 -6.23 -8.14 -7.58
C ARG A 62 -7.04 -7.47 -8.69
N GLN A 63 -7.60 -8.29 -9.59
CA GLN A 63 -8.36 -7.79 -10.73
C GLN A 63 -9.50 -8.74 -11.07
N GLY A 64 -9.13 -9.92 -11.54
CA GLY A 64 -10.11 -10.90 -11.94
C GLY A 64 -9.73 -11.58 -13.22
N ILE A 65 -10.65 -11.50 -14.20
CA ILE A 65 -10.48 -12.07 -15.54
C ILE A 65 -9.81 -13.47 -15.53
N ASN A 66 -8.51 -13.54 -15.77
CA ASN A 66 -7.81 -14.81 -15.84
C ASN A 66 -6.83 -14.94 -14.68
N MET A 67 -5.78 -15.71 -14.88
CA MET A 67 -4.66 -15.74 -13.94
C MET A 67 -3.86 -14.44 -14.07
N LYS A 68 -4.13 -13.73 -15.17
CA LYS A 68 -3.44 -12.49 -15.49
C LYS A 68 -3.90 -11.35 -14.59
N PHE A 69 -3.31 -11.27 -13.40
CA PHE A 69 -3.57 -10.19 -12.46
C PHE A 69 -2.66 -10.36 -11.25
N PHE A 70 -2.92 -9.56 -10.21
CA PHE A 70 -2.23 -9.65 -8.91
C PHE A 70 -0.91 -8.91 -8.87
N THR A 71 -0.58 -8.49 -7.66
CA THR A 71 0.72 -7.94 -7.31
C THR A 71 0.79 -7.85 -5.80
N GLU A 72 1.97 -7.99 -5.25
CA GLU A 72 2.12 -7.99 -3.82
C GLU A 72 3.03 -6.85 -3.38
N VAL A 73 2.47 -5.90 -2.67
CA VAL A 73 3.22 -4.72 -2.27
C VAL A 73 3.37 -4.66 -0.76
N GLU A 74 4.61 -4.79 -0.29
CA GLU A 74 4.90 -4.65 1.11
C GLU A 74 4.58 -3.24 1.58
N ALA A 75 3.38 -3.07 2.12
CA ALA A 75 2.91 -1.78 2.58
C ALA A 75 3.83 -1.20 3.63
N TYR A 76 4.37 -2.07 4.45
CA TYR A 76 5.17 -1.64 5.57
C TYR A 76 6.50 -2.37 5.66
N ARG A 77 7.57 -1.60 5.62
CA ARG A 77 8.88 -2.04 6.06
C ARG A 77 9.26 -1.21 7.27
N PRO A 78 10.04 -1.76 8.22
CA PRO A 78 10.41 -1.03 9.43
C PRO A 78 11.40 0.09 9.16
N ASP A 79 10.85 1.22 8.73
CA ASP A 79 11.65 2.39 8.42
C ASP A 79 11.55 3.43 9.54
N LEU A 80 12.55 3.46 10.41
CA LEU A 80 12.55 4.42 11.51
C LEU A 80 13.27 5.69 11.10
N LYS A 81 13.88 5.65 9.92
CA LYS A 81 14.57 6.80 9.37
C LYS A 81 13.56 7.73 8.69
N HIS A 82 12.37 7.21 8.47
CA HIS A 82 11.31 7.99 7.85
C HIS A 82 10.38 8.53 8.93
N PRO A 83 10.30 9.86 9.07
CA PRO A 83 9.58 10.48 10.18
C PRO A 83 8.10 10.13 10.20
N LEU A 84 7.72 9.44 11.26
CA LEU A 84 6.35 8.97 11.53
C LEU A 84 6.41 7.95 12.63
N CYS A 85 6.86 6.79 12.23
CA CYS A 85 7.15 5.69 13.14
C CYS A 85 7.61 4.48 12.36
N GLY A 86 6.72 4.03 11.55
CA GLY A 86 6.94 2.82 10.79
C GLY A 86 7.31 3.03 9.33
N LYS A 87 6.51 3.80 8.60
CA LYS A 87 6.64 3.90 7.15
C LYS A 87 5.91 5.15 6.65
N ARG A 88 5.96 5.40 5.35
CA ARG A 88 5.18 6.47 4.73
C ARG A 88 4.37 5.91 3.55
N TYR A 89 3.25 6.56 3.28
CA TYR A 89 2.15 5.97 2.57
C TYR A 89 2.08 6.31 1.09
N GLU A 90 2.58 5.44 0.22
CA GLU A 90 2.09 5.40 -1.14
C GLU A 90 2.53 4.13 -1.87
N LEU A 91 1.57 3.31 -2.23
CA LEU A 91 1.79 2.27 -3.22
C LEU A 91 0.75 2.45 -4.31
N SER A 92 1.21 2.70 -5.51
CA SER A 92 0.32 3.08 -6.57
C SER A 92 0.44 2.18 -7.77
N ALA A 93 -0.69 1.72 -8.23
CA ALA A 93 -0.76 0.95 -9.43
C ALA A 93 -0.90 1.88 -10.59
N ARG A 94 0.21 2.12 -11.20
CA ARG A 94 0.28 3.11 -12.25
C ARG A 94 0.53 2.47 -13.56
N MET A 95 0.16 3.24 -14.54
CA MET A 95 0.32 2.97 -15.95
C MET A 95 1.30 1.83 -16.26
N ASP A 96 2.53 1.93 -15.76
CA ASP A 96 3.54 0.91 -16.03
C ASP A 96 3.64 -0.10 -14.88
N ALA A 97 4.01 0.37 -13.70
CA ALA A 97 4.27 -0.52 -12.56
C ALA A 97 3.54 -0.07 -11.31
N ILE A 98 3.84 -0.78 -10.24
CA ILE A 98 3.41 -0.42 -8.92
C ILE A 98 4.48 0.43 -8.26
N TYR A 99 4.16 1.69 -8.07
CA TYR A 99 5.11 2.67 -7.59
C TYR A 99 4.95 2.87 -6.10
N PHE A 100 6.03 2.66 -5.37
CA PHE A 100 6.01 2.88 -3.95
C PHE A 100 6.66 4.24 -3.65
N LYS A 101 6.00 5.06 -2.85
CA LYS A 101 6.54 6.35 -2.51
C LYS A 101 6.51 6.61 -1.01
N MET A 102 7.71 6.85 -0.53
CA MET A 102 7.98 7.36 0.80
C MET A 102 9.06 8.38 0.60
N ASP A 103 9.34 9.25 1.57
CA ASP A 103 10.39 10.22 1.33
C ASP A 103 11.71 9.53 1.10
N GLU A 104 12.28 9.92 -0.01
CA GLU A 104 13.42 9.26 -0.61
C GLU A 104 13.36 9.61 -2.08
N ARG A 105 13.37 10.93 -2.34
CA ARG A 105 13.27 11.51 -3.70
C ARG A 105 12.03 11.00 -4.47
N PRO A 106 11.75 11.53 -5.68
CA PRO A 106 10.67 11.07 -6.57
C PRO A 106 10.46 9.55 -6.57
N PRO A 107 9.19 9.11 -6.75
CA PRO A 107 8.82 7.68 -6.73
C PRO A 107 9.47 6.89 -7.84
N GLN A 108 9.62 5.59 -7.62
CA GLN A 108 10.16 4.68 -8.62
C GLN A 108 9.41 3.36 -8.59
N PRO A 109 9.37 2.65 -9.72
CA PRO A 109 8.71 1.33 -9.83
C PRO A 109 9.34 0.31 -8.87
N LEU A 110 8.52 -0.27 -8.01
CA LEU A 110 9.01 -1.27 -7.07
C LEU A 110 8.45 -2.64 -7.38
N ASN A 111 7.36 -2.65 -8.09
CA ASN A 111 6.68 -3.87 -8.45
C ASN A 111 5.81 -3.52 -9.60
N LYS A 112 5.06 -4.45 -10.11
CA LYS A 112 4.16 -4.16 -11.17
C LYS A 112 2.97 -5.08 -11.11
N TRP A 113 1.84 -4.49 -11.35
CA TRP A 113 0.60 -5.22 -11.39
C TRP A 113 0.55 -6.09 -12.62
N ARG A 114 -0.53 -6.83 -12.73
CA ARG A 114 -0.75 -7.69 -13.86
C ARG A 114 -2.18 -7.58 -14.32
N SER A 115 -2.41 -8.04 -15.52
CA SER A 115 -3.70 -7.94 -16.21
C SER A 115 -3.49 -8.12 -17.71
N ALA A 1 4.38 8.56 19.25
CA ALA A 1 5.41 9.56 18.91
C ALA A 1 5.00 10.96 19.38
N MET A 2 4.28 11.00 20.53
CA MET A 2 3.79 12.25 21.11
C MET A 2 2.74 12.91 20.22
N GLY A 3 3.20 13.62 19.19
CA GLY A 3 2.29 14.21 18.23
C GLY A 3 2.48 13.57 16.88
N CYS A 4 3.32 14.20 16.05
CA CYS A 4 3.80 13.58 14.82
C CYS A 4 2.69 13.29 13.82
N LYS A 5 3.06 12.61 12.75
CA LYS A 5 2.15 12.27 11.67
C LYS A 5 1.70 10.83 11.80
N GLU A 6 0.42 10.59 11.59
CA GLU A 6 -0.07 9.23 11.40
C GLU A 6 0.67 8.63 10.22
N ILE A 7 1.32 7.51 10.43
CA ILE A 7 2.06 6.89 9.36
C ILE A 7 1.09 6.16 8.47
N GLU A 8 0.99 6.60 7.23
CA GLU A 8 -0.05 6.14 6.34
C GLU A 8 0.47 5.62 5.02
N ILE A 9 -0.22 4.59 4.53
CA ILE A 9 0.11 3.96 3.26
C ILE A 9 -0.99 4.26 2.26
N VAL A 10 -0.68 5.06 1.27
CA VAL A 10 -1.66 5.42 0.25
C VAL A 10 -1.64 4.38 -0.87
N ILE A 11 -2.81 3.87 -1.18
CA ILE A 11 -2.97 2.96 -2.28
C ILE A 11 -3.61 3.70 -3.44
N LYS A 12 -2.83 3.93 -4.46
CA LYS A 12 -3.29 4.68 -5.62
C LYS A 12 -3.36 3.74 -6.80
N ASN A 13 -4.25 4.03 -7.72
CA ASN A 13 -4.22 3.39 -9.01
C ASN A 13 -4.43 4.47 -10.05
N THR A 14 -3.72 4.40 -11.15
CA THR A 14 -3.83 5.45 -12.13
C THR A 14 -3.01 5.20 -13.41
N LEU A 15 -3.35 4.15 -14.13
CA LEU A 15 -2.86 4.04 -15.49
C LEU A 15 -3.57 5.07 -16.35
N GLY A 16 -4.83 5.29 -16.02
CA GLY A 16 -5.61 6.32 -16.65
C GLY A 16 -7.07 6.26 -16.24
N PRO A 17 -7.95 7.00 -16.94
CA PRO A 17 -9.33 7.30 -16.48
C PRO A 17 -10.26 6.09 -16.33
N SER A 18 -9.76 4.93 -16.67
CA SER A 18 -10.52 3.70 -16.53
C SER A 18 -9.73 2.67 -15.75
N ARG A 19 -9.16 3.10 -14.62
CA ARG A 19 -8.36 2.23 -13.80
C ARG A 19 -8.96 1.99 -12.43
N ILE A 20 -8.93 0.73 -12.10
CA ILE A 20 -9.34 0.21 -10.80
C ILE A 20 -8.55 -1.07 -10.50
N LEU A 21 -7.83 -1.07 -9.40
CA LEU A 21 -7.22 -2.28 -8.87
C LEU A 21 -7.91 -2.59 -7.55
N GLN A 22 -7.84 -3.81 -7.09
CA GLN A 22 -8.46 -4.16 -5.82
C GLN A 22 -7.39 -4.67 -4.85
N TYR A 23 -7.11 -3.89 -3.81
CA TYR A 23 -6.05 -4.26 -2.89
C TYR A 23 -6.61 -4.90 -1.63
N HIS A 24 -6.12 -6.09 -1.35
CA HIS A 24 -6.46 -6.79 -0.14
C HIS A 24 -5.29 -6.72 0.84
N CYS A 25 -5.40 -5.88 1.84
CA CYS A 25 -4.29 -5.65 2.74
C CYS A 25 -4.46 -6.34 4.09
N ARG A 26 -3.56 -7.30 4.38
CA ARG A 26 -3.47 -7.92 5.70
C ARG A 26 -2.08 -8.56 5.97
N SER A 27 -1.20 -7.83 6.68
CA SER A 27 0.12 -8.29 7.20
C SER A 27 0.78 -7.10 7.92
N GLY A 28 0.71 -7.00 9.23
CA GLY A 28 1.18 -5.77 9.85
C GLY A 28 0.31 -5.23 10.98
N ASN A 29 -0.24 -6.12 11.79
CA ASN A 29 -0.90 -5.73 13.04
C ASN A 29 -2.22 -4.95 12.89
N THR A 30 -2.69 -4.63 11.68
CA THR A 30 -3.94 -3.87 11.58
C THR A 30 -4.80 -4.27 10.36
N ASN A 31 -5.91 -4.97 10.60
CA ASN A 31 -6.79 -5.50 9.52
C ASN A 31 -7.39 -4.39 8.66
N VAL A 32 -7.62 -4.69 7.39
CA VAL A 32 -8.29 -3.76 6.49
C VAL A 32 -9.55 -4.35 5.89
N GLY A 33 -9.36 -5.30 4.98
CA GLY A 33 -10.43 -5.78 4.17
C GLY A 33 -9.97 -5.82 2.75
N VAL A 34 -10.87 -5.61 1.81
CA VAL A 34 -10.53 -5.69 0.41
C VAL A 34 -11.19 -4.57 -0.38
N GLN A 35 -10.49 -3.45 -0.52
CA GLN A 35 -11.04 -2.26 -1.18
C GLN A 35 -10.48 -2.08 -2.58
N TYR A 36 -11.13 -1.23 -3.36
CA TYR A 36 -10.67 -0.90 -4.71
C TYR A 36 -9.91 0.41 -4.69
N LEU A 37 -8.83 0.46 -5.44
CA LEU A 37 -8.05 1.68 -5.60
C LEU A 37 -8.34 2.24 -6.99
N ASN A 38 -8.84 3.47 -7.00
CA ASN A 38 -9.35 4.06 -8.21
C ASN A 38 -8.32 5.00 -8.82
N PHE A 39 -8.40 5.15 -10.13
CA PHE A 39 -7.66 6.21 -10.79
C PHE A 39 -8.17 7.55 -10.29
N LYS A 40 -7.23 8.41 -9.85
CA LYS A 40 -7.56 9.70 -9.27
C LYS A 40 -8.11 9.53 -7.84
N GLY A 41 -8.18 8.28 -7.38
CA GLY A 41 -8.74 8.01 -6.08
C GLY A 41 -7.83 7.21 -5.18
N THR A 42 -7.25 7.89 -4.21
CA THR A 42 -6.37 7.25 -3.24
C THR A 42 -7.18 6.53 -2.16
N ARG A 43 -6.68 5.40 -1.71
CA ARG A 43 -7.24 4.70 -0.58
C ARG A 43 -6.15 4.54 0.45
N ILE A 44 -6.25 5.27 1.54
CA ILE A 44 -5.10 5.41 2.40
C ILE A 44 -5.24 4.67 3.72
N ILE A 45 -4.28 3.80 3.92
CA ILE A 45 -4.07 3.13 5.18
C ILE A 45 -3.44 4.07 6.16
N LYS A 46 -3.61 3.85 7.44
CA LYS A 46 -2.91 4.67 8.40
C LYS A 46 -2.89 4.09 9.80
N PHE A 47 -1.88 4.49 10.57
CA PHE A 47 -1.77 4.15 11.99
C PHE A 47 -1.11 5.29 12.73
N LYS A 48 -1.72 5.74 13.82
CA LYS A 48 -1.23 6.92 14.54
C LYS A 48 -0.76 6.55 15.94
N ASP A 49 0.55 6.35 16.08
CA ASP A 49 1.19 6.01 17.35
C ASP A 49 0.73 4.67 17.93
N ASP A 50 -0.34 4.12 17.38
CA ASP A 50 -0.94 2.91 17.91
C ASP A 50 -0.18 1.66 17.46
N GLY A 51 -0.42 1.24 16.23
CA GLY A 51 0.17 0.03 15.73
C GLY A 51 -0.81 -1.12 15.85
N THR A 52 -1.44 -1.21 17.03
CA THR A 52 -2.52 -2.15 17.32
C THR A 52 -2.13 -3.62 17.12
N GLU A 53 -3.04 -4.50 17.49
CA GLU A 53 -2.95 -5.90 17.17
C GLU A 53 -4.26 -6.34 16.55
N ARG A 54 -4.85 -5.41 15.82
CA ARG A 54 -6.14 -5.60 15.16
C ARG A 54 -6.07 -6.75 14.16
N SER A 55 -4.98 -6.80 13.38
CA SER A 55 -4.69 -7.93 12.52
C SER A 55 -3.42 -7.65 11.76
N ARG A 56 -3.52 -6.97 10.59
CA ARG A 56 -2.38 -6.79 9.72
C ARG A 56 -2.75 -6.15 8.36
N TRP A 57 -1.80 -5.43 7.69
CA TRP A 57 -1.99 -4.99 6.28
C TRP A 57 -0.75 -5.11 5.39
N ASN A 58 -0.75 -6.15 4.55
CA ASN A 58 0.05 -6.21 3.32
C ASN A 58 -0.93 -6.30 2.17
N CYS A 59 -0.81 -5.44 1.19
CA CYS A 59 -1.88 -5.29 0.21
C CYS A 59 -1.61 -6.14 -1.00
N LEU A 60 -2.67 -6.75 -1.51
CA LEU A 60 -2.58 -7.60 -2.66
C LEU A 60 -3.48 -7.02 -3.72
N PHE A 61 -2.95 -6.70 -4.86
CA PHE A 61 -3.75 -6.05 -5.88
C PHE A 61 -4.26 -7.11 -6.84
N ARG A 62 -5.57 -7.26 -6.92
CA ARG A 62 -6.15 -8.29 -7.76
C ARG A 62 -7.36 -7.72 -8.50
N GLN A 63 -7.32 -7.72 -9.82
CA GLN A 63 -8.40 -7.18 -10.62
C GLN A 63 -8.46 -7.89 -11.98
N GLY A 64 -8.72 -7.13 -13.03
CA GLY A 64 -8.71 -7.69 -14.37
C GLY A 64 -9.89 -8.60 -14.64
N ILE A 65 -9.69 -9.89 -14.41
CA ILE A 65 -10.67 -10.89 -14.81
C ILE A 65 -10.69 -12.09 -13.84
N ASN A 66 -9.56 -12.77 -13.72
CA ASN A 66 -9.44 -13.93 -12.84
C ASN A 66 -8.51 -13.60 -11.68
N MET A 67 -7.84 -14.62 -11.14
CA MET A 67 -6.86 -14.41 -10.07
C MET A 67 -5.63 -13.68 -10.60
N LYS A 68 -5.64 -13.41 -11.90
CA LYS A 68 -4.58 -12.65 -12.56
C LYS A 68 -4.71 -11.17 -12.24
N PHE A 69 -3.96 -10.34 -12.97
CA PHE A 69 -3.96 -8.90 -12.75
C PHE A 69 -3.59 -8.61 -11.28
N PHE A 70 -2.47 -9.19 -10.86
CA PHE A 70 -2.10 -9.26 -9.45
C PHE A 70 -0.75 -8.60 -9.15
N THR A 71 -0.57 -8.21 -7.89
CA THR A 71 0.72 -7.79 -7.36
C THR A 71 0.64 -7.67 -5.84
N GLU A 72 1.77 -7.87 -5.17
CA GLU A 72 1.80 -7.82 -3.72
C GLU A 72 2.58 -6.60 -3.26
N VAL A 73 1.91 -5.69 -2.58
CA VAL A 73 2.55 -4.48 -2.10
C VAL A 73 2.27 -4.29 -0.61
N GLU A 74 3.28 -4.47 0.21
CA GLU A 74 3.13 -4.41 1.65
C GLU A 74 2.85 -2.99 2.13
N ALA A 75 1.78 -2.83 2.91
CA ALA A 75 1.56 -1.57 3.61
C ALA A 75 2.66 -1.36 4.61
N TYR A 76 2.61 -2.10 5.71
CA TYR A 76 3.66 -1.97 6.70
C TYR A 76 3.48 -2.95 7.85
N ARG A 77 4.58 -3.21 8.54
CA ARG A 77 4.71 -4.33 9.49
C ARG A 77 5.49 -3.85 10.72
N PRO A 78 5.72 -4.70 11.76
CA PRO A 78 6.56 -4.38 12.95
C PRO A 78 7.80 -3.52 12.67
N ASP A 79 8.20 -3.52 11.42
CA ASP A 79 9.21 -2.60 10.85
C ASP A 79 8.92 -1.13 11.17
N LEU A 80 9.69 -0.24 10.54
CA LEU A 80 9.59 1.24 10.71
C LEU A 80 8.15 1.81 10.61
N LYS A 81 7.15 0.95 10.56
CA LYS A 81 5.75 1.33 10.68
C LYS A 81 5.49 1.92 12.06
N HIS A 82 6.35 1.57 13.01
CA HIS A 82 6.25 2.06 14.37
C HIS A 82 6.42 3.59 14.40
N PRO A 83 5.94 4.26 15.47
CA PRO A 83 5.75 5.73 15.51
C PRO A 83 6.86 6.56 14.86
N LEU A 84 6.46 7.30 13.83
CA LEU A 84 7.32 8.24 13.11
C LEU A 84 6.49 9.47 12.78
N CYS A 85 7.09 10.47 12.12
CA CYS A 85 6.35 11.70 11.86
C CYS A 85 6.61 12.28 10.48
N GLY A 86 7.72 11.90 9.94
CA GLY A 86 8.19 12.47 8.69
C GLY A 86 8.00 11.55 7.50
N LYS A 87 7.28 10.45 7.68
CA LYS A 87 7.23 9.41 6.65
C LYS A 87 5.86 9.30 6.01
N ARG A 88 5.86 9.19 4.68
CA ARG A 88 4.64 8.97 3.91
C ARG A 88 4.87 7.85 2.90
N TYR A 89 4.03 6.83 2.93
CA TYR A 89 4.20 5.66 2.08
C TYR A 89 3.08 5.57 1.06
N GLU A 90 3.43 5.54 -0.22
CA GLU A 90 2.45 5.36 -1.29
C GLU A 90 2.81 4.17 -2.16
N LEU A 91 1.82 3.32 -2.40
CA LEU A 91 1.92 2.27 -3.39
C LEU A 91 0.84 2.50 -4.42
N SER A 92 1.24 2.75 -5.63
CA SER A 92 0.29 3.12 -6.65
C SER A 92 0.43 2.26 -7.88
N ALA A 93 -0.71 1.81 -8.37
CA ALA A 93 -0.74 1.02 -9.57
C ALA A 93 -0.85 1.94 -10.73
N ARG A 94 0.25 2.12 -11.37
CA ARG A 94 0.36 3.16 -12.36
C ARG A 94 0.82 2.64 -13.66
N MET A 95 0.40 3.40 -14.63
CA MET A 95 0.74 3.25 -16.02
C MET A 95 2.00 2.41 -16.25
N ASP A 96 3.10 2.80 -15.63
CA ASP A 96 4.37 2.10 -15.78
C ASP A 96 4.44 0.87 -14.88
N ALA A 97 4.30 1.09 -13.58
CA ALA A 97 4.41 0.02 -12.59
C ALA A 97 3.75 0.44 -11.29
N ILE A 98 3.89 -0.42 -10.31
CA ILE A 98 3.44 -0.16 -8.96
C ILE A 98 4.53 0.59 -8.21
N TYR A 99 4.17 1.75 -7.70
CA TYR A 99 5.10 2.56 -6.93
C TYR A 99 5.15 2.03 -5.51
N PHE A 100 6.31 2.04 -4.88
CA PHE A 100 6.45 1.40 -3.58
C PHE A 100 7.66 1.94 -2.83
N LYS A 101 7.56 3.16 -2.32
CA LYS A 101 8.64 3.77 -1.56
C LYS A 101 8.09 4.74 -0.53
N MET A 102 8.77 4.84 0.60
CA MET A 102 8.42 5.80 1.62
C MET A 102 9.60 6.70 1.92
N ASP A 103 9.71 7.77 1.16
CA ASP A 103 10.74 8.77 1.39
C ASP A 103 10.09 10.13 1.62
N GLU A 104 10.91 11.16 1.70
CA GLU A 104 10.38 12.52 1.74
C GLU A 104 9.82 12.86 0.36
N ARG A 105 10.49 12.35 -0.65
CA ARG A 105 10.07 12.46 -2.04
C ARG A 105 8.90 11.51 -2.32
N PRO A 106 8.22 11.69 -3.46
CA PRO A 106 7.23 10.72 -3.95
C PRO A 106 7.87 9.35 -4.23
N PRO A 107 7.06 8.27 -4.23
CA PRO A 107 7.56 6.91 -4.47
C PRO A 107 7.93 6.68 -5.94
N GLN A 108 8.40 5.49 -6.25
CA GLN A 108 8.88 5.20 -7.60
C GLN A 108 8.52 3.78 -8.01
N PRO A 109 8.48 3.52 -9.32
CA PRO A 109 8.17 2.18 -9.88
C PRO A 109 9.07 1.10 -9.28
N LEU A 110 8.51 0.30 -8.38
CA LEU A 110 9.31 -0.69 -7.68
C LEU A 110 8.62 -2.07 -7.70
N ASN A 111 7.39 -2.09 -8.17
CA ASN A 111 6.65 -3.33 -8.26
C ASN A 111 5.83 -3.21 -9.51
N LYS A 112 5.22 -4.26 -9.98
CA LYS A 112 4.40 -4.12 -11.13
C LYS A 112 3.15 -4.93 -11.02
N TRP A 113 2.08 -4.33 -11.47
CA TRP A 113 0.83 -5.01 -11.56
C TRP A 113 0.87 -5.97 -12.74
N ARG A 114 -0.20 -6.69 -12.93
CA ARG A 114 -0.20 -7.81 -13.83
C ARG A 114 -1.48 -7.86 -14.61
N SER A 115 -1.57 -8.85 -15.45
CA SER A 115 -2.72 -9.05 -16.31
C SER A 115 -2.62 -10.41 -17.00
N ALA A 1 8.62 9.29 17.95
CA ALA A 1 7.25 9.23 17.41
C ALA A 1 6.25 9.85 18.38
N MET A 2 6.28 11.18 18.48
CA MET A 2 5.39 11.89 19.40
C MET A 2 4.05 12.19 18.76
N GLY A 3 4.04 13.10 17.79
CA GLY A 3 2.80 13.48 17.14
C GLY A 3 2.81 13.22 15.65
N CYS A 4 3.99 12.98 15.10
CA CYS A 4 4.13 12.79 13.66
C CYS A 4 3.63 11.45 13.17
N LYS A 5 2.90 10.73 14.01
CA LYS A 5 2.70 9.31 13.77
C LYS A 5 1.27 8.91 13.65
N GLU A 6 0.83 9.05 12.46
CA GLU A 6 -0.17 8.20 11.86
C GLU A 6 0.44 7.54 10.65
N ILE A 7 0.85 6.31 10.81
CA ILE A 7 1.50 5.62 9.70
C ILE A 7 0.46 4.94 8.86
N GLU A 8 0.28 5.50 7.68
CA GLU A 8 -0.85 5.15 6.83
C GLU A 8 -0.45 4.40 5.58
N ILE A 9 -1.38 3.58 5.10
CA ILE A 9 -1.17 2.77 3.91
C ILE A 9 -1.94 3.39 2.74
N VAL A 10 -1.26 4.15 1.88
CA VAL A 10 -1.93 4.73 0.74
C VAL A 10 -1.73 3.87 -0.50
N ILE A 11 -2.84 3.44 -1.05
CA ILE A 11 -2.84 2.73 -2.30
C ILE A 11 -3.43 3.63 -3.35
N LYS A 12 -2.62 4.02 -4.30
CA LYS A 12 -3.07 4.87 -5.37
C LYS A 12 -3.24 4.04 -6.61
N ASN A 13 -3.89 4.62 -7.58
CA ASN A 13 -4.07 3.97 -8.85
C ASN A 13 -4.18 5.02 -9.91
N THR A 14 -3.38 4.92 -10.95
CA THR A 14 -3.38 5.93 -11.99
C THR A 14 -2.58 5.54 -13.22
N LEU A 15 -3.21 4.80 -14.12
CA LEU A 15 -2.66 4.60 -15.44
C LEU A 15 -3.24 5.64 -16.38
N GLY A 16 -4.50 5.92 -16.12
CA GLY A 16 -5.32 6.76 -16.97
C GLY A 16 -6.78 6.59 -16.59
N PRO A 17 -7.72 7.00 -17.46
CA PRO A 17 -9.16 6.97 -17.13
C PRO A 17 -9.69 5.56 -16.84
N SER A 18 -10.53 5.47 -15.80
CA SER A 18 -11.22 4.21 -15.45
C SER A 18 -10.25 3.12 -15.02
N ARG A 19 -9.15 3.53 -14.38
CA ARG A 19 -8.22 2.57 -13.81
C ARG A 19 -8.72 2.12 -12.45
N ILE A 20 -8.96 0.82 -12.28
CA ILE A 20 -9.43 0.30 -11.00
C ILE A 20 -8.80 -1.06 -10.70
N LEU A 21 -8.09 -1.15 -9.59
CA LEU A 21 -7.61 -2.43 -9.07
C LEU A 21 -7.96 -2.54 -7.60
N GLN A 22 -8.02 -3.77 -7.11
CA GLN A 22 -8.47 -4.04 -5.76
C GLN A 22 -7.34 -4.62 -4.93
N TYR A 23 -6.87 -3.86 -3.94
CA TYR A 23 -5.76 -4.28 -3.11
C TYR A 23 -6.27 -4.82 -1.78
N HIS A 24 -5.54 -5.75 -1.23
CA HIS A 24 -5.81 -6.25 0.10
C HIS A 24 -4.62 -6.04 0.98
N CYS A 25 -4.70 -5.12 1.91
CA CYS A 25 -3.58 -4.92 2.78
C CYS A 25 -3.80 -5.55 4.15
N ARG A 26 -2.93 -6.50 4.46
CA ARG A 26 -2.96 -7.22 5.71
C ARG A 26 -1.56 -7.67 6.09
N SER A 27 -1.05 -7.13 7.18
CA SER A 27 0.13 -7.67 7.86
C SER A 27 0.37 -6.90 9.14
N GLY A 28 1.23 -7.42 9.99
CA GLY A 28 1.59 -6.70 11.18
C GLY A 28 0.50 -6.72 12.22
N ASN A 29 -0.25 -7.82 12.26
CA ASN A 29 -1.35 -8.03 13.21
C ASN A 29 -2.59 -7.22 12.84
N THR A 30 -2.42 -6.17 12.05
CA THR A 30 -3.55 -5.36 11.62
C THR A 30 -3.93 -5.66 10.17
N ASN A 31 -5.21 -5.87 9.95
CA ASN A 31 -5.71 -6.19 8.63
C ASN A 31 -7.12 -5.64 8.45
N VAL A 32 -7.31 -4.80 7.45
CA VAL A 32 -8.60 -4.22 7.17
C VAL A 32 -8.68 -3.62 5.77
N GLY A 33 -9.30 -4.35 4.86
CA GLY A 33 -9.59 -3.79 3.56
C GLY A 33 -9.11 -4.60 2.39
N VAL A 34 -10.05 -5.07 1.59
CA VAL A 34 -9.77 -5.52 0.24
C VAL A 34 -10.57 -4.63 -0.72
N GLN A 35 -10.04 -3.48 -1.04
CA GLN A 35 -10.81 -2.46 -1.65
C GLN A 35 -10.19 -2.00 -2.97
N TYR A 36 -11.04 -1.51 -3.87
CA TYR A 36 -10.59 -1.01 -5.16
C TYR A 36 -10.37 0.49 -5.11
N LEU A 37 -9.59 1.00 -6.03
CA LEU A 37 -9.26 2.42 -6.05
C LEU A 37 -9.26 2.94 -7.48
N ASN A 38 -9.90 4.10 -7.66
CA ASN A 38 -10.01 4.76 -8.95
C ASN A 38 -8.81 5.66 -9.21
N PHE A 39 -8.59 5.94 -10.48
CA PHE A 39 -7.43 6.69 -10.95
C PHE A 39 -7.43 8.13 -10.48
N LYS A 40 -8.58 8.61 -10.07
CA LYS A 40 -8.74 10.01 -9.71
C LYS A 40 -8.50 10.25 -8.23
N GLY A 41 -8.10 9.24 -7.48
CA GLY A 41 -8.01 9.41 -6.05
C GLY A 41 -6.94 8.57 -5.37
N THR A 42 -7.21 8.28 -4.10
CA THR A 42 -6.32 7.53 -3.22
C THR A 42 -7.16 6.68 -2.27
N ARG A 43 -6.62 5.56 -1.85
CA ARG A 43 -7.29 4.75 -0.85
C ARG A 43 -6.34 4.52 0.30
N ILE A 44 -6.61 5.15 1.43
CA ILE A 44 -5.66 5.16 2.52
C ILE A 44 -6.22 4.53 3.79
N ILE A 45 -5.44 3.64 4.32
CA ILE A 45 -5.61 3.13 5.66
C ILE A 45 -4.71 3.91 6.58
N LYS A 46 -5.02 3.98 7.84
CA LYS A 46 -4.14 4.70 8.73
C LYS A 46 -4.24 4.21 10.16
N PHE A 47 -3.09 4.23 10.84
CA PHE A 47 -3.02 3.86 12.26
C PHE A 47 -1.98 4.75 12.96
N LYS A 48 -2.33 5.21 14.16
CA LYS A 48 -1.67 6.37 14.76
C LYS A 48 -1.30 6.18 16.26
N ASP A 49 -0.24 5.44 16.57
CA ASP A 49 0.14 5.26 17.99
C ASP A 49 1.65 4.94 18.13
N ASP A 50 2.04 4.36 19.27
CA ASP A 50 3.46 4.17 19.59
C ASP A 50 3.67 3.18 20.74
N GLY A 51 4.16 2.00 20.38
CA GLY A 51 4.56 0.98 21.34
C GLY A 51 5.45 -0.07 20.71
N THR A 52 6.49 0.39 20.02
CA THR A 52 7.41 -0.47 19.22
C THR A 52 6.67 -1.53 18.42
N GLU A 53 7.20 -2.76 18.42
CA GLU A 53 6.68 -3.90 17.66
C GLU A 53 5.94 -3.46 16.41
N ARG A 54 6.61 -2.66 15.59
CA ARG A 54 5.99 -2.09 14.37
C ARG A 54 5.18 -3.13 13.58
N SER A 55 5.80 -4.27 13.27
CA SER A 55 5.12 -5.42 12.65
C SER A 55 4.87 -5.18 11.17
N ARG A 56 4.19 -4.09 10.84
CA ARG A 56 4.06 -3.58 9.47
C ARG A 56 3.20 -4.46 8.53
N TRP A 57 2.67 -3.82 7.48
CA TRP A 57 1.60 -4.36 6.64
C TRP A 57 2.14 -4.89 5.31
N ASN A 58 1.29 -5.60 4.58
CA ASN A 58 1.60 -6.00 3.21
C ASN A 58 0.33 -6.01 2.38
N CYS A 59 0.34 -5.30 1.26
CA CYS A 59 -0.85 -5.17 0.41
C CYS A 59 -0.77 -6.14 -0.76
N LEU A 60 -1.92 -6.57 -1.27
CA LEU A 60 -1.97 -7.54 -2.34
C LEU A 60 -3.01 -7.10 -3.37
N PHE A 61 -2.59 -6.87 -4.60
CA PHE A 61 -3.52 -6.32 -5.60
C PHE A 61 -4.11 -7.42 -6.46
N ARG A 62 -5.42 -7.48 -6.51
CA ARG A 62 -6.12 -8.52 -7.25
C ARG A 62 -7.00 -7.90 -8.33
N GLN A 63 -7.04 -8.54 -9.50
CA GLN A 63 -7.93 -8.16 -10.58
C GLN A 63 -7.91 -9.27 -11.63
N GLY A 64 -8.92 -10.12 -11.58
CA GLY A 64 -8.91 -11.38 -12.31
C GLY A 64 -8.76 -11.26 -13.81
N ILE A 65 -7.91 -12.12 -14.36
CA ILE A 65 -7.78 -12.32 -15.79
C ILE A 65 -7.37 -13.76 -16.08
N ASN A 66 -6.10 -14.08 -15.88
CA ASN A 66 -5.62 -15.45 -15.89
C ASN A 66 -5.18 -15.81 -14.48
N MET A 67 -4.22 -16.72 -14.36
CA MET A 67 -3.60 -16.99 -13.05
C MET A 67 -2.79 -15.76 -12.62
N LYS A 68 -2.44 -14.94 -13.60
CA LYS A 68 -1.74 -13.69 -13.37
C LYS A 68 -2.71 -12.58 -13.03
N PHE A 69 -3.02 -12.39 -11.76
CA PHE A 69 -3.98 -11.36 -11.38
C PHE A 69 -3.71 -10.84 -9.97
N PHE A 70 -2.45 -10.58 -9.67
CA PHE A 70 -2.04 -10.21 -8.34
C PHE A 70 -0.71 -9.47 -8.32
N THR A 71 -0.47 -8.76 -7.24
CA THR A 71 0.83 -8.18 -6.94
C THR A 71 0.92 -7.93 -5.45
N GLU A 72 2.07 -8.19 -4.89
CA GLU A 72 2.22 -8.07 -3.47
C GLU A 72 3.19 -6.93 -3.15
N VAL A 73 2.69 -5.94 -2.43
CA VAL A 73 3.47 -4.75 -2.15
C VAL A 73 3.66 -4.59 -0.65
N GLU A 74 4.88 -4.26 -0.22
CA GLU A 74 5.14 -4.09 1.20
C GLU A 74 4.52 -2.80 1.70
N ALA A 75 3.85 -2.90 2.83
CA ALA A 75 3.18 -1.79 3.42
C ALA A 75 3.68 -1.59 4.83
N TYR A 76 4.89 -1.10 4.92
CA TYR A 76 5.49 -0.84 6.21
C TYR A 76 4.82 0.32 6.87
N ARG A 77 3.91 -0.04 7.73
CA ARG A 77 3.19 0.87 8.58
C ARG A 77 2.84 0.08 9.84
N PRO A 78 3.29 0.52 11.01
CA PRO A 78 3.07 -0.22 12.27
C PRO A 78 1.60 -0.43 12.59
N ASP A 79 1.35 -1.51 13.33
CA ASP A 79 0.01 -1.84 13.82
C ASP A 79 -0.57 -0.69 14.64
N LEU A 80 -1.89 -0.70 14.84
CA LEU A 80 -2.65 0.39 15.46
C LEU A 80 -1.91 1.09 16.58
N LYS A 81 -1.38 0.30 17.47
CA LYS A 81 -0.77 0.82 18.71
C LYS A 81 0.72 1.12 18.56
N HIS A 82 1.28 0.86 17.39
CA HIS A 82 2.73 0.84 17.22
C HIS A 82 3.27 2.09 16.47
N PRO A 83 4.55 2.49 16.75
CA PRO A 83 5.11 3.80 16.40
C PRO A 83 5.89 3.88 15.10
N LEU A 84 5.89 5.10 14.58
CA LEU A 84 6.82 5.65 13.57
C LEU A 84 6.18 6.91 13.10
N CYS A 85 6.87 7.73 12.34
CA CYS A 85 6.27 9.01 11.95
C CYS A 85 7.01 9.67 10.82
N GLY A 86 8.19 9.18 10.60
CA GLY A 86 8.98 9.61 9.47
C GLY A 86 8.75 8.73 8.26
N LYS A 87 7.81 7.78 8.39
CA LYS A 87 7.53 6.84 7.33
C LYS A 87 6.08 6.94 6.85
N ARG A 88 5.94 7.21 5.56
CA ARG A 88 4.64 7.23 4.91
C ARG A 88 4.84 6.87 3.44
N TYR A 89 4.39 5.69 3.04
CA TYR A 89 4.67 5.20 1.70
C TYR A 89 3.41 5.05 0.89
N GLU A 90 3.47 5.49 -0.35
CA GLU A 90 2.40 5.26 -1.31
C GLU A 90 2.75 4.11 -2.22
N LEU A 91 1.82 3.18 -2.38
CA LEU A 91 1.95 2.14 -3.38
C LEU A 91 0.87 2.37 -4.41
N SER A 92 1.26 2.78 -5.57
CA SER A 92 0.30 3.20 -6.56
C SER A 92 0.36 2.33 -7.79
N ALA A 93 -0.81 1.91 -8.21
CA ALA A 93 -0.93 1.13 -9.41
C ALA A 93 -1.02 2.07 -10.55
N ARG A 94 0.10 2.29 -11.15
CA ARG A 94 0.22 3.31 -12.16
C ARG A 94 0.50 2.75 -13.50
N MET A 95 0.22 3.61 -14.44
CA MET A 95 0.42 3.43 -15.85
C MET A 95 1.43 2.33 -16.17
N ASP A 96 2.64 2.47 -15.62
CA ASP A 96 3.72 1.52 -15.85
C ASP A 96 3.61 0.32 -14.91
N ALA A 97 3.74 0.58 -13.61
CA ALA A 97 3.83 -0.47 -12.61
C ALA A 97 3.25 0.00 -11.29
N ILE A 98 3.46 -0.80 -10.26
CA ILE A 98 3.13 -0.41 -8.90
C ILE A 98 4.31 0.36 -8.33
N TYR A 99 4.06 1.62 -8.04
CA TYR A 99 5.09 2.52 -7.58
C TYR A 99 5.18 2.49 -6.06
N PHE A 100 6.40 2.44 -5.54
CA PHE A 100 6.61 2.33 -4.11
C PHE A 100 7.71 3.29 -3.63
N LYS A 101 7.31 4.46 -3.14
CA LYS A 101 8.25 5.42 -2.55
C LYS A 101 7.55 6.30 -1.52
N MET A 102 8.32 6.80 -0.57
CA MET A 102 7.81 7.82 0.34
C MET A 102 8.20 9.21 -0.18
N ASP A 103 7.39 9.73 -1.09
CA ASP A 103 7.63 11.04 -1.66
C ASP A 103 6.41 11.92 -1.44
N GLU A 104 6.34 13.07 -2.09
CA GLU A 104 5.16 13.91 -2.02
C GLU A 104 4.08 13.36 -2.94
N ARG A 105 4.47 13.04 -4.18
CA ARG A 105 3.55 12.46 -5.13
C ARG A 105 4.22 11.46 -6.10
N PRO A 106 5.46 11.68 -6.61
CA PRO A 106 6.06 10.76 -7.56
C PRO A 106 6.91 9.68 -6.88
N PRO A 107 6.48 8.42 -6.98
CA PRO A 107 7.24 7.27 -6.51
C PRO A 107 7.92 6.54 -7.66
N GLN A 108 8.56 5.40 -7.37
CA GLN A 108 9.26 4.63 -8.40
C GLN A 108 8.68 3.23 -8.52
N PRO A 109 8.61 2.69 -9.75
CA PRO A 109 8.12 1.34 -10.02
C PRO A 109 8.89 0.28 -9.25
N LEU A 110 8.18 -0.51 -8.44
CA LEU A 110 8.82 -1.54 -7.64
C LEU A 110 8.12 -2.88 -7.83
N ASN A 111 6.92 -2.84 -8.38
CA ASN A 111 6.08 -4.03 -8.53
C ASN A 111 5.15 -3.75 -9.66
N LYS A 112 4.23 -4.64 -9.98
CA LYS A 112 3.29 -4.35 -11.03
C LYS A 112 1.91 -4.87 -10.72
N TRP A 113 0.96 -3.98 -10.91
CA TRP A 113 -0.45 -4.21 -10.62
C TRP A 113 -0.97 -5.44 -11.36
N ARG A 114 -1.08 -6.56 -10.63
CA ARG A 114 -1.60 -7.84 -11.13
C ARG A 114 -1.09 -8.27 -12.49
N SER A 115 -0.56 -9.48 -12.48
CA SER A 115 0.19 -10.03 -13.60
C SER A 115 1.54 -9.32 -13.71
N ALA A 1 11.16 11.91 14.89
CA ALA A 1 9.85 12.55 15.15
C ALA A 1 9.18 11.89 16.35
N MET A 2 8.72 12.71 17.29
CA MET A 2 8.08 12.21 18.50
C MET A 2 6.57 12.28 18.37
N GLY A 3 5.87 11.90 19.43
CA GLY A 3 4.43 11.78 19.35
C GLY A 3 4.05 10.55 18.56
N CYS A 4 2.87 10.53 17.99
CA CYS A 4 2.51 9.44 17.11
C CYS A 4 1.43 9.83 16.11
N LYS A 5 1.89 10.30 14.97
CA LYS A 5 1.06 10.44 13.80
C LYS A 5 0.43 9.11 13.43
N GLU A 6 -0.85 9.09 13.09
CA GLU A 6 -1.43 7.89 12.53
C GLU A 6 -0.78 7.60 11.19
N ILE A 7 -0.03 6.53 11.13
CA ILE A 7 0.74 6.21 9.95
C ILE A 7 -0.16 5.65 8.87
N GLU A 8 -0.13 6.32 7.73
CA GLU A 8 -1.02 6.00 6.64
C GLU A 8 -0.26 5.35 5.50
N ILE A 9 -0.87 4.33 4.91
CA ILE A 9 -0.34 3.73 3.72
C ILE A 9 -1.36 3.89 2.61
N VAL A 10 -1.04 4.72 1.65
CA VAL A 10 -1.97 5.03 0.58
C VAL A 10 -1.82 4.05 -0.56
N ILE A 11 -2.94 3.50 -0.99
CA ILE A 11 -2.98 2.59 -2.10
C ILE A 11 -3.69 3.25 -3.26
N LYS A 12 -2.93 3.65 -4.25
CA LYS A 12 -3.47 4.37 -5.38
C LYS A 12 -3.50 3.49 -6.62
N ASN A 13 -4.14 4.01 -7.65
CA ASN A 13 -4.06 3.46 -8.98
C ASN A 13 -4.24 4.61 -9.95
N THR A 14 -3.43 4.65 -10.98
CA THR A 14 -3.46 5.76 -11.91
C THR A 14 -2.65 5.46 -13.17
N LEU A 15 -3.18 4.63 -14.06
CA LEU A 15 -2.61 4.50 -15.38
C LEU A 15 -3.26 5.55 -16.25
N GLY A 16 -4.56 5.71 -16.01
CA GLY A 16 -5.39 6.67 -16.69
C GLY A 16 -6.85 6.37 -16.44
N PRO A 17 -7.77 6.93 -17.22
CA PRO A 17 -9.22 6.82 -16.97
C PRO A 17 -9.70 5.40 -16.60
N SER A 18 -10.49 5.33 -15.52
CA SER A 18 -11.13 4.10 -15.06
C SER A 18 -10.14 2.98 -14.76
N ARG A 19 -9.00 3.36 -14.21
CA ARG A 19 -8.02 2.41 -13.76
C ARG A 19 -8.33 1.96 -12.34
N ILE A 20 -8.71 0.71 -12.20
CA ILE A 20 -8.97 0.17 -10.87
C ILE A 20 -8.26 -1.15 -10.69
N LEU A 21 -7.84 -1.33 -9.47
CA LEU A 21 -7.26 -2.57 -8.97
C LEU A 21 -8.08 -2.87 -7.74
N GLN A 22 -7.83 -3.90 -6.99
CA GLN A 22 -8.41 -3.97 -5.65
C GLN A 22 -7.39 -4.55 -4.68
N TYR A 23 -7.01 -3.79 -3.65
CA TYR A 23 -5.94 -4.24 -2.76
C TYR A 23 -6.50 -4.84 -1.48
N HIS A 24 -5.77 -5.80 -0.96
CA HIS A 24 -6.00 -6.32 0.36
C HIS A 24 -4.80 -6.02 1.22
N CYS A 25 -4.95 -5.12 2.17
CA CYS A 25 -3.85 -4.84 3.06
C CYS A 25 -4.25 -5.08 4.50
N ARG A 26 -3.27 -5.45 5.31
CA ARG A 26 -3.52 -5.77 6.70
C ARG A 26 -2.29 -5.50 7.54
N SER A 27 -2.51 -5.21 8.80
CA SER A 27 -1.44 -5.07 9.77
C SER A 27 -1.27 -6.39 10.51
N GLY A 28 -0.13 -6.57 11.16
CA GLY A 28 0.10 -7.76 11.93
C GLY A 28 -0.62 -7.71 13.26
N ASN A 29 -1.92 -7.47 13.18
CA ASN A 29 -2.76 -7.21 14.35
C ASN A 29 -4.13 -6.73 13.90
N THR A 30 -4.14 -5.83 12.92
CA THR A 30 -5.35 -5.15 12.49
C THR A 30 -5.57 -5.26 10.99
N ASN A 31 -6.67 -5.87 10.59
CA ASN A 31 -7.03 -5.97 9.18
C ASN A 31 -7.81 -4.73 8.76
N VAL A 32 -7.42 -4.14 7.64
CA VAL A 32 -8.07 -2.92 7.17
C VAL A 32 -9.19 -3.23 6.19
N GLY A 33 -8.98 -4.19 5.29
CA GLY A 33 -10.00 -4.52 4.34
C GLY A 33 -9.45 -4.85 2.99
N VAL A 34 -10.34 -4.95 2.02
CA VAL A 34 -9.98 -5.33 0.67
C VAL A 34 -10.84 -4.57 -0.35
N GLN A 35 -10.40 -3.39 -0.76
CA GLN A 35 -11.22 -2.55 -1.65
C GLN A 35 -10.40 -1.61 -2.47
N TYR A 36 -11.09 -0.98 -3.43
CA TYR A 36 -10.40 -0.16 -4.37
C TYR A 36 -11.04 1.15 -4.73
N LEU A 37 -10.27 1.89 -5.50
CA LEU A 37 -10.67 3.17 -6.05
C LEU A 37 -10.01 3.35 -7.43
N ASN A 38 -10.26 4.50 -8.03
CA ASN A 38 -9.92 4.73 -9.43
C ASN A 38 -8.60 5.47 -9.61
N PHE A 39 -8.32 5.76 -10.88
CA PHE A 39 -7.12 6.48 -11.31
C PHE A 39 -7.02 7.87 -10.67
N LYS A 40 -8.13 8.33 -10.17
CA LYS A 40 -8.19 9.63 -9.54
C LYS A 40 -8.56 9.48 -8.07
N GLY A 41 -8.14 8.39 -7.45
CA GLY A 41 -8.50 8.16 -6.09
C GLY A 41 -7.51 7.32 -5.32
N THR A 42 -7.35 7.65 -4.05
CA THR A 42 -6.52 6.91 -3.13
C THR A 42 -7.36 6.08 -2.18
N ARG A 43 -6.81 4.95 -1.77
CA ARG A 43 -7.41 4.14 -0.73
C ARG A 43 -6.42 4.08 0.40
N ILE A 44 -6.71 4.75 1.47
CA ILE A 44 -5.69 5.00 2.46
C ILE A 44 -5.87 4.19 3.71
N ILE A 45 -4.80 3.54 4.07
CA ILE A 45 -4.70 2.79 5.28
C ILE A 45 -4.20 3.68 6.39
N LYS A 46 -4.42 3.27 7.61
CA LYS A 46 -3.83 3.94 8.75
C LYS A 46 -3.81 3.03 9.95
N PHE A 47 -2.87 3.31 10.84
CA PHE A 47 -2.59 2.48 12.00
C PHE A 47 -1.94 3.37 13.02
N LYS A 48 -2.67 3.70 14.04
CA LYS A 48 -2.30 4.79 14.91
C LYS A 48 -1.72 4.27 16.21
N ASP A 49 -1.44 2.97 16.22
CA ASP A 49 -0.78 2.31 17.34
C ASP A 49 -0.19 0.99 16.87
N ASP A 50 1.12 0.97 16.68
CA ASP A 50 1.81 -0.22 16.21
C ASP A 50 2.45 -0.95 17.38
N GLY A 51 1.61 -1.59 18.17
CA GLY A 51 2.09 -2.35 19.31
C GLY A 51 3.05 -3.45 18.91
N THR A 52 2.66 -4.26 17.95
CA THR A 52 3.49 -5.38 17.51
C THR A 52 3.50 -5.50 15.99
N GLU A 53 4.67 -5.76 15.43
CA GLU A 53 4.82 -5.97 14.00
C GLU A 53 4.89 -7.47 13.70
N ARG A 54 3.91 -8.21 14.20
CA ARG A 54 3.90 -9.67 14.09
C ARG A 54 3.89 -10.13 12.64
N SER A 55 2.96 -9.57 11.87
CA SER A 55 2.85 -9.90 10.46
C SER A 55 3.01 -8.66 9.61
N ARG A 56 3.21 -7.53 10.31
CA ARG A 56 3.46 -6.25 9.69
C ARG A 56 2.42 -5.95 8.60
N TRP A 57 2.80 -5.19 7.59
CA TRP A 57 1.84 -4.69 6.63
C TRP A 57 2.19 -5.15 5.22
N ASN A 58 1.18 -5.65 4.52
CA ASN A 58 1.34 -6.10 3.15
C ASN A 58 0.03 -5.91 2.40
N CYS A 59 0.07 -5.29 1.23
CA CYS A 59 -1.14 -5.04 0.46
C CYS A 59 -1.09 -5.88 -0.82
N LEU A 60 -2.19 -6.52 -1.17
CA LEU A 60 -2.21 -7.43 -2.29
C LEU A 60 -3.21 -6.94 -3.29
N PHE A 61 -2.78 -6.69 -4.50
CA PHE A 61 -3.67 -6.12 -5.48
C PHE A 61 -4.22 -7.22 -6.34
N ARG A 62 -5.53 -7.40 -6.31
CA ARG A 62 -6.16 -8.44 -7.07
C ARG A 62 -7.38 -7.91 -7.80
N GLN A 63 -7.35 -8.02 -9.12
CA GLN A 63 -8.48 -7.66 -9.95
C GLN A 63 -9.11 -8.93 -10.50
N GLY A 64 -8.31 -10.00 -10.50
CA GLY A 64 -8.76 -11.24 -11.06
C GLY A 64 -8.83 -12.34 -10.02
N ILE A 65 -7.77 -13.15 -9.95
CA ILE A 65 -7.83 -14.37 -9.16
C ILE A 65 -6.48 -14.74 -8.52
N ASN A 66 -5.53 -15.15 -9.36
CA ASN A 66 -4.23 -15.61 -8.91
C ASN A 66 -3.16 -14.60 -9.30
N MET A 67 -1.93 -15.07 -9.53
CA MET A 67 -0.85 -14.20 -10.00
C MET A 67 -1.27 -13.35 -11.20
N LYS A 68 -2.27 -13.82 -11.94
CA LYS A 68 -2.83 -13.06 -13.04
C LYS A 68 -3.82 -12.04 -12.50
N PHE A 69 -3.65 -10.78 -12.91
CA PHE A 69 -4.44 -9.66 -12.40
C PHE A 69 -4.12 -9.42 -10.91
N PHE A 70 -2.84 -9.48 -10.58
CA PHE A 70 -2.37 -9.42 -9.21
C PHE A 70 -1.09 -8.60 -9.07
N THR A 71 -0.78 -8.24 -7.83
CA THR A 71 0.55 -7.79 -7.44
C THR A 71 0.63 -7.68 -5.92
N GLU A 72 1.74 -8.12 -5.37
CA GLU A 72 1.92 -8.11 -3.93
C GLU A 72 2.85 -6.97 -3.53
N VAL A 73 2.28 -5.94 -2.93
CA VAL A 73 3.08 -4.79 -2.53
C VAL A 73 3.22 -4.77 -1.02
N GLU A 74 4.43 -5.03 -0.56
CA GLU A 74 4.74 -5.01 0.86
C GLU A 74 4.56 -3.61 1.42
N ALA A 75 3.34 -3.32 1.88
CA ALA A 75 2.92 -2.01 2.39
C ALA A 75 4.04 -1.23 3.03
N TYR A 76 4.76 -1.86 3.96
CA TYR A 76 5.82 -1.12 4.61
C TYR A 76 6.99 -1.97 5.11
N ARG A 77 8.18 -1.49 4.77
CA ARG A 77 9.45 -2.00 5.26
C ARG A 77 10.39 -0.79 5.46
N PRO A 78 11.64 -0.94 5.98
CA PRO A 78 12.46 0.19 6.55
C PRO A 78 12.81 1.36 5.60
N ASP A 79 12.20 1.42 4.43
CA ASP A 79 12.30 2.59 3.56
C ASP A 79 11.26 3.60 4.00
N LEU A 80 11.18 4.73 3.29
CA LEU A 80 10.68 6.06 3.76
C LEU A 80 10.01 6.21 5.14
N LYS A 81 10.25 5.28 6.08
CA LYS A 81 9.78 5.40 7.46
C LYS A 81 10.32 6.66 8.13
N HIS A 82 11.06 7.41 7.34
CA HIS A 82 11.48 8.78 7.63
C HIS A 82 10.32 9.60 8.24
N PRO A 83 10.61 10.75 8.89
CA PRO A 83 9.78 11.32 9.97
C PRO A 83 8.25 11.16 9.85
N LEU A 84 7.72 10.47 10.87
CA LEU A 84 6.30 10.33 11.18
C LEU A 84 6.25 9.62 12.52
N CYS A 85 5.10 9.06 12.91
CA CYS A 85 5.11 8.23 14.10
C CYS A 85 6.02 7.06 13.87
N GLY A 86 5.56 6.24 13.01
CA GLY A 86 6.34 5.10 12.58
C GLY A 86 6.94 5.28 11.20
N LYS A 87 6.09 5.61 10.23
CA LYS A 87 6.44 5.47 8.81
C LYS A 87 5.54 6.34 7.91
N ARG A 88 5.88 6.47 6.62
CA ARG A 88 5.08 7.25 5.65
C ARG A 88 5.24 6.72 4.20
N TYR A 89 4.21 6.09 3.63
CA TYR A 89 4.36 5.43 2.32
C TYR A 89 3.09 5.49 1.45
N GLU A 90 3.31 5.47 0.12
CA GLU A 90 2.24 5.34 -0.85
C GLU A 90 2.63 4.28 -1.89
N LEU A 91 1.71 3.38 -2.20
CA LEU A 91 1.89 2.47 -3.31
C LEU A 91 0.81 2.75 -4.31
N SER A 92 1.18 2.92 -5.56
CA SER A 92 0.22 3.29 -6.56
C SER A 92 0.37 2.46 -7.80
N ALA A 93 -0.75 1.95 -8.26
CA ALA A 93 -0.78 1.16 -9.45
C ALA A 93 -0.79 2.07 -10.64
N ARG A 94 0.36 2.24 -11.19
CA ARG A 94 0.56 3.27 -12.19
C ARG A 94 0.77 2.73 -13.55
N MET A 95 0.34 3.59 -14.44
CA MET A 95 0.49 3.50 -15.87
C MET A 95 1.48 2.40 -16.31
N ASP A 96 2.72 2.48 -15.84
CA ASP A 96 3.72 1.47 -16.16
C ASP A 96 3.74 0.36 -15.09
N ALA A 97 4.11 0.72 -13.87
CA ALA A 97 4.22 -0.27 -12.78
C ALA A 97 3.66 0.28 -11.49
N ILE A 98 3.72 -0.54 -10.48
CA ILE A 98 3.30 -0.20 -9.14
C ILE A 98 4.41 0.57 -8.44
N TYR A 99 4.08 1.76 -7.97
CA TYR A 99 5.06 2.60 -7.29
C TYR A 99 5.07 2.26 -5.81
N PHE A 100 6.21 2.49 -5.18
CA PHE A 100 6.44 2.03 -3.83
C PHE A 100 7.13 3.10 -2.99
N LYS A 101 6.62 4.31 -3.04
CA LYS A 101 7.17 5.41 -2.25
C LYS A 101 6.12 6.48 -1.97
N MET A 102 6.29 7.19 -0.86
CA MET A 102 5.47 8.35 -0.56
C MET A 102 6.03 9.56 -1.29
N ASP A 103 5.17 10.37 -1.90
CA ASP A 103 5.63 11.53 -2.64
C ASP A 103 5.97 12.67 -1.71
N GLU A 104 7.03 13.35 -2.10
CA GLU A 104 7.76 14.32 -1.27
C GLU A 104 9.18 14.27 -1.79
N ARG A 105 9.50 13.10 -2.28
CA ARG A 105 10.81 12.78 -2.81
C ARG A 105 10.58 11.88 -4.03
N PRO A 106 11.44 11.95 -5.05
CA PRO A 106 11.25 11.19 -6.29
C PRO A 106 11.06 9.70 -6.03
N PRO A 107 9.89 9.15 -6.41
CA PRO A 107 9.58 7.73 -6.24
C PRO A 107 10.10 6.89 -7.40
N GLN A 108 9.80 5.61 -7.37
CA GLN A 108 10.23 4.70 -8.43
C GLN A 108 9.29 3.51 -8.55
N PRO A 109 9.15 2.97 -9.76
CA PRO A 109 8.44 1.70 -10.00
C PRO A 109 9.16 0.55 -9.32
N LEU A 110 8.47 -0.14 -8.43
CA LEU A 110 9.11 -1.18 -7.64
C LEU A 110 8.33 -2.48 -7.69
N ASN A 111 7.16 -2.45 -8.29
CA ASN A 111 6.32 -3.64 -8.36
C ASN A 111 5.49 -3.49 -9.59
N LYS A 112 4.79 -4.52 -10.01
CA LYS A 112 4.06 -4.43 -11.22
C LYS A 112 2.75 -5.16 -11.16
N TRP A 113 1.72 -4.46 -11.56
CA TRP A 113 0.40 -5.01 -11.63
C TRP A 113 0.29 -5.93 -12.83
N ARG A 114 -0.81 -6.62 -12.95
CA ARG A 114 -0.91 -7.73 -13.87
C ARG A 114 -2.15 -7.69 -14.71
N SER A 115 -2.97 -6.79 -14.32
CA SER A 115 -4.26 -6.58 -14.94
C SER A 115 -4.15 -5.86 -16.28
N ALA A 1 11.02 9.39 13.91
CA ALA A 1 10.40 9.47 15.26
C ALA A 1 10.71 8.23 16.06
N MET A 2 11.05 8.42 17.33
CA MET A 2 11.33 7.30 18.22
C MET A 2 10.03 6.80 18.83
N GLY A 3 9.63 5.60 18.44
CA GLY A 3 8.36 5.05 18.88
C GLY A 3 7.40 4.93 17.73
N CYS A 4 6.25 4.33 17.98
CA CYS A 4 5.26 4.18 16.93
C CYS A 4 4.02 4.99 17.22
N LYS A 5 3.18 5.11 16.20
CA LYS A 5 2.15 6.11 16.16
C LYS A 5 0.98 5.61 15.34
N GLU A 6 -0.09 6.38 15.27
CA GLU A 6 -1.17 6.08 14.37
C GLU A 6 -0.68 6.15 12.94
N ILE A 7 -0.49 4.98 12.37
CA ILE A 7 0.07 4.84 11.03
C ILE A 7 -1.05 4.60 10.03
N GLU A 8 -0.82 4.98 8.78
CA GLU A 8 -1.86 4.92 7.78
C GLU A 8 -1.41 4.04 6.64
N ILE A 9 -2.08 4.11 5.49
CA ILE A 9 -1.75 3.33 4.29
C ILE A 9 -1.91 4.23 3.05
N VAL A 10 -0.99 4.17 2.05
CA VAL A 10 -1.32 4.80 0.76
C VAL A 10 -1.32 3.79 -0.38
N ILE A 11 -2.51 3.57 -0.90
CA ILE A 11 -2.68 2.85 -2.12
C ILE A 11 -3.19 3.81 -3.19
N LYS A 12 -2.48 3.90 -4.31
CA LYS A 12 -2.96 4.68 -5.43
C LYS A 12 -3.07 3.82 -6.67
N ASN A 13 -3.91 4.25 -7.60
CA ASN A 13 -3.94 3.66 -8.92
C ASN A 13 -4.08 4.78 -9.92
N THR A 14 -3.29 4.73 -10.98
CA THR A 14 -3.36 5.76 -11.98
C THR A 14 -2.56 5.43 -13.24
N LEU A 15 -3.10 4.54 -14.07
CA LEU A 15 -2.65 4.48 -15.44
C LEU A 15 -3.38 5.56 -16.19
N GLY A 16 -4.58 5.77 -15.69
CA GLY A 16 -5.51 6.74 -16.20
C GLY A 16 -6.91 6.34 -15.80
N PRO A 17 -7.95 6.93 -16.39
CA PRO A 17 -9.34 6.64 -15.99
C PRO A 17 -9.69 5.15 -16.03
N SER A 18 -10.49 4.72 -15.06
CA SER A 18 -11.01 3.36 -14.99
C SER A 18 -9.94 2.32 -14.65
N ARG A 19 -8.90 2.73 -13.95
CA ARG A 19 -7.91 1.79 -13.41
C ARG A 19 -8.28 1.43 -11.99
N ILE A 20 -8.51 0.15 -11.73
CA ILE A 20 -8.99 -0.28 -10.42
C ILE A 20 -8.19 -1.49 -9.90
N LEU A 21 -7.74 -1.41 -8.65
CA LEU A 21 -7.23 -2.59 -7.96
C LEU A 21 -8.30 -3.06 -7.00
N GLN A 22 -8.42 -4.36 -6.81
CA GLN A 22 -9.06 -4.87 -5.65
C GLN A 22 -7.95 -5.14 -4.65
N TYR A 23 -7.72 -4.20 -3.75
CA TYR A 23 -6.54 -4.26 -2.94
C TYR A 23 -6.87 -4.78 -1.56
N HIS A 24 -6.26 -5.89 -1.23
CA HIS A 24 -6.43 -6.48 0.07
C HIS A 24 -5.26 -6.11 0.94
N CYS A 25 -5.45 -5.11 1.77
CA CYS A 25 -4.41 -4.74 2.69
C CYS A 25 -4.70 -5.30 4.06
N ARG A 26 -3.63 -5.45 4.84
CA ARG A 26 -3.71 -6.18 6.09
C ARG A 26 -2.80 -5.55 7.11
N SER A 27 -3.36 -5.14 8.24
CA SER A 27 -2.56 -4.65 9.33
C SER A 27 -1.61 -5.74 9.76
N GLY A 28 -0.42 -5.32 10.16
CA GLY A 28 0.64 -6.23 10.49
C GLY A 28 0.27 -7.22 11.58
N ASN A 29 -0.80 -6.90 12.31
CA ASN A 29 -1.32 -7.79 13.34
C ASN A 29 -2.85 -7.84 13.31
N THR A 30 -3.43 -7.44 12.19
CA THR A 30 -4.90 -7.35 12.07
C THR A 30 -5.35 -7.36 10.60
N ASN A 31 -6.05 -8.41 10.20
CA ASN A 31 -6.57 -8.50 8.83
C ASN A 31 -7.81 -7.62 8.67
N VAL A 32 -7.69 -6.57 7.86
CA VAL A 32 -8.78 -5.65 7.63
C VAL A 32 -8.59 -4.86 6.32
N GLY A 33 -9.35 -5.22 5.30
CA GLY A 33 -9.43 -4.37 4.13
C GLY A 33 -9.29 -5.09 2.81
N VAL A 34 -10.41 -5.27 2.13
CA VAL A 34 -10.39 -5.72 0.74
C VAL A 34 -11.28 -4.79 -0.09
N GLN A 35 -10.70 -3.72 -0.61
CA GLN A 35 -11.45 -2.67 -1.23
C GLN A 35 -10.94 -2.39 -2.64
N TYR A 36 -11.76 -1.79 -3.48
CA TYR A 36 -11.32 -1.35 -4.80
C TYR A 36 -10.85 0.10 -4.74
N LEU A 37 -10.04 0.49 -5.70
CA LEU A 37 -9.61 1.86 -5.82
C LEU A 37 -9.45 2.24 -7.28
N ASN A 38 -9.92 3.43 -7.63
CA ASN A 38 -9.85 3.90 -9.01
C ASN A 38 -8.66 4.83 -9.21
N PHE A 39 -8.57 5.34 -10.41
CA PHE A 39 -7.56 6.34 -10.79
C PHE A 39 -7.73 7.63 -9.98
N LYS A 40 -8.90 7.73 -9.38
CA LYS A 40 -9.28 8.86 -8.52
C LYS A 40 -8.10 9.42 -7.73
N GLY A 41 -7.46 8.57 -6.93
CA GLY A 41 -6.35 9.03 -6.13
C GLY A 41 -5.93 8.00 -5.11
N THR A 42 -5.39 8.48 -4.00
CA THR A 42 -4.93 7.61 -2.94
C THR A 42 -6.08 7.14 -2.06
N ARG A 43 -5.91 5.95 -1.51
CA ARG A 43 -6.90 5.37 -0.63
C ARG A 43 -6.21 5.15 0.69
N ILE A 44 -6.57 5.93 1.67
CA ILE A 44 -5.80 5.93 2.89
C ILE A 44 -6.55 5.32 4.04
N ILE A 45 -5.98 4.25 4.51
CA ILE A 45 -6.42 3.56 5.69
C ILE A 45 -5.63 4.03 6.89
N LYS A 46 -6.12 3.77 8.08
CA LYS A 46 -5.30 3.98 9.27
C LYS A 46 -5.61 2.96 10.35
N PHE A 47 -4.70 2.88 11.31
CA PHE A 47 -4.75 1.93 12.41
C PHE A 47 -3.65 2.35 13.34
N LYS A 48 -3.96 2.45 14.59
CA LYS A 48 -3.09 3.16 15.49
C LYS A 48 -2.43 2.23 16.48
N ASP A 49 -1.13 2.43 16.68
CA ASP A 49 -0.31 1.51 17.47
C ASP A 49 0.40 2.23 18.60
N ASP A 50 0.33 1.63 19.78
CA ASP A 50 1.10 2.08 20.94
C ASP A 50 1.65 0.89 21.71
N GLY A 51 1.42 -0.31 21.18
CA GLY A 51 1.87 -1.51 21.84
C GLY A 51 2.92 -2.25 21.03
N THR A 52 3.31 -1.62 19.93
CA THR A 52 4.30 -2.15 18.99
C THR A 52 3.90 -3.49 18.41
N GLU A 53 4.87 -4.20 17.84
CA GLU A 53 4.62 -5.39 17.07
C GLU A 53 3.48 -5.19 16.08
N ARG A 54 3.40 -3.98 15.54
CA ARG A 54 2.34 -3.63 14.61
C ARG A 54 2.54 -4.31 13.26
N SER A 55 3.81 -4.52 12.89
CA SER A 55 4.21 -5.27 11.69
C SER A 55 3.71 -4.67 10.38
N ARG A 56 2.90 -3.61 10.46
CA ARG A 56 2.55 -2.75 9.32
C ARG A 56 1.76 -3.47 8.22
N TRP A 57 1.21 -2.70 7.27
CA TRP A 57 0.27 -3.27 6.32
C TRP A 57 0.95 -3.62 5.02
N ASN A 58 0.51 -4.71 4.43
CA ASN A 58 0.89 -5.08 3.08
C ASN A 58 -0.37 -5.35 2.28
N CYS A 59 -0.48 -4.66 1.16
CA CYS A 59 -1.67 -4.70 0.33
C CYS A 59 -1.50 -5.70 -0.79
N LEU A 60 -2.60 -6.25 -1.29
CA LEU A 60 -2.54 -7.19 -2.37
C LEU A 60 -3.39 -6.65 -3.48
N PHE A 61 -2.78 -6.46 -4.62
CA PHE A 61 -3.50 -5.95 -5.74
C PHE A 61 -3.89 -7.13 -6.61
N ARG A 62 -5.05 -7.05 -7.23
CA ARG A 62 -5.48 -8.08 -8.17
C ARG A 62 -6.74 -7.60 -8.91
N GLN A 63 -7.12 -8.31 -9.95
CA GLN A 63 -8.35 -8.04 -10.68
C GLN A 63 -8.90 -9.37 -11.22
N GLY A 64 -9.18 -10.29 -10.29
CA GLY A 64 -9.63 -11.61 -10.67
C GLY A 64 -9.20 -12.66 -9.66
N ILE A 65 -8.95 -13.87 -10.13
CA ILE A 65 -8.47 -14.95 -9.28
C ILE A 65 -7.11 -14.60 -8.66
N ASN A 66 -7.02 -14.49 -7.35
CA ASN A 66 -5.70 -14.32 -6.79
C ASN A 66 -5.21 -15.60 -6.13
N MET A 67 -4.88 -16.56 -6.98
CA MET A 67 -3.85 -17.53 -6.69
C MET A 67 -2.62 -17.08 -7.46
N LYS A 68 -2.94 -16.36 -8.54
CA LYS A 68 -1.98 -15.90 -9.52
C LYS A 68 -2.33 -14.48 -9.93
N PHE A 69 -1.45 -13.86 -10.71
CA PHE A 69 -1.70 -12.53 -11.27
C PHE A 69 -1.74 -11.43 -10.21
N PHE A 70 -1.27 -10.25 -10.61
CA PHE A 70 -1.34 -9.05 -9.78
C PHE A 70 -0.35 -9.10 -8.61
N THR A 71 -0.18 -7.99 -7.90
CA THR A 71 1.02 -7.80 -7.09
C THR A 71 0.69 -7.48 -5.62
N GLU A 72 1.51 -8.01 -4.72
CA GLU A 72 1.40 -7.67 -3.31
C GLU A 72 2.43 -6.59 -2.97
N VAL A 73 1.96 -5.45 -2.46
CA VAL A 73 2.84 -4.33 -2.20
C VAL A 73 2.55 -3.69 -0.83
N GLU A 74 3.46 -2.86 -0.35
CA GLU A 74 3.33 -2.19 0.95
C GLU A 74 2.21 -1.17 0.99
N ALA A 75 2.12 -0.49 2.13
CA ALA A 75 0.96 0.29 2.44
C ALA A 75 1.23 1.80 2.60
N TYR A 76 1.82 2.19 3.73
CA TYR A 76 1.75 3.64 4.18
C TYR A 76 2.70 4.60 3.42
N ARG A 77 2.66 5.91 3.72
CA ARG A 77 3.42 6.92 2.95
C ARG A 77 4.78 7.20 3.58
N PRO A 78 5.87 6.98 2.83
CA PRO A 78 7.25 7.02 3.34
C PRO A 78 7.83 8.43 3.46
N ASP A 79 7.04 9.36 3.94
CA ASP A 79 7.53 10.69 4.22
C ASP A 79 8.31 10.69 5.52
N LEU A 80 9.63 10.64 5.42
CA LEU A 80 10.51 10.52 6.58
C LEU A 80 10.53 11.83 7.36
N LYS A 81 9.95 12.85 6.77
CA LYS A 81 9.95 14.17 7.36
C LYS A 81 8.81 14.35 8.36
N HIS A 82 7.76 13.54 8.24
CA HIS A 82 6.65 13.62 9.17
C HIS A 82 6.77 12.50 10.21
N PRO A 83 6.71 12.85 11.50
CA PRO A 83 6.95 11.89 12.58
C PRO A 83 5.78 10.94 12.84
N LEU A 84 6.05 9.65 12.64
CA LEU A 84 5.13 8.57 13.02
C LEU A 84 5.98 7.33 13.30
N CYS A 85 5.35 6.16 13.39
CA CYS A 85 6.09 4.91 13.48
C CYS A 85 6.91 4.72 12.20
N GLY A 86 7.95 3.91 12.29
CA GLY A 86 8.95 3.84 11.23
C GLY A 86 8.52 2.98 10.07
N LYS A 87 7.23 2.72 9.94
CA LYS A 87 6.71 1.87 8.89
C LYS A 87 5.81 2.64 7.95
N ARG A 88 6.31 2.88 6.76
CA ARG A 88 5.62 3.66 5.75
C ARG A 88 6.14 3.33 4.35
N TYR A 89 5.28 2.82 3.43
CA TYR A 89 5.78 2.44 2.08
C TYR A 89 4.65 2.58 1.04
N GLU A 90 4.69 3.65 0.25
CA GLU A 90 3.62 4.03 -0.64
C GLU A 90 3.77 3.39 -2.00
N LEU A 91 2.70 2.82 -2.52
CA LEU A 91 2.70 2.29 -3.87
C LEU A 91 1.53 2.85 -4.65
N SER A 92 1.71 2.97 -5.93
CA SER A 92 0.61 3.32 -6.80
C SER A 92 0.68 2.50 -8.05
N ALA A 93 -0.45 1.93 -8.39
CA ALA A 93 -0.53 1.12 -9.55
C ALA A 93 -0.64 2.00 -10.76
N ARG A 94 0.45 2.13 -11.44
CA ARG A 94 0.57 3.18 -12.43
C ARG A 94 0.87 2.67 -13.79
N MET A 95 0.42 3.51 -14.69
CA MET A 95 0.59 3.44 -16.13
C MET A 95 1.57 2.34 -16.60
N ASP A 96 2.84 2.47 -16.22
CA ASP A 96 3.85 1.49 -16.64
C ASP A 96 3.98 0.36 -15.61
N ALA A 97 4.33 0.70 -14.39
CA ALA A 97 4.46 -0.28 -13.33
C ALA A 97 3.96 0.28 -12.02
N ILE A 98 4.02 -0.56 -11.01
CA ILE A 98 3.65 -0.19 -9.67
C ILE A 98 4.74 0.67 -9.06
N TYR A 99 4.35 1.90 -8.79
CA TYR A 99 5.23 2.92 -8.25
C TYR A 99 5.64 2.53 -6.85
N PHE A 100 6.92 2.31 -6.64
CA PHE A 100 7.42 1.87 -5.36
C PHE A 100 8.26 2.98 -4.75
N LYS A 101 7.95 3.34 -3.52
CA LYS A 101 8.65 4.43 -2.89
C LYS A 101 8.96 4.18 -1.43
N MET A 102 10.25 4.17 -1.18
CA MET A 102 10.84 4.30 0.15
C MET A 102 12.32 4.54 -0.07
N ASP A 103 12.62 5.77 -0.41
CA ASP A 103 13.91 6.10 -0.98
C ASP A 103 14.60 7.23 -0.26
N GLU A 104 15.77 7.56 -0.76
CA GLU A 104 16.47 8.78 -0.40
C GLU A 104 16.19 9.83 -1.48
N ARG A 105 15.84 9.33 -2.67
CA ARG A 105 15.71 10.14 -3.86
C ARG A 105 14.33 9.89 -4.51
N PRO A 106 14.05 10.40 -5.75
CA PRO A 106 12.78 10.13 -6.44
C PRO A 106 12.41 8.65 -6.50
N PRO A 107 11.09 8.35 -6.49
CA PRO A 107 10.55 6.98 -6.48
C PRO A 107 10.90 6.19 -7.74
N GLN A 108 10.73 4.87 -7.67
CA GLN A 108 11.02 4.01 -8.80
C GLN A 108 9.92 2.96 -9.01
N PRO A 109 9.43 2.84 -10.24
CA PRO A 109 8.59 1.71 -10.66
C PRO A 109 9.31 0.38 -10.39
N LEU A 110 8.91 -0.32 -9.34
CA LEU A 110 9.66 -1.48 -8.89
C LEU A 110 8.78 -2.72 -8.75
N ASN A 111 7.53 -2.58 -9.11
CA ASN A 111 6.58 -3.69 -9.03
C ASN A 111 5.68 -3.52 -10.21
N LYS A 112 4.86 -4.50 -10.52
CA LYS A 112 3.93 -4.31 -11.60
C LYS A 112 2.60 -4.92 -11.27
N TRP A 113 1.59 -4.30 -11.81
CA TRP A 113 0.24 -4.73 -11.65
C TRP A 113 -0.07 -5.81 -12.69
N ARG A 114 -0.72 -6.87 -12.21
CA ARG A 114 -1.01 -8.09 -13.00
C ARG A 114 0.23 -8.66 -13.69
N SER A 115 -0.01 -9.65 -14.53
CA SER A 115 1.06 -10.32 -15.25
C SER A 115 1.03 -9.89 -16.71
N ALA A 1 11.19 4.13 16.54
CA ALA A 1 11.41 5.60 16.54
C ALA A 1 10.66 6.24 17.68
N MET A 2 11.09 7.41 18.11
CA MET A 2 10.42 8.12 19.19
C MET A 2 9.27 8.98 18.65
N GLY A 3 8.16 8.97 19.36
CA GLY A 3 6.99 9.73 18.94
C GLY A 3 6.45 9.26 17.61
N CYS A 4 5.81 8.11 17.62
CA CYS A 4 5.34 7.52 16.39
C CYS A 4 3.88 7.87 16.12
N LYS A 5 3.59 8.07 14.85
CA LYS A 5 2.25 8.44 14.41
C LYS A 5 1.43 7.24 14.01
N GLU A 6 0.16 7.49 13.76
CA GLU A 6 -0.70 6.54 13.14
C GLU A 6 -0.34 6.49 11.66
N ILE A 7 0.12 5.35 11.21
CA ILE A 7 0.64 5.26 9.86
C ILE A 7 -0.50 5.20 8.84
N GLU A 8 -0.26 5.75 7.64
CA GLU A 8 -1.31 5.89 6.65
C GLU A 8 -0.89 5.28 5.33
N ILE A 9 -1.52 4.16 5.00
CA ILE A 9 -1.15 3.33 3.86
C ILE A 9 -1.84 3.82 2.60
N VAL A 10 -1.09 4.34 1.63
CA VAL A 10 -1.75 4.88 0.44
C VAL A 10 -1.69 3.91 -0.73
N ILE A 11 -2.85 3.53 -1.19
CA ILE A 11 -2.98 2.75 -2.40
C ILE A 11 -3.40 3.66 -3.52
N LYS A 12 -2.59 3.68 -4.55
CA LYS A 12 -2.82 4.53 -5.70
C LYS A 12 -2.93 3.65 -6.94
N ASN A 13 -3.71 4.07 -7.91
CA ASN A 13 -3.74 3.44 -9.21
C ASN A 13 -4.15 4.49 -10.21
N THR A 14 -3.27 4.82 -11.13
CA THR A 14 -3.46 6.00 -11.92
C THR A 14 -2.79 5.92 -13.28
N LEU A 15 -3.55 5.51 -14.27
CA LEU A 15 -3.16 5.63 -15.65
C LEU A 15 -4.06 6.64 -16.32
N GLY A 16 -5.33 6.56 -15.95
CA GLY A 16 -6.39 7.31 -16.60
C GLY A 16 -7.73 6.68 -16.32
N PRO A 17 -8.77 7.00 -17.10
CA PRO A 17 -10.16 6.60 -16.80
C PRO A 17 -10.32 5.10 -16.53
N SER A 18 -11.00 4.78 -15.42
CA SER A 18 -11.36 3.41 -15.07
C SER A 18 -10.15 2.57 -14.66
N ARG A 19 -9.17 3.21 -14.03
CA ARG A 19 -8.04 2.48 -13.47
C ARG A 19 -8.33 2.09 -12.04
N ILE A 20 -8.63 0.81 -11.84
CA ILE A 20 -9.05 0.29 -10.54
C ILE A 20 -8.22 -0.94 -10.17
N LEU A 21 -7.61 -0.92 -8.99
CA LEU A 21 -6.96 -2.11 -8.43
C LEU A 21 -7.46 -2.31 -7.01
N GLN A 22 -7.80 -3.55 -6.67
CA GLN A 22 -8.30 -3.85 -5.35
C GLN A 22 -7.19 -4.43 -4.49
N TYR A 23 -6.85 -3.72 -3.44
CA TYR A 23 -5.75 -4.13 -2.56
C TYR A 23 -6.27 -4.84 -1.33
N HIS A 24 -5.60 -5.92 -0.96
CA HIS A 24 -5.86 -6.61 0.30
C HIS A 24 -4.64 -6.54 1.18
N CYS A 25 -4.63 -5.63 2.13
CA CYS A 25 -3.45 -5.47 2.97
C CYS A 25 -3.50 -6.31 4.23
N ARG A 26 -2.57 -7.27 4.28
CA ARG A 26 -2.40 -8.19 5.42
C ARG A 26 -0.99 -8.79 5.50
N SER A 27 -0.12 -8.20 6.33
CA SER A 27 1.21 -8.74 6.73
C SER A 27 1.89 -7.73 7.66
N GLY A 28 1.89 -7.96 8.95
CA GLY A 28 2.49 -6.99 9.83
C GLY A 28 1.70 -6.70 11.09
N ASN A 29 0.88 -5.65 11.05
CA ASN A 29 0.35 -5.09 12.30
C ASN A 29 -1.18 -5.13 12.43
N THR A 30 -1.96 -5.01 11.34
CA THR A 30 -3.43 -4.88 11.51
C THR A 30 -4.20 -5.32 10.26
N ASN A 31 -5.07 -6.31 10.40
CA ASN A 31 -5.83 -6.83 9.26
C ASN A 31 -6.67 -5.71 8.63
N VAL A 32 -6.24 -5.24 7.46
CA VAL A 32 -6.90 -4.12 6.81
C VAL A 32 -8.19 -4.54 6.12
N GLY A 33 -8.06 -5.37 5.08
CA GLY A 33 -9.21 -5.77 4.33
C GLY A 33 -8.95 -5.65 2.86
N VAL A 34 -10.00 -5.53 2.08
CA VAL A 34 -9.88 -5.61 0.63
C VAL A 34 -10.75 -4.55 -0.02
N GLN A 35 -10.12 -3.56 -0.67
CA GLN A 35 -10.81 -2.44 -1.21
C GLN A 35 -10.15 -1.99 -2.52
N TYR A 36 -10.91 -1.39 -3.44
CA TYR A 36 -10.36 -0.91 -4.70
C TYR A 36 -10.35 0.61 -4.77
N LEU A 37 -9.50 1.16 -5.63
CA LEU A 37 -9.39 2.61 -5.79
C LEU A 37 -9.47 3.01 -7.25
N ASN A 38 -9.94 4.23 -7.48
CA ASN A 38 -10.09 4.76 -8.83
C ASN A 38 -8.93 5.69 -9.19
N PHE A 39 -8.73 5.91 -10.47
CA PHE A 39 -7.78 6.89 -10.95
C PHE A 39 -8.27 8.29 -10.57
N LYS A 40 -7.33 9.21 -10.32
CA LYS A 40 -7.61 10.52 -9.72
C LYS A 40 -7.89 10.37 -8.23
N GLY A 41 -7.80 9.14 -7.74
CA GLY A 41 -8.11 8.88 -6.38
C GLY A 41 -7.05 8.03 -5.70
N THR A 42 -7.11 8.04 -4.40
CA THR A 42 -6.25 7.26 -3.54
C THR A 42 -7.11 6.48 -2.56
N ARG A 43 -6.58 5.44 -1.97
CA ARG A 43 -7.26 4.72 -0.92
C ARG A 43 -6.30 4.54 0.22
N ILE A 44 -6.54 5.27 1.28
CA ILE A 44 -5.58 5.35 2.34
C ILE A 44 -6.10 4.68 3.58
N ILE A 45 -5.24 3.90 4.18
CA ILE A 45 -5.53 3.21 5.40
C ILE A 45 -4.89 3.93 6.56
N LYS A 46 -5.39 3.71 7.75
CA LYS A 46 -4.75 4.20 8.94
C LYS A 46 -4.96 3.23 10.09
N PHE A 47 -3.97 3.15 10.96
CA PHE A 47 -3.93 2.15 12.01
C PHE A 47 -2.87 2.57 12.98
N LYS A 48 -3.30 2.83 14.19
CA LYS A 48 -2.44 3.39 15.18
C LYS A 48 -2.26 2.41 16.33
N ASP A 49 -2.79 1.22 16.09
CA ASP A 49 -2.81 0.12 17.04
C ASP A 49 -3.26 -1.13 16.29
N ASP A 50 -3.88 -2.07 16.98
CA ASP A 50 -4.33 -3.31 16.37
C ASP A 50 -5.46 -3.93 17.13
N GLY A 51 -6.64 -3.83 16.56
CA GLY A 51 -7.82 -4.46 17.13
C GLY A 51 -8.20 -5.72 16.37
N THR A 52 -7.30 -6.19 15.51
CA THR A 52 -7.55 -7.39 14.73
C THR A 52 -6.75 -8.56 15.29
N GLU A 53 -7.03 -9.76 14.80
CA GLU A 53 -6.33 -10.94 15.28
C GLU A 53 -5.33 -11.48 14.25
N ARG A 54 -5.59 -11.22 12.97
CA ARG A 54 -4.61 -11.56 11.94
C ARG A 54 -3.48 -10.55 12.02
N SER A 55 -3.88 -9.29 12.19
CA SER A 55 -2.97 -8.22 12.59
C SER A 55 -1.84 -8.04 11.61
N ARG A 56 -2.13 -7.50 10.42
CA ARG A 56 -1.11 -7.42 9.44
C ARG A 56 -1.47 -6.57 8.19
N TRP A 57 -0.47 -5.84 7.58
CA TRP A 57 -0.66 -5.16 6.28
C TRP A 57 0.49 -5.36 5.27
N ASN A 58 0.27 -6.27 4.34
CA ASN A 58 0.94 -6.26 3.04
C ASN A 58 -0.16 -6.22 2.00
N CYS A 59 -0.12 -5.28 1.09
CA CYS A 59 -1.27 -5.02 0.24
C CYS A 59 -1.18 -5.83 -1.04
N LEU A 60 -2.26 -6.50 -1.36
CA LEU A 60 -2.28 -7.43 -2.46
C LEU A 60 -3.22 -6.89 -3.48
N PHE A 61 -2.75 -6.70 -4.68
CA PHE A 61 -3.55 -6.06 -5.69
C PHE A 61 -4.19 -7.10 -6.56
N ARG A 62 -5.51 -7.09 -6.62
CA ARG A 62 -6.24 -8.05 -7.42
C ARG A 62 -7.32 -7.32 -8.21
N GLN A 63 -7.67 -7.82 -9.39
CA GLN A 63 -8.69 -7.17 -10.20
C GLN A 63 -10.07 -7.75 -9.90
N GLY A 64 -10.32 -8.07 -8.65
CA GLY A 64 -11.59 -8.67 -8.27
C GLY A 64 -11.58 -10.16 -8.47
N ILE A 65 -10.39 -10.71 -8.57
CA ILE A 65 -10.20 -12.09 -8.95
C ILE A 65 -8.92 -12.63 -8.29
N ASN A 66 -8.61 -13.90 -8.47
CA ASN A 66 -7.45 -14.54 -7.86
C ASN A 66 -6.12 -13.93 -8.32
N MET A 67 -5.06 -14.74 -8.34
CA MET A 67 -3.71 -14.29 -8.68
C MET A 67 -3.60 -13.71 -10.10
N LYS A 68 -4.69 -13.65 -10.83
CA LYS A 68 -4.72 -12.96 -12.11
C LYS A 68 -4.93 -11.46 -11.88
N PHE A 69 -4.13 -10.65 -12.57
CA PHE A 69 -4.10 -9.20 -12.34
C PHE A 69 -3.72 -8.91 -10.89
N PHE A 70 -2.66 -9.56 -10.43
CA PHE A 70 -2.29 -9.56 -9.02
C PHE A 70 -0.90 -8.99 -8.80
N THR A 71 -0.67 -8.51 -7.59
CA THR A 71 0.66 -8.11 -7.13
C THR A 71 0.66 -7.94 -5.62
N GLU A 72 1.84 -7.99 -5.01
CA GLU A 72 1.93 -7.84 -3.59
C GLU A 72 2.88 -6.70 -3.22
N VAL A 73 2.35 -5.73 -2.51
CA VAL A 73 3.12 -4.56 -2.12
C VAL A 73 3.09 -4.39 -0.61
N GLU A 74 4.22 -4.66 0.04
CA GLU A 74 4.29 -4.63 1.49
C GLU A 74 4.05 -3.23 2.02
N ALA A 75 3.16 -3.14 2.99
CA ALA A 75 2.89 -1.89 3.66
C ALA A 75 3.87 -1.69 4.79
N TYR A 76 3.76 -2.50 5.85
CA TYR A 76 4.55 -2.24 7.04
C TYR A 76 4.28 -3.29 8.14
N ARG A 77 5.29 -3.49 8.98
CA ARG A 77 5.23 -4.48 10.05
C ARG A 77 5.40 -3.79 11.42
N PRO A 78 5.08 -4.49 12.53
CA PRO A 78 5.18 -3.91 13.87
C PRO A 78 6.56 -4.11 14.48
N ASP A 79 7.49 -3.28 14.05
CA ASP A 79 8.87 -3.37 14.49
C ASP A 79 9.11 -2.60 15.79
N LEU A 80 10.07 -3.07 16.58
CA LEU A 80 10.56 -2.32 17.74
C LEU A 80 11.67 -1.38 17.27
N LYS A 81 12.07 -1.64 16.05
CA LYS A 81 13.00 -0.80 15.29
C LYS A 81 12.17 0.27 14.56
N HIS A 82 10.91 0.33 14.95
CA HIS A 82 9.80 0.96 14.20
C HIS A 82 10.24 2.20 13.42
N PRO A 83 10.46 2.02 12.10
CA PRO A 83 10.74 3.10 11.16
C PRO A 83 9.45 3.78 10.70
N LEU A 84 9.61 4.83 9.90
CA LEU A 84 8.50 5.65 9.45
C LEU A 84 7.98 6.49 10.60
N CYS A 85 6.92 6.00 11.18
CA CYS A 85 6.29 6.64 12.34
C CYS A 85 5.72 8.01 12.01
N GLY A 86 5.72 8.35 10.74
CA GLY A 86 4.96 9.49 10.28
C GLY A 86 3.72 9.05 9.55
N LYS A 87 3.93 8.27 8.48
CA LYS A 87 2.86 7.57 7.76
C LYS A 87 3.45 6.46 6.90
N ARG A 88 2.64 5.94 5.99
CA ARG A 88 3.06 4.93 5.06
C ARG A 88 3.21 5.54 3.67
N TYR A 89 3.99 4.87 2.85
CA TYR A 89 4.39 5.35 1.54
C TYR A 89 3.46 4.78 0.47
N GLU A 90 3.51 5.32 -0.74
CA GLU A 90 2.48 5.06 -1.73
C GLU A 90 2.79 3.87 -2.60
N LEU A 91 1.81 3.01 -2.73
CA LEU A 91 1.87 1.95 -3.71
C LEU A 91 0.88 2.26 -4.81
N SER A 92 1.40 2.57 -5.98
CA SER A 92 0.57 3.03 -7.08
C SER A 92 0.63 2.04 -8.21
N ALA A 93 -0.35 2.09 -9.09
CA ALA A 93 -0.46 1.06 -10.10
C ALA A 93 -0.59 1.62 -11.51
N ARG A 94 0.12 0.93 -12.41
CA ARG A 94 0.12 1.12 -13.87
C ARG A 94 0.26 2.51 -14.44
N MET A 95 0.27 3.50 -13.61
CA MET A 95 0.98 4.72 -13.92
C MET A 95 2.31 4.38 -14.65
N ASP A 96 2.79 3.18 -14.34
CA ASP A 96 4.08 2.63 -14.75
C ASP A 96 4.53 1.67 -13.66
N ALA A 97 4.05 0.41 -13.74
CA ALA A 97 4.31 -0.59 -12.70
C ALA A 97 3.64 -0.19 -11.41
N ILE A 98 4.05 -0.82 -10.34
CA ILE A 98 3.53 -0.58 -9.02
C ILE A 98 4.58 0.16 -8.18
N TYR A 99 4.19 1.27 -7.57
CA TYR A 99 5.08 2.02 -6.70
C TYR A 99 5.11 1.36 -5.33
N PHE A 100 6.17 1.59 -4.57
CA PHE A 100 6.29 0.94 -3.27
C PHE A 100 6.51 1.95 -2.15
N LYS A 101 6.69 3.17 -2.57
CA LYS A 101 7.11 4.27 -1.70
C LYS A 101 6.58 5.59 -2.25
N MET A 102 6.47 6.64 -1.44
CA MET A 102 5.89 7.89 -1.92
C MET A 102 6.91 9.03 -1.88
N ASP A 103 7.69 9.17 -2.93
CA ASP A 103 8.55 10.34 -3.14
C ASP A 103 8.29 10.96 -4.51
N GLU A 104 9.13 11.90 -4.90
CA GLU A 104 9.02 12.50 -6.23
C GLU A 104 9.97 11.83 -7.23
N ARG A 105 11.21 12.27 -7.28
CA ARG A 105 12.23 11.67 -8.13
C ARG A 105 12.79 10.38 -7.49
N PRO A 106 13.02 10.39 -6.15
CA PRO A 106 13.14 9.16 -5.34
C PRO A 106 11.91 8.23 -5.55
N PRO A 107 11.63 7.21 -4.66
CA PRO A 107 10.66 6.13 -4.86
C PRO A 107 9.67 6.23 -6.02
N GLN A 108 9.61 5.14 -6.76
CA GLN A 108 8.98 5.06 -8.06
C GLN A 108 8.47 3.64 -8.27
N PRO A 109 7.96 3.30 -9.48
CA PRO A 109 7.73 1.92 -9.91
C PRO A 109 8.76 0.94 -9.34
N LEU A 110 8.31 0.09 -8.44
CA LEU A 110 9.20 -0.84 -7.76
C LEU A 110 8.68 -2.26 -7.82
N ASN A 111 7.43 -2.39 -8.21
CA ASN A 111 6.78 -3.67 -8.32
C ASN A 111 6.01 -3.61 -9.61
N LYS A 112 5.41 -4.69 -10.01
CA LYS A 112 4.58 -4.65 -11.18
C LYS A 112 3.38 -5.55 -11.01
N TRP A 113 2.26 -5.07 -11.48
CA TRP A 113 1.05 -5.83 -11.43
C TRP A 113 1.02 -6.85 -12.55
N ARG A 114 -0.02 -7.64 -12.56
CA ARG A 114 -0.13 -8.75 -13.49
C ARG A 114 -1.46 -8.75 -14.20
N SER A 115 -1.71 -9.81 -14.94
CA SER A 115 -2.94 -9.94 -15.69
C SER A 115 -3.17 -11.39 -16.07
N ALA A 1 1.15 5.91 17.26
CA ALA A 1 2.32 5.13 17.73
C ALA A 1 2.95 5.77 18.97
N MET A 2 2.18 5.79 20.06
CA MET A 2 2.64 6.30 21.36
C MET A 2 3.21 7.71 21.23
N GLY A 3 2.34 8.65 20.91
CA GLY A 3 2.76 10.03 20.73
C GLY A 3 3.06 10.34 19.28
N CYS A 4 3.51 9.33 18.57
CA CYS A 4 3.78 9.43 17.15
C CYS A 4 2.49 9.30 16.35
N LYS A 5 2.48 9.93 15.17
CA LYS A 5 1.31 9.97 14.28
C LYS A 5 0.71 8.60 13.97
N GLU A 6 -0.46 8.65 13.35
CA GLU A 6 -1.03 7.49 12.70
C GLU A 6 -0.20 7.15 11.49
N ILE A 7 0.35 5.97 11.46
CA ILE A 7 1.12 5.56 10.29
C ILE A 7 0.17 4.99 9.25
N GLU A 8 -0.04 5.76 8.20
CA GLU A 8 -1.02 5.41 7.21
C GLU A 8 -0.39 5.07 5.87
N ILE A 9 -1.09 4.28 5.08
CA ILE A 9 -0.56 3.74 3.87
C ILE A 9 -1.49 4.00 2.68
N VAL A 10 -0.90 4.41 1.57
CA VAL A 10 -1.64 4.88 0.41
C VAL A 10 -1.60 3.88 -0.74
N ILE A 11 -2.77 3.61 -1.30
CA ILE A 11 -2.89 2.88 -2.55
C ILE A 11 -3.38 3.86 -3.60
N LYS A 12 -2.58 4.09 -4.63
CA LYS A 12 -2.88 5.13 -5.62
C LYS A 12 -3.19 4.52 -6.98
N ASN A 13 -3.65 5.39 -7.90
CA ASN A 13 -4.28 4.95 -9.13
C ASN A 13 -3.34 4.87 -10.32
N THR A 14 -3.48 3.78 -11.06
CA THR A 14 -2.62 3.43 -12.15
C THR A 14 -2.35 4.55 -13.17
N LEU A 15 -3.14 4.60 -14.20
CA LEU A 15 -2.91 5.52 -15.28
C LEU A 15 -3.76 6.80 -15.15
N GLY A 16 -5.09 6.61 -15.06
CA GLY A 16 -6.03 7.71 -15.26
C GLY A 16 -7.45 7.23 -15.59
N PRO A 17 -7.68 6.66 -16.81
CA PRO A 17 -8.98 6.08 -17.22
C PRO A 17 -9.02 4.53 -17.25
N SER A 18 -9.90 3.94 -16.42
CA SER A 18 -10.11 2.47 -16.36
C SER A 18 -8.87 1.66 -15.89
N ARG A 19 -8.70 1.51 -14.56
CA ARG A 19 -7.62 0.70 -13.97
C ARG A 19 -7.77 0.63 -12.46
N ILE A 20 -9.01 0.68 -12.03
CA ILE A 20 -9.36 0.47 -10.61
C ILE A 20 -8.85 -0.89 -10.15
N LEU A 21 -7.93 -0.88 -9.20
CA LEU A 21 -7.33 -2.10 -8.70
C LEU A 21 -7.77 -2.37 -7.27
N GLN A 22 -8.13 -3.60 -6.97
CA GLN A 22 -8.59 -3.97 -5.65
C GLN A 22 -7.43 -4.50 -4.85
N TYR A 23 -7.16 -3.88 -3.72
CA TYR A 23 -6.02 -4.27 -2.91
C TYR A 23 -6.50 -4.97 -1.66
N HIS A 24 -5.79 -6.00 -1.27
CA HIS A 24 -6.03 -6.66 -0.01
C HIS A 24 -4.80 -6.57 0.88
N CYS A 25 -4.82 -5.62 1.79
CA CYS A 25 -3.72 -5.43 2.72
C CYS A 25 -3.96 -6.16 4.05
N ARG A 26 -3.07 -7.08 4.34
CA ARG A 26 -3.10 -7.86 5.58
C ARG A 26 -1.68 -8.36 5.94
N SER A 27 -1.18 -8.06 7.14
CA SER A 27 0.05 -8.70 7.65
C SER A 27 0.28 -8.32 9.12
N GLY A 28 -0.14 -9.20 10.01
CA GLY A 28 -0.08 -8.91 11.43
C GLY A 28 -1.28 -9.51 12.17
N ASN A 29 -2.23 -8.66 12.51
CA ASN A 29 -3.44 -9.10 13.24
C ASN A 29 -4.57 -8.04 13.13
N THR A 30 -4.72 -7.44 11.96
CA THR A 30 -5.84 -6.53 11.68
C THR A 30 -6.26 -6.62 10.22
N ASN A 31 -7.28 -7.41 9.95
CA ASN A 31 -7.67 -7.71 8.58
C ASN A 31 -8.68 -6.70 8.08
N VAL A 32 -8.20 -5.60 7.50
CA VAL A 32 -9.07 -4.50 7.12
C VAL A 32 -8.64 -3.93 5.75
N GLY A 33 -7.93 -4.72 4.98
CA GLY A 33 -7.23 -4.18 3.85
C GLY A 33 -7.83 -4.48 2.50
N VAL A 34 -9.07 -4.94 2.42
CA VAL A 34 -9.66 -5.19 1.09
C VAL A 34 -10.57 -4.06 0.66
N GLN A 35 -10.13 -3.35 -0.36
CA GLN A 35 -10.90 -2.29 -0.98
C GLN A 35 -10.45 -2.13 -2.40
N TYR A 36 -11.25 -1.46 -3.18
CA TYR A 36 -10.85 -1.09 -4.51
C TYR A 36 -10.23 0.28 -4.47
N LEU A 37 -9.32 0.53 -5.35
CA LEU A 37 -8.74 1.82 -5.49
C LEU A 37 -9.28 2.43 -6.75
N ASN A 38 -10.11 3.45 -6.60
CA ASN A 38 -10.70 4.08 -7.75
C ASN A 38 -9.64 4.81 -8.53
N PHE A 39 -9.93 4.94 -9.78
CA PHE A 39 -8.96 5.34 -10.73
C PHE A 39 -9.02 6.84 -10.96
N LYS A 40 -8.42 7.56 -10.04
CA LYS A 40 -8.44 9.02 -10.07
C LYS A 40 -7.73 9.61 -8.84
N GLY A 41 -7.85 8.93 -7.70
CA GLY A 41 -7.27 9.47 -6.48
C GLY A 41 -6.59 8.43 -5.62
N THR A 42 -6.61 8.67 -4.32
CA THR A 42 -5.97 7.80 -3.33
C THR A 42 -7.00 7.02 -2.52
N ARG A 43 -6.54 5.93 -1.92
CA ARG A 43 -7.31 5.19 -0.95
C ARG A 43 -6.42 4.90 0.22
N ILE A 44 -6.69 5.53 1.34
CA ILE A 44 -5.72 5.56 2.42
C ILE A 44 -6.13 4.70 3.59
N ILE A 45 -5.25 3.78 3.89
CA ILE A 45 -5.34 2.97 5.07
C ILE A 45 -4.72 3.69 6.23
N LYS A 46 -5.09 3.33 7.43
CA LYS A 46 -4.44 3.91 8.60
C LYS A 46 -4.68 3.09 9.86
N PHE A 47 -3.77 3.23 10.81
CA PHE A 47 -3.98 2.77 12.18
C PHE A 47 -2.99 3.48 13.10
N LYS A 48 -3.49 3.96 14.24
CA LYS A 48 -2.72 4.83 15.12
C LYS A 48 -2.25 4.12 16.37
N ASP A 49 -2.95 3.08 16.69
CA ASP A 49 -2.81 2.41 17.97
C ASP A 49 -1.97 1.16 17.86
N ASP A 50 -1.07 0.98 18.83
CA ASP A 50 -0.20 -0.20 18.92
C ASP A 50 0.88 -0.20 17.85
N GLY A 51 0.49 -0.04 16.60
CA GLY A 51 1.44 0.14 15.55
C GLY A 51 2.07 -1.16 15.07
N THR A 52 1.96 -2.21 15.88
CA THR A 52 2.49 -3.50 15.47
C THR A 52 1.46 -4.33 14.71
N GLU A 53 1.10 -5.46 15.29
CA GLU A 53 0.17 -6.38 14.66
C GLU A 53 -1.23 -5.80 14.66
N ARG A 54 -1.41 -4.71 15.39
CA ARG A 54 -2.71 -4.03 15.43
C ARG A 54 -2.89 -3.16 14.20
N SER A 55 -1.89 -3.20 13.33
CA SER A 55 -1.96 -2.54 12.04
C SER A 55 -1.32 -3.44 10.99
N ARG A 56 -2.11 -4.35 10.46
CA ARG A 56 -1.60 -5.37 9.57
C ARG A 56 -1.98 -5.11 8.12
N TRP A 57 -0.96 -4.87 7.29
CA TRP A 57 -1.21 -4.54 5.90
C TRP A 57 -0.06 -4.90 4.96
N ASN A 58 -0.19 -6.01 4.28
CA ASN A 58 0.52 -6.26 3.05
C ASN A 58 -0.52 -6.31 1.94
N CYS A 59 -0.41 -5.45 0.94
CA CYS A 59 -1.51 -5.26 -0.01
C CYS A 59 -1.33 -6.17 -1.22
N LEU A 60 -2.44 -6.66 -1.74
CA LEU A 60 -2.42 -7.55 -2.86
C LEU A 60 -3.41 -7.02 -3.89
N PHE A 61 -2.92 -6.73 -5.09
CA PHE A 61 -3.72 -6.00 -6.08
C PHE A 61 -4.39 -6.94 -7.08
N ARG A 62 -5.70 -6.95 -7.11
CA ARG A 62 -6.45 -7.78 -8.06
C ARG A 62 -7.29 -6.85 -8.94
N GLN A 63 -7.87 -7.36 -10.02
CA GLN A 63 -8.82 -6.57 -10.80
C GLN A 63 -9.92 -7.45 -11.37
N GLY A 64 -9.58 -8.24 -12.38
CA GLY A 64 -10.58 -9.01 -13.08
C GLY A 64 -10.08 -10.37 -13.52
N ILE A 65 -9.57 -10.40 -14.74
CA ILE A 65 -9.07 -11.61 -15.37
C ILE A 65 -8.04 -12.32 -14.49
N ASN A 66 -8.27 -13.58 -14.17
CA ASN A 66 -7.20 -14.31 -13.53
C ASN A 66 -6.41 -15.06 -14.59
N MET A 67 -5.73 -14.28 -15.41
CA MET A 67 -4.63 -14.74 -16.23
C MET A 67 -3.34 -14.18 -15.65
N LYS A 68 -3.40 -12.86 -15.44
CA LYS A 68 -2.25 -12.02 -15.18
C LYS A 68 -2.49 -11.20 -13.92
N PHE A 69 -3.11 -11.81 -12.93
CA PHE A 69 -3.72 -11.06 -11.85
C PHE A 69 -2.85 -11.02 -10.59
N PHE A 70 -3.01 -9.93 -9.83
CA PHE A 70 -2.46 -9.80 -8.48
C PHE A 70 -1.00 -9.36 -8.42
N THR A 71 -0.80 -8.40 -7.56
CA THR A 71 0.53 -7.88 -7.25
C THR A 71 0.61 -7.55 -5.79
N GLU A 72 1.73 -7.86 -5.18
CA GLU A 72 1.84 -7.74 -3.76
C GLU A 72 2.71 -6.53 -3.40
N VAL A 73 2.09 -5.56 -2.74
CA VAL A 73 2.78 -4.34 -2.35
C VAL A 73 2.71 -4.18 -0.83
N GLU A 74 3.86 -4.14 -0.19
CA GLU A 74 3.92 -4.16 1.26
C GLU A 74 3.70 -2.79 1.88
N ALA A 75 2.45 -2.49 2.21
CA ALA A 75 2.11 -1.25 2.91
C ALA A 75 2.83 -1.16 4.23
N TYR A 76 2.80 -2.26 4.98
CA TYR A 76 3.44 -2.33 6.26
C TYR A 76 4.30 -3.59 6.31
N ARG A 77 5.44 -3.51 7.00
CA ARG A 77 6.40 -4.60 7.02
C ARG A 77 6.95 -4.83 8.41
N PRO A 78 7.43 -6.05 8.71
CA PRO A 78 8.12 -6.36 9.97
C PRO A 78 9.54 -5.78 10.00
N ASP A 79 9.78 -4.86 9.09
CA ASP A 79 11.03 -4.13 8.99
C ASP A 79 10.98 -2.90 9.88
N LEU A 80 12.00 -2.05 9.82
CA LEU A 80 12.04 -0.79 10.59
C LEU A 80 10.82 0.11 10.29
N LYS A 81 9.94 -0.38 9.43
CA LYS A 81 8.66 0.27 9.14
C LYS A 81 7.72 0.15 10.34
N HIS A 82 8.18 -0.56 11.37
CA HIS A 82 7.47 -0.65 12.65
C HIS A 82 7.11 0.74 13.18
N PRO A 83 6.09 0.85 14.07
CA PRO A 83 5.39 2.12 14.36
C PRO A 83 6.29 3.37 14.37
N LEU A 84 5.98 4.28 13.46
CA LEU A 84 6.69 5.54 13.33
C LEU A 84 5.77 6.70 13.68
N CYS A 85 6.21 7.91 13.35
CA CYS A 85 5.35 9.08 13.48
C CYS A 85 5.20 9.76 12.14
N GLY A 86 6.30 10.13 11.59
CA GLY A 86 6.32 10.89 10.36
C GLY A 86 6.43 10.04 9.09
N LYS A 87 6.06 8.76 9.18
CA LYS A 87 6.21 7.87 8.04
C LYS A 87 4.88 7.48 7.41
N ARG A 88 4.84 7.61 6.10
CA ARG A 88 3.71 7.17 5.30
C ARG A 88 4.21 6.60 3.98
N TYR A 89 3.48 5.64 3.42
CA TYR A 89 3.97 4.91 2.26
C TYR A 89 2.94 4.86 1.15
N GLU A 90 3.29 5.40 -0.01
CA GLU A 90 2.46 5.30 -1.19
C GLU A 90 2.88 4.10 -2.04
N LEU A 91 1.93 3.21 -2.25
CA LEU A 91 2.07 2.18 -3.26
C LEU A 91 1.06 2.47 -4.35
N SER A 92 1.54 3.03 -5.42
CA SER A 92 0.67 3.57 -6.43
C SER A 92 0.74 2.75 -7.67
N ALA A 93 -0.41 2.57 -8.29
CA ALA A 93 -0.44 1.90 -9.52
C ALA A 93 -0.18 2.91 -10.61
N ARG A 94 0.41 2.48 -11.71
CA ARG A 94 0.69 3.38 -12.83
C ARG A 94 1.07 2.58 -14.04
N MET A 95 0.40 2.95 -15.11
CA MET A 95 0.74 2.62 -16.50
C MET A 95 1.87 1.58 -16.63
N ASP A 96 3.07 1.96 -16.22
CA ASP A 96 4.25 1.10 -16.30
C ASP A 96 4.30 0.09 -15.15
N ALA A 97 4.44 0.58 -13.93
CA ALA A 97 4.57 -0.29 -12.75
C ALA A 97 3.84 0.27 -11.55
N ILE A 98 3.88 -0.51 -10.48
CA ILE A 98 3.41 -0.09 -9.18
C ILE A 98 4.57 0.52 -8.42
N TYR A 99 4.38 1.75 -8.01
CA TYR A 99 5.45 2.51 -7.38
C TYR A 99 5.43 2.29 -5.88
N PHE A 100 6.61 2.10 -5.31
CA PHE A 100 6.71 1.71 -3.91
C PHE A 100 7.78 2.52 -3.20
N LYS A 101 7.40 3.66 -2.63
CA LYS A 101 8.32 4.45 -1.81
C LYS A 101 7.55 5.27 -0.78
N MET A 102 8.21 5.52 0.35
CA MET A 102 7.67 6.40 1.38
C MET A 102 7.64 7.84 0.86
N ASP A 103 6.63 8.59 1.29
CA ASP A 103 6.43 9.96 0.82
C ASP A 103 7.60 10.86 1.16
N GLU A 104 7.58 12.07 0.57
CA GLU A 104 8.67 13.03 0.69
C GLU A 104 9.87 12.57 -0.14
N ARG A 105 9.68 11.46 -0.84
CA ARG A 105 10.70 10.90 -1.72
C ARG A 105 10.02 10.37 -2.98
N PRO A 106 10.63 10.58 -4.16
CA PRO A 106 10.02 10.18 -5.44
C PRO A 106 9.85 8.67 -5.55
N PRO A 107 8.58 8.20 -5.68
CA PRO A 107 8.28 6.78 -5.80
C PRO A 107 8.90 6.16 -7.05
N GLN A 108 9.42 4.96 -6.91
CA GLN A 108 10.08 4.30 -8.02
C GLN A 108 9.36 3.00 -8.38
N PRO A 109 9.38 2.62 -9.67
CA PRO A 109 8.81 1.37 -10.14
C PRO A 109 9.45 0.16 -9.47
N LEU A 110 8.74 -0.45 -8.56
CA LEU A 110 9.27 -1.58 -7.80
C LEU A 110 8.37 -2.80 -7.87
N ASN A 111 7.16 -2.56 -8.28
CA ASN A 111 6.17 -3.61 -8.37
C ASN A 111 5.44 -3.39 -9.67
N LYS A 112 4.63 -4.32 -10.10
CA LYS A 112 3.82 -4.05 -11.26
C LYS A 112 2.40 -4.51 -11.05
N TRP A 113 1.50 -3.64 -11.44
CA TRP A 113 0.08 -3.88 -11.30
C TRP A 113 -0.33 -5.08 -12.15
N ARG A 114 -1.47 -5.66 -11.86
CA ARG A 114 -1.85 -6.87 -12.55
C ARG A 114 -3.31 -6.86 -12.98
N SER A 115 -3.67 -7.87 -13.76
CA SER A 115 -5.00 -8.04 -14.30
C SER A 115 -5.39 -6.84 -15.18
N ALA A 1 11.41 1.33 13.35
CA ALA A 1 10.80 2.67 13.15
C ALA A 1 9.95 3.07 14.34
N MET A 2 10.57 3.72 15.32
CA MET A 2 9.84 4.25 16.46
C MET A 2 8.96 5.40 16.01
N GLY A 3 7.68 5.11 15.86
CA GLY A 3 6.75 6.10 15.36
C GLY A 3 6.46 7.20 16.35
N CYS A 4 5.82 8.24 15.84
CA CYS A 4 5.31 9.28 16.69
C CYS A 4 3.88 9.56 16.28
N LYS A 5 3.50 8.84 15.24
CA LYS A 5 2.13 8.74 14.77
C LYS A 5 1.94 7.38 14.14
N GLU A 6 0.71 6.92 14.12
CA GLU A 6 0.35 5.80 13.27
C GLU A 6 0.54 6.20 11.81
N ILE A 7 1.41 5.50 11.12
CA ILE A 7 1.74 5.83 9.74
C ILE A 7 0.63 5.39 8.81
N GLU A 8 0.43 6.09 7.70
CA GLU A 8 -0.79 5.88 6.94
C GLU A 8 -0.51 5.22 5.61
N ILE A 9 -1.18 4.09 5.38
CA ILE A 9 -1.01 3.31 4.17
C ILE A 9 -1.86 3.91 3.07
N VAL A 10 -1.29 4.15 1.91
CA VAL A 10 -2.06 4.62 0.80
C VAL A 10 -1.80 3.77 -0.44
N ILE A 11 -2.88 3.35 -1.05
CA ILE A 11 -2.82 2.72 -2.34
C ILE A 11 -3.39 3.67 -3.35
N LYS A 12 -2.58 4.05 -4.30
CA LYS A 12 -3.00 4.92 -5.37
C LYS A 12 -3.29 4.04 -6.58
N ASN A 13 -4.04 4.57 -7.53
CA ASN A 13 -4.30 3.83 -8.76
C ASN A 13 -4.50 4.84 -9.88
N THR A 14 -3.67 4.79 -10.92
CA THR A 14 -3.74 5.88 -11.90
C THR A 14 -2.89 5.73 -13.16
N LEU A 15 -3.51 5.41 -14.29
CA LEU A 15 -3.03 5.91 -15.56
C LEU A 15 -3.85 7.12 -15.95
N GLY A 16 -5.14 6.87 -16.02
CA GLY A 16 -6.11 7.83 -16.47
C GLY A 16 -7.48 7.20 -16.40
N PRO A 17 -8.49 7.74 -17.11
CA PRO A 17 -9.90 7.35 -16.99
C PRO A 17 -10.12 5.88 -16.59
N SER A 18 -10.88 5.69 -15.49
CA SER A 18 -11.18 4.38 -14.92
C SER A 18 -9.97 3.84 -14.15
N ARG A 19 -9.10 3.08 -14.85
CA ARG A 19 -7.94 2.41 -14.27
C ARG A 19 -8.15 1.98 -12.82
N ILE A 20 -8.53 0.71 -12.66
CA ILE A 20 -9.01 0.21 -11.37
C ILE A 20 -8.37 -1.15 -11.04
N LEU A 21 -8.13 -1.36 -9.75
CA LEU A 21 -7.59 -2.61 -9.24
C LEU A 21 -8.11 -2.85 -7.84
N GLN A 22 -8.27 -4.11 -7.47
CA GLN A 22 -8.68 -4.45 -6.15
C GLN A 22 -7.44 -4.74 -5.30
N TYR A 23 -7.09 -3.79 -4.45
CA TYR A 23 -5.92 -3.89 -3.62
C TYR A 23 -6.33 -4.37 -2.23
N HIS A 24 -5.41 -4.95 -1.49
CA HIS A 24 -5.70 -5.41 -0.15
C HIS A 24 -4.51 -5.20 0.78
N CYS A 25 -4.58 -4.22 1.64
CA CYS A 25 -3.56 -4.09 2.67
C CYS A 25 -4.08 -4.63 4.00
N ARG A 26 -3.17 -5.05 4.87
CA ARG A 26 -3.54 -5.60 6.18
C ARG A 26 -2.46 -5.35 7.22
N SER A 27 -2.88 -5.30 8.49
CA SER A 27 -1.98 -5.06 9.62
C SER A 27 -1.74 -6.35 10.39
N GLY A 28 -0.76 -6.33 11.29
CA GLY A 28 -0.38 -7.50 12.05
C GLY A 28 -1.37 -7.85 13.14
N ASN A 29 -2.56 -7.30 13.04
CA ASN A 29 -3.62 -7.49 14.01
C ASN A 29 -4.90 -6.88 13.49
N THR A 30 -4.78 -5.69 12.93
CA THR A 30 -5.92 -4.94 12.43
C THR A 30 -6.20 -5.28 10.97
N ASN A 31 -7.37 -5.86 10.70
CA ASN A 31 -7.81 -6.10 9.33
C ASN A 31 -8.61 -4.89 8.85
N VAL A 32 -8.36 -4.47 7.62
CA VAL A 32 -8.97 -3.25 7.11
C VAL A 32 -10.05 -3.52 6.07
N GLY A 33 -9.75 -4.38 5.10
CA GLY A 33 -10.69 -4.65 4.05
C GLY A 33 -10.00 -4.81 2.72
N VAL A 34 -10.78 -5.12 1.71
CA VAL A 34 -10.26 -5.33 0.37
C VAL A 34 -11.13 -4.56 -0.62
N GLN A 35 -10.58 -3.56 -1.28
CA GLN A 35 -11.38 -2.71 -2.16
C GLN A 35 -10.64 -2.36 -3.44
N TYR A 36 -11.40 -1.93 -4.42
CA TYR A 36 -10.84 -1.47 -5.68
C TYR A 36 -10.90 0.05 -5.77
N LEU A 37 -9.88 0.64 -6.35
CA LEU A 37 -9.77 2.08 -6.41
C LEU A 37 -9.70 2.54 -7.85
N ASN A 38 -10.38 3.63 -8.17
CA ASN A 38 -10.32 4.20 -9.50
C ASN A 38 -9.14 5.14 -9.63
N PHE A 39 -8.85 5.45 -10.87
CA PHE A 39 -7.81 6.39 -11.22
C PHE A 39 -8.08 7.76 -10.58
N LYS A 40 -6.99 8.44 -10.19
CA LYS A 40 -7.05 9.79 -9.62
C LYS A 40 -7.58 9.76 -8.20
N GLY A 41 -7.24 8.73 -7.47
CA GLY A 41 -7.74 8.60 -6.13
C GLY A 41 -6.79 7.82 -5.25
N THR A 42 -6.87 8.09 -3.96
CA THR A 42 -6.05 7.41 -2.96
C THR A 42 -6.94 6.73 -1.92
N ARG A 43 -6.43 5.68 -1.32
CA ARG A 43 -7.13 4.92 -0.30
C ARG A 43 -6.24 4.80 0.91
N ILE A 44 -6.57 5.50 1.97
CA ILE A 44 -5.64 5.65 3.06
C ILE A 44 -6.07 4.93 4.34
N ILE A 45 -5.18 4.07 4.76
CA ILE A 45 -5.29 3.34 5.99
C ILE A 45 -4.48 4.01 7.08
N LYS A 46 -4.75 3.65 8.30
CA LYS A 46 -3.86 4.03 9.37
C LYS A 46 -3.61 2.83 10.29
N PHE A 47 -2.35 2.64 10.63
CA PHE A 47 -1.85 1.48 11.33
C PHE A 47 -0.64 1.97 12.06
N LYS A 48 -0.10 1.18 12.93
CA LYS A 48 0.86 1.72 13.85
C LYS A 48 1.96 0.72 14.15
N ASP A 49 3.15 1.23 14.41
CA ASP A 49 4.35 0.40 14.57
C ASP A 49 4.28 -0.45 15.83
N ASP A 50 3.28 -0.18 16.65
CA ASP A 50 3.00 -0.99 17.82
C ASP A 50 1.73 -1.78 17.57
N GLY A 51 1.74 -2.56 16.51
CA GLY A 51 0.58 -3.35 16.14
C GLY A 51 0.91 -4.82 16.05
N THR A 52 2.06 -5.18 16.62
CA THR A 52 2.59 -6.55 16.68
C THR A 52 2.87 -7.15 15.31
N GLU A 53 4.09 -7.66 15.17
CA GLU A 53 4.54 -8.21 13.91
C GLU A 53 4.13 -9.67 13.77
N ARG A 54 2.83 -9.92 13.92
CA ARG A 54 2.28 -11.25 13.73
C ARG A 54 1.90 -11.44 12.26
N SER A 55 1.59 -10.33 11.60
CA SER A 55 1.19 -10.34 10.20
C SER A 55 1.30 -8.93 9.64
N ARG A 56 2.53 -8.44 9.55
CA ARG A 56 2.81 -7.05 9.15
C ARG A 56 2.19 -6.68 7.81
N TRP A 57 2.51 -5.46 7.42
CA TRP A 57 1.73 -4.74 6.45
C TRP A 57 2.16 -4.99 5.04
N ASN A 58 1.27 -5.62 4.31
CA ASN A 58 1.46 -5.85 2.89
C ASN A 58 0.17 -5.52 2.15
N CYS A 59 0.32 -5.01 0.94
CA CYS A 59 -0.82 -4.75 0.09
C CYS A 59 -0.81 -5.74 -1.07
N LEU A 60 -1.95 -6.34 -1.32
CA LEU A 60 -2.04 -7.41 -2.27
C LEU A 60 -2.99 -6.98 -3.37
N PHE A 61 -2.51 -6.92 -4.58
CA PHE A 61 -3.34 -6.46 -5.67
C PHE A 61 -3.87 -7.63 -6.45
N ARG A 62 -5.18 -7.77 -6.49
CA ARG A 62 -5.83 -8.98 -6.97
C ARG A 62 -7.10 -8.60 -7.73
N GLN A 63 -7.85 -9.60 -8.18
CA GLN A 63 -9.12 -9.35 -8.86
C GLN A 63 -9.96 -10.62 -8.97
N GLY A 64 -9.30 -11.77 -9.02
CA GLY A 64 -10.00 -13.02 -9.26
C GLY A 64 -10.05 -13.34 -10.72
N ILE A 65 -9.56 -14.50 -11.10
CA ILE A 65 -9.30 -14.79 -12.50
C ILE A 65 -8.87 -16.27 -12.66
N ASN A 66 -8.30 -16.60 -13.81
CA ASN A 66 -7.67 -17.91 -14.11
C ASN A 66 -6.62 -18.29 -13.03
N MET A 67 -5.56 -18.98 -13.47
CA MET A 67 -4.41 -19.30 -12.61
C MET A 67 -3.96 -18.14 -11.70
N LYS A 68 -4.43 -16.93 -12.02
CA LYS A 68 -4.29 -15.73 -11.18
C LYS A 68 -3.00 -14.99 -11.45
N PHE A 69 -3.14 -13.68 -11.52
CA PHE A 69 -2.03 -12.80 -11.78
C PHE A 69 -1.43 -12.31 -10.47
N PHE A 70 -1.96 -11.21 -9.95
CA PHE A 70 -1.75 -10.81 -8.56
C PHE A 70 -0.36 -10.18 -8.32
N THR A 71 -0.30 -9.31 -7.33
CA THR A 71 0.95 -8.71 -6.90
C THR A 71 0.88 -8.36 -5.43
N GLU A 72 2.04 -8.19 -4.84
CA GLU A 72 2.15 -8.11 -3.40
C GLU A 72 3.26 -7.13 -3.03
N VAL A 73 2.88 -6.05 -2.36
CA VAL A 73 3.82 -4.99 -2.01
C VAL A 73 3.86 -4.78 -0.50
N GLU A 74 4.95 -4.21 -0.01
CA GLU A 74 5.04 -3.81 1.38
C GLU A 74 4.18 -2.59 1.64
N ALA A 75 3.18 -2.74 2.51
CA ALA A 75 2.29 -1.64 2.85
C ALA A 75 2.99 -0.72 3.81
N TYR A 76 3.80 -1.31 4.67
CA TYR A 76 4.52 -0.57 5.68
C TYR A 76 5.65 -1.42 6.23
N ARG A 77 6.85 -1.15 5.74
CA ARG A 77 8.04 -1.83 6.24
C ARG A 77 8.83 -0.87 7.11
N PRO A 78 8.67 -0.97 8.44
CA PRO A 78 9.30 -0.05 9.38
C PRO A 78 10.80 -0.24 9.46
N ASP A 79 11.54 0.66 8.82
CA ASP A 79 13.00 0.67 8.89
C ASP A 79 13.43 0.70 10.35
N LEU A 80 14.38 -0.16 10.69
CA LEU A 80 14.72 -0.41 12.09
C LEU A 80 15.43 0.77 12.72
N LYS A 81 16.22 1.43 11.93
CA LYS A 81 17.00 2.57 12.40
C LYS A 81 16.28 3.89 12.14
N HIS A 82 15.51 3.96 11.07
CA HIS A 82 14.83 5.21 10.69
C HIS A 82 13.41 5.25 11.20
N PRO A 83 13.08 6.22 12.07
CA PRO A 83 11.73 6.38 12.58
C PRO A 83 10.86 7.30 11.71
N LEU A 84 9.77 6.75 11.21
CA LEU A 84 8.76 7.55 10.52
C LEU A 84 7.63 7.78 11.49
N CYS A 85 7.10 8.99 11.56
CA CYS A 85 6.23 9.28 12.66
C CYS A 85 5.11 10.26 12.38
N GLY A 86 5.00 10.70 11.17
CA GLY A 86 3.79 11.42 10.82
C GLY A 86 2.88 10.62 9.90
N LYS A 87 3.29 10.41 8.65
CA LYS A 87 2.73 9.37 7.80
C LYS A 87 3.46 9.31 6.48
N ARG A 88 4.01 8.18 6.10
CA ARG A 88 4.34 7.99 4.70
C ARG A 88 4.54 6.55 4.28
N TYR A 89 3.53 5.94 3.68
CA TYR A 89 3.72 4.71 2.93
C TYR A 89 2.66 4.53 1.86
N GLU A 90 3.00 4.79 0.60
CA GLU A 90 2.05 4.55 -0.48
C GLU A 90 2.65 3.66 -1.54
N LEU A 91 1.83 2.79 -2.09
CA LEU A 91 2.16 2.08 -3.30
C LEU A 91 1.17 2.50 -4.35
N SER A 92 1.64 2.96 -5.48
CA SER A 92 0.76 3.47 -6.49
C SER A 92 0.54 2.41 -7.53
N ALA A 93 -0.70 2.12 -7.81
CA ALA A 93 -1.02 1.04 -8.66
C ALA A 93 -1.13 1.54 -10.06
N ARG A 94 -0.79 0.69 -11.00
CA ARG A 94 -0.78 1.08 -12.39
C ARG A 94 0.34 2.08 -12.64
N MET A 95 0.03 3.16 -13.33
CA MET A 95 1.04 3.96 -14.00
C MET A 95 2.00 3.04 -14.78
N ASP A 96 1.44 1.91 -15.22
CA ASP A 96 2.19 0.84 -15.92
C ASP A 96 3.07 0.03 -14.95
N ALA A 97 2.68 -0.01 -13.67
CA ALA A 97 3.41 -0.78 -12.66
C ALA A 97 2.73 -0.68 -11.31
N ILE A 98 3.51 -0.87 -10.28
CA ILE A 98 3.18 -0.46 -8.94
C ILE A 98 4.35 0.33 -8.42
N TYR A 99 4.14 1.60 -8.18
CA TYR A 99 5.22 2.46 -7.75
C TYR A 99 5.14 2.68 -6.26
N PHE A 100 6.01 3.52 -5.80
CA PHE A 100 6.17 3.80 -4.40
C PHE A 100 5.47 5.09 -4.00
N LYS A 101 5.69 5.43 -2.75
CA LYS A 101 5.64 6.79 -2.24
C LYS A 101 6.74 6.86 -1.23
N MET A 102 7.68 7.77 -1.47
CA MET A 102 9.03 7.69 -0.95
C MET A 102 9.10 7.49 0.56
N ASP A 103 9.42 6.27 0.94
CA ASP A 103 9.84 5.97 2.29
C ASP A 103 11.34 6.19 2.38
N GLU A 104 11.98 5.73 3.44
CA GLU A 104 13.40 6.01 3.63
C GLU A 104 14.27 5.32 2.58
N ARG A 105 13.77 4.24 2.01
CA ARG A 105 14.52 3.48 1.00
C ARG A 105 14.35 4.14 -0.37
N PRO A 106 15.35 3.98 -1.26
CA PRO A 106 15.28 4.51 -2.64
C PRO A 106 14.17 3.85 -3.45
N PRO A 107 13.22 4.65 -3.96
CA PRO A 107 12.06 4.14 -4.70
C PRO A 107 12.32 3.98 -6.20
N GLN A 108 11.33 3.40 -6.88
CA GLN A 108 11.38 3.15 -8.31
C GLN A 108 10.03 2.52 -8.72
N PRO A 109 9.83 2.12 -10.00
CA PRO A 109 8.71 1.23 -10.35
C PRO A 109 8.85 -0.07 -9.58
N LEU A 110 8.25 -0.09 -8.40
CA LEU A 110 8.53 -1.09 -7.40
C LEU A 110 8.08 -2.47 -7.83
N ASN A 111 7.03 -2.52 -8.62
CA ASN A 111 6.44 -3.78 -9.00
C ASN A 111 5.48 -3.49 -10.11
N LYS A 112 4.56 -4.38 -10.38
CA LYS A 112 3.48 -4.08 -11.24
C LYS A 112 2.23 -4.76 -10.75
N TRP A 113 1.13 -4.12 -11.01
CA TRP A 113 -0.17 -4.62 -10.65
C TRP A 113 -0.44 -5.95 -11.34
N ARG A 114 -0.63 -6.98 -10.51
CA ARG A 114 -0.80 -8.36 -10.94
C ARG A 114 0.20 -8.83 -12.01
N SER A 115 0.18 -10.14 -12.22
CA SER A 115 1.03 -10.82 -13.21
C SER A 115 2.51 -10.44 -13.07
N ALA A 1 4.43 3.26 19.89
CA ALA A 1 5.56 2.34 20.16
C ALA A 1 6.84 3.17 20.31
N MET A 2 7.25 3.38 21.56
CA MET A 2 8.45 4.15 21.88
C MET A 2 8.34 5.60 21.42
N GLY A 3 7.11 6.12 21.40
CA GLY A 3 6.88 7.50 20.98
C GLY A 3 7.29 7.75 19.55
N CYS A 4 6.45 7.37 18.61
CA CYS A 4 6.82 7.42 17.21
C CYS A 4 5.60 7.71 16.32
N LYS A 5 5.86 8.25 15.12
CA LYS A 5 4.83 8.80 14.23
C LYS A 5 3.69 7.85 13.91
N GLU A 6 2.58 8.43 13.48
CA GLU A 6 1.47 7.70 12.92
C GLU A 6 1.68 7.52 11.42
N ILE A 7 1.19 6.43 10.87
CA ILE A 7 1.44 6.12 9.47
C ILE A 7 0.17 6.14 8.68
N GLU A 8 0.34 6.37 7.40
CA GLU A 8 -0.74 6.27 6.44
C GLU A 8 -0.28 5.48 5.23
N ILE A 9 -0.86 4.31 5.03
CA ILE A 9 -0.53 3.48 3.89
C ILE A 9 -1.58 3.66 2.80
N VAL A 10 -1.17 4.27 1.70
CA VAL A 10 -2.08 4.63 0.62
C VAL A 10 -1.96 3.68 -0.56
N ILE A 11 -3.10 3.35 -1.13
CA ILE A 11 -3.16 2.65 -2.39
C ILE A 11 -3.80 3.53 -3.43
N LYS A 12 -3.03 3.85 -4.45
CA LYS A 12 -3.51 4.64 -5.57
C LYS A 12 -3.56 3.74 -6.80
N ASN A 13 -4.30 4.16 -7.80
CA ASN A 13 -4.23 3.54 -9.11
C ASN A 13 -4.34 4.65 -10.14
N THR A 14 -3.43 4.65 -11.09
CA THR A 14 -3.32 5.76 -12.00
C THR A 14 -2.58 5.39 -13.29
N LEU A 15 -3.25 4.70 -14.18
CA LEU A 15 -2.72 4.54 -15.52
C LEU A 15 -3.41 5.56 -16.43
N GLY A 16 -4.69 5.78 -16.14
CA GLY A 16 -5.58 6.50 -17.04
C GLY A 16 -7.03 6.17 -16.74
N PRO A 17 -7.95 6.47 -17.66
CA PRO A 17 -9.40 6.36 -17.42
C PRO A 17 -9.84 5.01 -16.87
N SER A 18 -10.59 5.06 -15.75
CA SER A 18 -11.20 3.87 -15.14
C SER A 18 -10.16 2.80 -14.77
N ARG A 19 -9.02 3.24 -14.29
CA ARG A 19 -8.02 2.32 -13.80
C ARG A 19 -8.36 1.83 -12.42
N ILE A 20 -8.75 0.57 -12.32
CA ILE A 20 -9.03 -0.02 -11.03
C ILE A 20 -8.32 -1.35 -10.90
N LEU A 21 -8.15 -1.71 -9.66
CA LEU A 21 -7.52 -2.94 -9.19
C LEU A 21 -8.27 -3.25 -7.92
N GLN A 22 -7.97 -4.28 -7.18
CA GLN A 22 -8.46 -4.32 -5.82
C GLN A 22 -7.35 -4.80 -4.89
N TYR A 23 -6.96 -3.97 -3.92
CA TYR A 23 -5.87 -4.33 -3.04
C TYR A 23 -6.39 -4.87 -1.74
N HIS A 24 -5.56 -5.66 -1.10
CA HIS A 24 -5.80 -6.06 0.25
C HIS A 24 -4.59 -5.75 1.10
N CYS A 25 -4.64 -4.65 1.81
CA CYS A 25 -3.63 -4.39 2.81
C CYS A 25 -4.07 -5.01 4.11
N ARG A 26 -3.21 -5.85 4.64
CA ARG A 26 -3.51 -6.57 5.87
C ARG A 26 -2.28 -6.60 6.72
N SER A 27 -2.49 -6.69 8.01
CA SER A 27 -1.39 -6.79 8.93
C SER A 27 -1.32 -8.19 9.52
N GLY A 28 -0.15 -8.53 10.05
CA GLY A 28 0.01 -9.78 10.75
C GLY A 28 -1.06 -9.97 11.81
N ASN A 29 -1.53 -8.87 12.38
CA ASN A 29 -2.61 -8.93 13.35
C ASN A 29 -3.73 -7.92 13.04
N THR A 30 -3.39 -6.82 12.39
CA THR A 30 -4.36 -5.73 12.17
C THR A 30 -4.99 -5.79 10.77
N ASN A 31 -6.20 -6.33 10.68
CA ASN A 31 -6.92 -6.41 9.42
C ASN A 31 -7.83 -5.20 9.26
N VAL A 32 -8.02 -4.74 8.03
CA VAL A 32 -8.85 -3.56 7.79
C VAL A 32 -9.86 -3.78 6.66
N GLY A 33 -9.41 -4.09 5.45
CA GLY A 33 -10.32 -4.16 4.33
C GLY A 33 -9.65 -4.55 3.04
N VAL A 34 -10.47 -4.76 2.02
CA VAL A 34 -10.02 -5.20 0.71
C VAL A 34 -10.86 -4.56 -0.39
N GLN A 35 -10.44 -3.41 -0.91
CA GLN A 35 -11.22 -2.70 -1.94
C GLN A 35 -10.40 -1.70 -2.70
N TYR A 36 -11.04 -1.04 -3.65
CA TYR A 36 -10.27 -0.26 -4.58
C TYR A 36 -10.68 1.17 -4.81
N LEU A 37 -9.80 1.81 -5.57
CA LEU A 37 -9.92 3.18 -5.99
C LEU A 37 -9.70 3.26 -7.50
N ASN A 38 -10.09 4.39 -8.06
CA ASN A 38 -9.90 4.66 -9.47
C ASN A 38 -8.72 5.59 -9.70
N PHE A 39 -8.47 5.88 -10.96
CA PHE A 39 -7.44 6.82 -11.33
C PHE A 39 -7.90 8.25 -11.05
N LYS A 40 -7.68 8.66 -9.79
CA LYS A 40 -8.02 10.01 -9.34
C LYS A 40 -7.76 10.17 -7.84
N GLY A 41 -7.95 9.10 -7.08
CA GLY A 41 -7.85 9.20 -5.64
C GLY A 41 -7.00 8.10 -5.02
N THR A 42 -7.03 8.07 -3.70
CA THR A 42 -6.22 7.15 -2.90
C THR A 42 -7.09 6.42 -1.88
N ARG A 43 -6.59 5.30 -1.38
CA ARG A 43 -7.25 4.58 -0.31
C ARG A 43 -6.28 4.46 0.84
N ILE A 44 -6.55 5.18 1.92
CA ILE A 44 -5.54 5.35 2.94
C ILE A 44 -5.87 4.66 4.24
N ILE A 45 -4.91 3.88 4.67
CA ILE A 45 -4.92 3.22 5.94
C ILE A 45 -4.10 3.99 6.94
N LYS A 46 -4.30 3.73 8.20
CA LYS A 46 -3.49 4.38 9.23
C LYS A 46 -3.36 3.53 10.48
N PHE A 47 -2.26 3.75 11.20
CA PHE A 47 -1.97 3.12 12.49
C PHE A 47 -0.72 3.80 13.02
N LYS A 48 -0.46 3.73 14.31
CA LYS A 48 0.33 4.78 14.92
C LYS A 48 1.17 4.34 16.13
N ASP A 49 2.32 3.73 15.87
CA ASP A 49 3.21 3.29 16.94
C ASP A 49 4.70 3.27 16.54
N ASP A 50 5.19 2.09 16.10
CA ASP A 50 6.60 1.86 15.65
C ASP A 50 6.90 0.37 15.64
N GLY A 51 7.40 -0.12 14.52
CA GLY A 51 7.87 -1.49 14.48
C GLY A 51 8.54 -1.92 13.18
N THR A 52 9.19 -0.99 12.48
CA THR A 52 9.91 -1.27 11.22
C THR A 52 8.96 -1.66 10.07
N GLU A 53 9.50 -2.20 8.96
CA GLU A 53 8.77 -2.22 7.70
C GLU A 53 8.53 -3.61 7.07
N ARG A 54 9.02 -4.69 7.66
CA ARG A 54 8.97 -5.99 6.94
C ARG A 54 7.72 -6.87 7.21
N SER A 55 7.36 -7.15 8.46
CA SER A 55 6.39 -8.23 8.74
C SER A 55 5.17 -7.77 9.57
N ARG A 56 4.27 -7.05 8.92
CA ARG A 56 2.99 -6.66 9.49
C ARG A 56 2.03 -6.44 8.36
N TRP A 57 2.16 -5.30 7.75
CA TRP A 57 1.29 -4.91 6.67
C TRP A 57 1.86 -5.29 5.33
N ASN A 58 1.03 -5.95 4.55
CA ASN A 58 1.35 -6.26 3.17
C ASN A 58 0.11 -5.97 2.34
N CYS A 59 0.29 -5.59 1.08
CA CYS A 59 -0.84 -5.24 0.24
C CYS A 59 -0.86 -6.10 -1.01
N LEU A 60 -1.99 -6.70 -1.30
CA LEU A 60 -2.10 -7.63 -2.40
C LEU A 60 -3.10 -7.08 -3.38
N PHE A 61 -2.69 -6.86 -4.61
CA PHE A 61 -3.61 -6.32 -5.57
C PHE A 61 -4.15 -7.48 -6.40
N ARG A 62 -5.45 -7.69 -6.36
CA ARG A 62 -6.05 -8.83 -7.03
C ARG A 62 -7.49 -8.52 -7.43
N GLN A 63 -8.02 -9.30 -8.35
CA GLN A 63 -9.42 -9.15 -8.76
C GLN A 63 -10.09 -10.51 -8.83
N GLY A 64 -11.31 -10.55 -9.31
CA GLY A 64 -12.00 -11.80 -9.50
C GLY A 64 -11.55 -12.49 -10.77
N ILE A 65 -12.43 -12.44 -11.78
CA ILE A 65 -12.15 -12.91 -13.14
C ILE A 65 -11.17 -14.11 -13.19
N ASN A 66 -9.92 -13.89 -13.60
CA ASN A 66 -8.93 -14.94 -13.67
C ASN A 66 -7.81 -14.68 -12.66
N MET A 67 -6.64 -15.27 -12.89
CA MET A 67 -5.46 -14.96 -12.08
C MET A 67 -4.84 -13.65 -12.53
N LYS A 68 -5.48 -13.02 -13.51
CA LYS A 68 -5.06 -11.73 -14.04
C LYS A 68 -5.31 -10.64 -13.01
N PHE A 69 -4.75 -9.45 -13.24
CA PHE A 69 -4.91 -8.31 -12.34
C PHE A 69 -4.38 -8.64 -10.94
N PHE A 70 -3.05 -8.67 -10.79
CA PHE A 70 -2.43 -9.11 -9.56
C PHE A 70 -1.10 -8.42 -9.31
N THR A 71 -0.77 -8.29 -8.03
CA THR A 71 0.57 -7.91 -7.57
C THR A 71 0.63 -7.98 -6.06
N GLU A 72 1.84 -7.98 -5.53
CA GLU A 72 2.06 -8.22 -4.13
C GLU A 72 3.03 -7.19 -3.56
N VAL A 73 2.49 -6.18 -2.92
CA VAL A 73 3.30 -5.06 -2.44
C VAL A 73 3.47 -5.15 -0.93
N GLU A 74 4.57 -4.62 -0.41
CA GLU A 74 4.81 -4.60 1.03
C GLU A 74 4.29 -3.30 1.64
N ALA A 75 4.32 -3.24 2.96
CA ALA A 75 3.87 -2.05 3.67
C ALA A 75 4.67 -1.84 4.96
N TYR A 76 4.60 -2.79 5.90
CA TYR A 76 5.11 -2.49 7.26
C TYR A 76 5.38 -3.72 8.15
N ARG A 77 5.93 -3.44 9.36
CA ARG A 77 6.25 -4.43 10.40
C ARG A 77 5.88 -3.86 11.78
N PRO A 78 5.65 -4.68 12.85
CA PRO A 78 5.29 -4.16 14.16
C PRO A 78 6.32 -4.33 15.27
N ASP A 79 6.08 -3.59 16.35
CA ASP A 79 6.46 -4.05 17.68
C ASP A 79 5.23 -4.74 18.21
N LEU A 80 5.41 -5.94 18.78
CA LEU A 80 4.35 -6.97 18.89
C LEU A 80 2.92 -6.46 18.74
N LYS A 81 2.52 -5.64 19.66
CA LYS A 81 1.16 -5.08 19.64
C LYS A 81 1.12 -3.73 18.93
N HIS A 82 2.04 -2.85 19.28
CA HIS A 82 2.04 -1.45 18.83
C HIS A 82 3.03 -1.20 17.69
N PRO A 83 2.57 -1.21 16.42
CA PRO A 83 3.43 -1.02 15.24
C PRO A 83 3.45 0.36 14.52
N LEU A 84 4.48 0.52 13.66
CA LEU A 84 4.61 1.57 12.60
C LEU A 84 4.82 3.00 13.10
N CYS A 85 5.90 3.65 12.63
CA CYS A 85 6.11 5.07 12.89
C CYS A 85 6.92 5.77 11.77
N GLY A 86 7.61 6.86 12.14
CA GLY A 86 7.99 8.01 11.28
C GLY A 86 8.11 7.89 9.74
N LYS A 87 7.39 7.00 9.10
CA LYS A 87 7.47 6.86 7.65
C LYS A 87 6.15 7.22 6.97
N ARG A 88 6.18 7.23 5.65
CA ARG A 88 5.01 7.54 4.83
C ARG A 88 5.02 6.67 3.58
N TYR A 89 4.03 5.80 3.46
CA TYR A 89 4.03 4.79 2.40
C TYR A 89 2.85 4.97 1.44
N GLU A 90 3.18 5.09 0.16
CA GLU A 90 2.20 5.14 -0.91
C GLU A 90 2.56 4.15 -1.99
N LEU A 91 1.63 3.28 -2.31
CA LEU A 91 1.78 2.40 -3.45
C LEU A 91 0.67 2.69 -4.43
N SER A 92 1.03 2.78 -5.69
CA SER A 92 0.04 3.14 -6.68
C SER A 92 0.20 2.29 -7.92
N ALA A 93 -0.91 1.77 -8.37
CA ALA A 93 -0.93 1.00 -9.57
C ALA A 93 -1.01 1.94 -10.74
N ARG A 94 0.12 2.19 -11.30
CA ARG A 94 0.26 3.27 -12.26
C ARG A 94 0.59 2.77 -13.62
N MET A 95 0.26 3.66 -14.54
CA MET A 95 0.48 3.53 -15.95
C MET A 95 1.61 2.56 -16.28
N ASP A 96 2.73 2.74 -15.58
CA ASP A 96 3.94 1.94 -15.81
C ASP A 96 3.96 0.72 -14.89
N ALA A 97 4.01 0.97 -13.58
CA ALA A 97 4.15 -0.11 -12.60
C ALA A 97 3.48 0.27 -11.30
N ILE A 98 3.66 -0.58 -10.32
CA ILE A 98 3.21 -0.34 -8.98
C ILE A 98 4.26 0.47 -8.23
N TYR A 99 3.88 1.66 -7.84
CA TYR A 99 4.77 2.55 -7.12
C TYR A 99 4.96 2.05 -5.70
N PHE A 100 6.12 2.32 -5.15
CA PHE A 100 6.40 1.98 -3.77
C PHE A 100 7.17 3.12 -3.12
N LYS A 101 6.48 3.89 -2.32
CA LYS A 101 7.12 5.02 -1.66
C LYS A 101 7.49 4.68 -0.23
N MET A 102 8.76 4.86 0.03
CA MET A 102 9.30 4.81 1.38
C MET A 102 9.49 6.26 1.83
N ASP A 103 9.65 6.50 3.11
CA ASP A 103 9.91 7.86 3.56
C ASP A 103 11.32 8.23 3.20
N GLU A 104 11.63 9.52 3.31
CA GLU A 104 12.90 10.07 2.83
C GLU A 104 13.01 9.96 1.30
N ARG A 105 12.22 9.06 0.72
CA ARG A 105 12.34 8.72 -0.69
C ARG A 105 11.06 9.01 -1.45
N PRO A 106 11.18 9.29 -2.76
CA PRO A 106 10.03 9.44 -3.64
C PRO A 106 9.48 8.08 -4.08
N PRO A 107 8.22 8.03 -4.54
CA PRO A 107 7.59 6.79 -4.97
C PRO A 107 8.21 6.25 -6.26
N GLN A 108 8.94 5.16 -6.14
CA GLN A 108 9.59 4.54 -7.29
C GLN A 108 8.79 3.34 -7.78
N PRO A 109 8.86 3.04 -9.09
CA PRO A 109 8.28 1.83 -9.65
C PRO A 109 8.97 0.59 -9.10
N LEU A 110 8.35 -0.08 -8.14
CA LEU A 110 9.03 -1.15 -7.45
C LEU A 110 8.26 -2.45 -7.53
N ASN A 111 7.13 -2.44 -8.22
CA ASN A 111 6.37 -3.65 -8.40
C ASN A 111 5.53 -3.45 -9.62
N LYS A 112 4.87 -4.47 -10.09
CA LYS A 112 4.05 -4.31 -11.25
C LYS A 112 2.77 -5.09 -11.14
N TRP A 113 1.71 -4.43 -11.54
CA TRP A 113 0.42 -5.04 -11.62
C TRP A 113 0.32 -5.91 -12.84
N ARG A 114 -0.81 -6.54 -12.98
CA ARG A 114 -1.08 -7.42 -14.08
C ARG A 114 -2.46 -7.16 -14.62
N SER A 115 -2.78 -7.82 -15.72
CA SER A 115 -4.07 -7.69 -16.36
C SER A 115 -4.08 -8.51 -17.65
N ALA A 1 12.57 1.90 16.91
CA ALA A 1 11.40 2.56 16.28
C ALA A 1 10.19 1.64 16.36
N MET A 2 9.21 2.04 17.16
CA MET A 2 8.02 1.21 17.37
C MET A 2 6.86 2.05 17.90
N GLY A 3 7.08 2.71 19.04
CA GLY A 3 6.04 3.51 19.64
C GLY A 3 5.89 4.85 18.95
N CYS A 4 4.88 4.96 18.10
CA CYS A 4 4.66 6.15 17.31
C CYS A 4 3.24 6.19 16.73
N LYS A 5 2.90 7.35 16.15
CA LYS A 5 1.63 7.61 15.43
C LYS A 5 0.94 6.38 14.87
N GLU A 6 -0.39 6.45 14.82
CA GLU A 6 -1.17 5.51 14.03
C GLU A 6 -0.68 5.58 12.60
N ILE A 7 -0.22 4.46 12.10
CA ILE A 7 0.42 4.43 10.80
C ILE A 7 -0.63 4.40 9.70
N GLU A 8 -0.42 5.23 8.68
CA GLU A 8 -1.35 5.31 7.57
C GLU A 8 -0.67 4.78 6.32
N ILE A 9 -1.46 4.29 5.39
CA ILE A 9 -0.93 3.62 4.24
C ILE A 9 -1.53 4.14 2.95
N VAL A 10 -0.69 4.47 1.96
CA VAL A 10 -1.21 5.06 0.72
C VAL A 10 -1.27 4.04 -0.42
N ILE A 11 -2.46 3.86 -0.95
CA ILE A 11 -2.66 3.07 -2.13
C ILE A 11 -3.16 3.97 -3.24
N LYS A 12 -2.30 4.24 -4.18
CA LYS A 12 -2.67 5.10 -5.29
C LYS A 12 -2.95 4.25 -6.50
N ASN A 13 -3.87 4.70 -7.32
CA ASN A 13 -4.16 4.08 -8.58
C ASN A 13 -4.23 5.15 -9.64
N THR A 14 -3.47 5.01 -10.72
CA THR A 14 -3.48 6.04 -11.75
C THR A 14 -2.76 5.64 -13.02
N LEU A 15 -3.51 5.09 -13.94
CA LEU A 15 -3.05 4.88 -15.29
C LEU A 15 -3.48 6.06 -16.16
N GLY A 16 -4.64 6.59 -15.79
CA GLY A 16 -5.25 7.67 -16.55
C GLY A 16 -6.74 7.48 -16.59
N PRO A 17 -7.28 6.67 -17.50
CA PRO A 17 -8.64 6.20 -17.40
C PRO A 17 -8.76 4.69 -17.13
N SER A 18 -9.90 4.26 -16.56
CA SER A 18 -10.16 2.85 -16.19
C SER A 18 -8.96 2.22 -15.49
N ARG A 19 -8.83 2.49 -14.20
CA ARG A 19 -7.69 2.08 -13.43
C ARG A 19 -8.15 1.52 -12.12
N ILE A 20 -8.30 0.21 -12.10
CA ILE A 20 -8.94 -0.46 -10.98
C ILE A 20 -8.07 -1.60 -10.48
N LEU A 21 -7.90 -1.65 -9.18
CA LEU A 21 -7.09 -2.68 -8.54
C LEU A 21 -7.72 -3.03 -7.22
N GLN A 22 -7.86 -4.31 -6.97
CA GLN A 22 -8.44 -4.78 -5.74
C GLN A 22 -7.32 -5.08 -4.77
N TYR A 23 -7.08 -4.16 -3.85
CA TYR A 23 -5.95 -4.29 -2.95
C TYR A 23 -6.41 -4.90 -1.64
N HIS A 24 -6.00 -6.13 -1.43
CA HIS A 24 -6.22 -6.81 -0.18
C HIS A 24 -5.16 -6.40 0.79
N CYS A 25 -5.48 -5.51 1.67
CA CYS A 25 -4.50 -5.10 2.63
C CYS A 25 -4.75 -5.78 3.96
N ARG A 26 -3.66 -6.15 4.60
CA ARG A 26 -3.70 -6.76 5.91
C ARG A 26 -2.66 -6.08 6.79
N SER A 27 -2.90 -6.08 8.08
CA SER A 27 -2.02 -5.40 9.01
C SER A 27 -1.03 -6.37 9.64
N GLY A 28 -0.03 -5.84 10.31
CA GLY A 28 0.97 -6.66 10.93
C GLY A 28 0.38 -7.71 11.87
N ASN A 29 -0.58 -7.30 12.68
CA ASN A 29 -1.26 -8.20 13.60
C ASN A 29 -2.76 -7.88 13.59
N THR A 30 -3.25 -7.50 12.43
CA THR A 30 -4.62 -7.01 12.29
C THR A 30 -5.13 -7.24 10.86
N ASN A 31 -6.44 -7.17 10.65
CA ASN A 31 -7.02 -7.36 9.32
C ASN A 31 -7.61 -6.05 8.80
N VAL A 32 -7.46 -5.81 7.49
CA VAL A 32 -7.98 -4.61 6.88
C VAL A 32 -9.18 -4.91 6.00
N GLY A 33 -8.98 -5.66 4.91
CA GLY A 33 -10.05 -5.94 4.01
C GLY A 33 -9.57 -6.05 2.59
N VAL A 34 -10.50 -6.14 1.67
CA VAL A 34 -10.20 -6.30 0.26
C VAL A 34 -11.12 -5.40 -0.57
N GLN A 35 -10.55 -4.44 -1.29
CA GLN A 35 -11.34 -3.44 -1.98
C GLN A 35 -10.70 -3.03 -3.30
N TYR A 36 -11.54 -2.77 -4.30
CA TYR A 36 -11.08 -2.19 -5.55
C TYR A 36 -11.33 -0.68 -5.55
N LEU A 37 -10.48 0.07 -6.20
CA LEU A 37 -10.62 1.51 -6.22
C LEU A 37 -10.29 2.05 -7.62
N ASN A 38 -10.96 3.13 -7.99
CA ASN A 38 -10.72 3.80 -9.26
C ASN A 38 -9.66 4.88 -9.10
N PHE A 39 -9.00 5.25 -10.19
CA PHE A 39 -8.04 6.35 -10.17
C PHE A 39 -8.75 7.67 -9.91
N LYS A 40 -8.68 8.09 -8.65
CA LYS A 40 -9.26 9.35 -8.22
C LYS A 40 -8.19 10.16 -7.50
N GLY A 41 -7.56 9.49 -6.57
CA GLY A 41 -6.46 10.06 -5.82
C GLY A 41 -5.78 9.00 -4.99
N THR A 42 -5.14 9.39 -3.91
CA THR A 42 -4.58 8.43 -2.98
C THR A 42 -5.67 7.88 -2.08
N ARG A 43 -5.56 6.61 -1.74
CA ARG A 43 -6.50 5.96 -0.87
C ARG A 43 -5.77 5.53 0.38
N ILE A 44 -6.04 6.20 1.47
CA ILE A 44 -5.21 6.05 2.64
C ILE A 44 -5.97 5.39 3.78
N ILE A 45 -5.34 4.38 4.32
CA ILE A 45 -5.85 3.65 5.46
C ILE A 45 -5.03 3.99 6.70
N LYS A 46 -5.65 3.96 7.87
CA LYS A 46 -4.90 4.14 9.10
C LYS A 46 -5.09 2.95 10.01
N PHE A 47 -4.14 2.71 10.89
CA PHE A 47 -4.08 1.50 11.69
C PHE A 47 -3.15 1.73 12.85
N LYS A 48 -3.62 1.44 14.02
CA LYS A 48 -2.92 1.83 15.22
C LYS A 48 -2.67 0.62 16.12
N ASP A 49 -2.86 -0.56 15.54
CA ASP A 49 -2.70 -1.81 16.25
C ASP A 49 -1.24 -2.26 16.23
N ASP A 50 -0.87 -3.19 17.09
CA ASP A 50 0.50 -3.63 17.23
C ASP A 50 0.59 -4.88 18.12
N GLY A 51 0.89 -6.00 17.49
CA GLY A 51 1.02 -7.25 18.23
C GLY A 51 2.37 -7.93 18.03
N THR A 52 3.20 -7.34 17.19
CA THR A 52 4.54 -7.88 16.92
C THR A 52 5.59 -6.79 17.09
N GLU A 53 6.76 -6.96 16.51
CA GLU A 53 7.81 -5.95 16.60
C GLU A 53 7.56 -4.81 15.61
N ARG A 54 7.32 -5.17 14.35
CA ARG A 54 7.00 -4.20 13.32
C ARG A 54 5.50 -4.01 13.23
N SER A 55 4.77 -5.12 13.18
CA SER A 55 3.32 -5.09 13.04
C SER A 55 2.91 -4.26 11.83
N ARG A 56 3.52 -4.54 10.69
CA ARG A 56 3.36 -3.68 9.54
C ARG A 56 2.47 -4.30 8.47
N TRP A 57 2.15 -3.51 7.44
CA TRP A 57 0.98 -3.78 6.66
C TRP A 57 1.40 -4.11 5.25
N ASN A 58 0.54 -4.76 4.50
CA ASN A 58 0.81 -5.03 3.11
C ASN A 58 -0.49 -5.16 2.33
N CYS A 59 -0.55 -4.47 1.20
CA CYS A 59 -1.73 -4.52 0.35
C CYS A 59 -1.42 -5.38 -0.88
N LEU A 60 -2.37 -6.22 -1.27
CA LEU A 60 -2.14 -7.14 -2.36
C LEU A 60 -3.13 -6.83 -3.46
N PHE A 61 -2.65 -6.47 -4.63
CA PHE A 61 -3.55 -5.97 -5.65
C PHE A 61 -3.93 -7.08 -6.60
N ARG A 62 -5.22 -7.34 -6.69
CA ARG A 62 -5.73 -8.46 -7.46
C ARG A 62 -6.70 -7.96 -8.53
N GLN A 63 -6.91 -8.77 -9.56
CA GLN A 63 -7.82 -8.43 -10.63
C GLN A 63 -8.24 -9.67 -11.41
N GLY A 64 -7.30 -10.58 -11.60
CA GLY A 64 -7.57 -11.76 -12.39
C GLY A 64 -7.89 -12.97 -11.53
N ILE A 65 -7.09 -14.02 -11.67
CA ILE A 65 -7.39 -15.28 -11.00
C ILE A 65 -6.40 -15.60 -9.87
N ASN A 66 -5.15 -15.88 -10.21
CA ASN A 66 -4.16 -16.28 -9.21
C ASN A 66 -3.13 -15.17 -9.03
N MET A 67 -1.97 -15.53 -8.46
CA MET A 67 -0.88 -14.58 -8.31
C MET A 67 -0.37 -14.12 -9.68
N LYS A 68 -0.80 -14.81 -10.72
CA LYS A 68 -0.52 -14.42 -12.09
C LYS A 68 -0.99 -12.98 -12.32
N PHE A 69 -2.29 -12.77 -12.12
CA PHE A 69 -2.87 -11.45 -12.24
C PHE A 69 -2.96 -10.80 -10.86
N PHE A 70 -1.81 -10.39 -10.33
CA PHE A 70 -1.70 -10.01 -8.95
C PHE A 70 -0.40 -9.25 -8.68
N THR A 71 -0.39 -8.49 -7.59
CA THR A 71 0.84 -7.89 -7.07
C THR A 71 0.74 -7.76 -5.58
N GLU A 72 1.89 -7.77 -4.94
CA GLU A 72 1.98 -7.83 -3.51
C GLU A 72 2.88 -6.71 -3.02
N VAL A 73 2.31 -5.70 -2.38
CA VAL A 73 3.04 -4.51 -2.04
C VAL A 73 2.99 -4.23 -0.53
N GLU A 74 4.14 -3.96 0.08
CA GLU A 74 4.22 -3.62 1.50
C GLU A 74 3.51 -2.30 1.80
N ALA A 75 2.72 -2.29 2.86
CA ALA A 75 1.94 -1.12 3.23
C ALA A 75 2.43 -0.52 4.55
N TYR A 76 3.58 0.05 4.45
CA TYR A 76 4.16 0.94 5.46
C TYR A 76 3.58 2.38 5.46
N ARG A 77 4.19 3.23 6.28
CA ARG A 77 3.59 4.45 6.87
C ARG A 77 3.41 5.63 5.86
N PRO A 78 2.86 6.81 6.31
CA PRO A 78 2.49 7.92 5.42
C PRO A 78 3.37 9.19 5.44
N ASP A 79 4.21 9.33 6.45
CA ASP A 79 4.93 10.60 6.70
C ASP A 79 6.39 10.56 6.22
N LEU A 80 7.15 11.64 6.37
CA LEU A 80 8.48 11.69 5.75
C LEU A 80 9.63 11.21 6.64
N LYS A 81 9.82 11.90 7.73
CA LYS A 81 11.05 11.78 8.54
C LYS A 81 11.00 10.78 9.73
N HIS A 82 9.99 10.91 10.59
CA HIS A 82 10.02 10.28 11.93
C HIS A 82 9.92 8.74 11.87
N PRO A 83 10.34 8.03 12.93
CA PRO A 83 10.30 6.55 12.98
C PRO A 83 8.87 6.00 13.04
N LEU A 84 8.49 5.25 12.01
CA LEU A 84 7.10 4.79 11.81
C LEU A 84 6.14 5.95 11.63
N CYS A 85 5.88 6.61 12.73
CA CYS A 85 4.94 7.71 12.80
C CYS A 85 5.13 8.68 11.66
N GLY A 86 6.37 9.00 11.49
CA GLY A 86 6.80 9.90 10.46
C GLY A 86 7.44 9.23 9.27
N LYS A 87 7.23 7.93 9.06
CA LYS A 87 7.84 7.25 7.93
C LYS A 87 6.80 6.97 6.86
N ARG A 88 7.20 6.43 5.72
CA ARG A 88 6.28 6.36 4.58
C ARG A 88 6.52 5.15 3.70
N TYR A 89 5.45 4.69 3.07
CA TYR A 89 5.53 3.90 1.86
C TYR A 89 4.27 4.10 1.03
N GLU A 90 4.46 4.72 -0.11
CA GLU A 90 3.39 4.92 -1.07
C GLU A 90 3.47 3.89 -2.16
N LEU A 91 2.36 3.22 -2.39
CA LEU A 91 2.28 2.26 -3.45
C LEU A 91 1.23 2.70 -4.43
N SER A 92 1.63 2.87 -5.67
CA SER A 92 0.73 3.38 -6.67
C SER A 92 0.67 2.47 -7.86
N ALA A 93 -0.54 2.10 -8.20
CA ALA A 93 -0.78 1.30 -9.35
C ALA A 93 -1.01 2.18 -10.53
N ARG A 94 0.05 2.36 -11.24
CA ARG A 94 0.09 3.39 -12.25
C ARG A 94 0.30 2.83 -13.60
N MET A 95 -0.08 3.69 -14.51
CA MET A 95 0.08 3.55 -15.94
C MET A 95 1.11 2.48 -16.32
N ASP A 96 2.32 2.62 -15.81
CA ASP A 96 3.41 1.71 -16.10
C ASP A 96 3.38 0.49 -15.19
N ALA A 97 3.73 0.71 -13.92
CA ALA A 97 3.87 -0.37 -12.95
C ALA A 97 3.33 0.07 -11.60
N ILE A 98 3.61 -0.74 -10.61
CA ILE A 98 3.31 -0.41 -9.23
C ILE A 98 4.50 0.31 -8.63
N TYR A 99 4.28 1.57 -8.35
CA TYR A 99 5.33 2.45 -7.87
C TYR A 99 5.41 2.37 -6.35
N PHE A 100 6.62 2.19 -5.85
CA PHE A 100 6.83 1.92 -4.44
C PHE A 100 8.02 2.74 -3.92
N LYS A 101 7.75 3.69 -3.04
CA LYS A 101 8.79 4.58 -2.55
C LYS A 101 8.52 5.08 -1.14
N MET A 102 9.59 5.38 -0.42
CA MET A 102 9.52 6.28 0.71
C MET A 102 10.57 7.36 0.51
N ASP A 103 10.24 8.31 -0.33
CA ASP A 103 11.16 9.38 -0.67
C ASP A 103 10.50 10.74 -0.50
N GLU A 104 11.18 11.75 -0.98
CA GLU A 104 10.64 13.08 -1.10
C GLU A 104 10.66 13.48 -2.57
N ARG A 105 11.22 12.58 -3.38
CA ARG A 105 11.28 12.72 -4.84
C ARG A 105 10.24 11.82 -5.51
N PRO A 106 10.06 11.90 -6.85
CA PRO A 106 9.21 10.97 -7.60
C PRO A 106 9.40 9.50 -7.22
N PRO A 107 8.35 8.68 -7.41
CA PRO A 107 8.38 7.26 -7.06
C PRO A 107 9.11 6.41 -8.11
N GLN A 108 9.19 5.10 -7.86
CA GLN A 108 9.88 4.21 -8.77
C GLN A 108 9.04 2.97 -9.06
N PRO A 109 9.08 2.50 -10.31
CA PRO A 109 8.49 1.21 -10.69
C PRO A 109 9.18 0.07 -9.97
N LEU A 110 8.49 -0.60 -9.06
CA LEU A 110 9.12 -1.68 -8.32
C LEU A 110 8.30 -2.95 -8.36
N ASN A 111 7.06 -2.82 -8.81
CA ASN A 111 6.13 -3.93 -8.82
C ASN A 111 5.24 -3.69 -10.00
N LYS A 112 4.35 -4.58 -10.31
CA LYS A 112 3.39 -4.30 -11.36
C LYS A 112 2.07 -4.94 -11.04
N TRP A 113 1.05 -4.27 -11.44
CA TRP A 113 -0.30 -4.72 -11.21
C TRP A 113 -0.66 -5.78 -12.22
N ARG A 114 -0.73 -6.98 -11.71
CA ARG A 114 -1.24 -8.15 -12.42
C ARG A 114 -0.61 -8.45 -13.78
N SER A 115 -0.45 -9.75 -13.98
CA SER A 115 0.15 -10.32 -15.18
C SER A 115 1.45 -9.61 -15.57
N ALA A 1 9.57 -3.71 19.53
CA ALA A 1 8.30 -3.58 18.78
C ALA A 1 7.42 -4.81 18.99
N MET A 2 6.09 -4.63 18.90
CA MET A 2 5.14 -5.75 19.06
C MET A 2 3.82 -5.47 18.33
N GLY A 3 3.09 -4.45 18.78
CA GLY A 3 1.82 -4.09 18.15
C GLY A 3 2.00 -3.22 16.93
N CYS A 4 1.37 -2.06 16.92
CA CYS A 4 1.44 -1.20 15.76
C CYS A 4 1.72 0.26 16.13
N LYS A 5 1.96 1.10 15.12
CA LYS A 5 2.44 2.46 15.30
C LYS A 5 1.58 3.43 14.54
N GLU A 6 1.53 4.68 15.01
CA GLU A 6 0.92 5.76 14.27
C GLU A 6 1.66 5.92 12.94
N ILE A 7 1.08 5.28 11.94
CA ILE A 7 1.59 5.23 10.59
C ILE A 7 0.37 5.17 9.69
N GLU A 8 0.52 5.30 8.37
CA GLU A 8 -0.67 5.34 7.52
C GLU A 8 -0.35 4.96 6.07
N ILE A 9 -1.10 3.98 5.51
CA ILE A 9 -0.85 3.45 4.14
C ILE A 9 -1.67 4.15 3.08
N VAL A 10 -1.08 4.41 1.90
CA VAL A 10 -1.90 4.83 0.77
C VAL A 10 -1.63 3.97 -0.46
N ILE A 11 -2.72 3.51 -1.05
CA ILE A 11 -2.68 2.75 -2.27
C ILE A 11 -3.46 3.51 -3.34
N LYS A 12 -2.78 3.86 -4.41
CA LYS A 12 -3.39 4.56 -5.52
C LYS A 12 -3.50 3.63 -6.72
N ASN A 13 -4.20 4.05 -7.76
CA ASN A 13 -4.20 3.33 -9.03
C ASN A 13 -4.48 4.28 -10.17
N THR A 14 -3.69 4.25 -11.24
CA THR A 14 -3.82 5.31 -12.25
C THR A 14 -2.96 5.16 -13.51
N LEU A 15 -3.55 4.74 -14.61
CA LEU A 15 -3.00 5.12 -15.90
C LEU A 15 -3.70 6.39 -16.34
N GLY A 16 -4.99 6.38 -16.11
CA GLY A 16 -5.86 7.48 -16.47
C GLY A 16 -7.29 7.12 -16.16
N PRO A 17 -8.27 7.81 -16.77
CA PRO A 17 -9.70 7.64 -16.46
C PRO A 17 -10.14 6.18 -16.35
N SER A 18 -10.82 5.87 -15.24
CA SER A 18 -11.41 4.55 -14.98
C SER A 18 -10.39 3.40 -15.00
N ARG A 19 -9.17 3.70 -14.57
CA ARG A 19 -8.22 2.63 -14.23
C ARG A 19 -8.42 2.28 -12.77
N ILE A 20 -8.91 1.07 -12.50
CA ILE A 20 -9.28 0.70 -11.14
C ILE A 20 -8.82 -0.73 -10.81
N LEU A 21 -7.96 -0.84 -9.80
CA LEU A 21 -7.52 -2.13 -9.29
C LEU A 21 -8.12 -2.39 -7.93
N GLN A 22 -8.12 -3.64 -7.52
CA GLN A 22 -8.58 -4.02 -6.22
C GLN A 22 -7.40 -4.54 -5.40
N TYR A 23 -7.05 -3.82 -4.34
CA TYR A 23 -5.87 -4.14 -3.55
C TYR A 23 -6.33 -4.73 -2.22
N HIS A 24 -5.47 -5.48 -1.56
CA HIS A 24 -5.81 -6.05 -0.27
C HIS A 24 -4.65 -5.96 0.70
N CYS A 25 -4.63 -4.94 1.54
CA CYS A 25 -3.62 -4.81 2.57
C CYS A 25 -4.07 -5.45 3.88
N ARG A 26 -3.36 -6.49 4.29
CA ARG A 26 -3.70 -7.24 5.49
C ARG A 26 -2.51 -8.03 6.00
N SER A 27 -2.11 -7.70 7.19
CA SER A 27 -1.12 -8.46 7.96
C SER A 27 -0.97 -7.83 9.33
N GLY A 28 -0.28 -8.50 10.22
CA GLY A 28 0.04 -7.90 11.50
C GLY A 28 -1.02 -8.21 12.54
N ASN A 29 -2.26 -7.81 12.27
CA ASN A 29 -3.35 -8.03 13.22
C ASN A 29 -4.68 -7.52 12.67
N THR A 30 -4.63 -6.44 11.89
CA THR A 30 -5.84 -5.77 11.47
C THR A 30 -6.18 -6.06 10.01
N ASN A 31 -7.45 -6.34 9.76
CA ASN A 31 -7.90 -6.71 8.41
C ASN A 31 -8.87 -5.67 7.85
N VAL A 32 -8.31 -4.67 7.19
CA VAL A 32 -9.10 -3.66 6.47
C VAL A 32 -8.43 -3.43 5.12
N GLY A 33 -8.52 -4.44 4.25
CA GLY A 33 -7.64 -4.48 3.10
C GLY A 33 -8.31 -4.33 1.75
N VAL A 34 -9.44 -4.98 1.54
CA VAL A 34 -9.98 -5.08 0.19
C VAL A 34 -10.82 -3.88 -0.21
N GLN A 35 -10.24 -3.06 -1.06
CA GLN A 35 -10.91 -1.94 -1.68
C GLN A 35 -10.34 -1.70 -3.07
N TYR A 36 -11.01 -0.87 -3.84
CA TYR A 36 -10.58 -0.59 -5.18
C TYR A 36 -10.03 0.83 -5.27
N LEU A 37 -9.19 1.06 -6.26
CA LEU A 37 -8.54 2.34 -6.43
C LEU A 37 -8.94 2.95 -7.75
N ASN A 38 -9.66 4.05 -7.70
CA ASN A 38 -10.01 4.77 -8.91
C ASN A 38 -8.85 5.63 -9.35
N PHE A 39 -8.94 6.12 -10.56
CA PHE A 39 -7.89 6.94 -11.12
C PHE A 39 -7.73 8.23 -10.32
N LYS A 40 -6.51 8.45 -9.81
CA LYS A 40 -6.16 9.62 -9.01
C LYS A 40 -6.67 9.50 -7.58
N GLY A 41 -7.67 8.67 -7.39
CA GLY A 41 -8.26 8.51 -6.09
C GLY A 41 -7.47 7.57 -5.22
N THR A 42 -6.84 8.13 -4.22
CA THR A 42 -6.07 7.36 -3.26
C THR A 42 -6.97 6.70 -2.26
N ARG A 43 -6.59 5.52 -1.81
CA ARG A 43 -7.35 4.78 -0.83
C ARG A 43 -6.49 4.60 0.38
N ILE A 44 -6.81 5.31 1.44
CA ILE A 44 -5.89 5.44 2.54
C ILE A 44 -6.36 4.72 3.78
N ILE A 45 -5.51 3.84 4.24
CA ILE A 45 -5.67 3.14 5.47
C ILE A 45 -4.85 3.77 6.56
N LYS A 46 -5.29 3.68 7.78
CA LYS A 46 -4.48 4.15 8.88
C LYS A 46 -4.84 3.46 10.18
N PHE A 47 -3.89 3.48 11.10
CA PHE A 47 -4.05 2.96 12.47
C PHE A 47 -2.89 3.48 13.30
N LYS A 48 -3.05 3.53 14.61
CA LYS A 48 -2.06 4.22 15.43
C LYS A 48 -1.32 3.29 16.39
N ASP A 49 -0.56 3.91 17.27
CA ASP A 49 0.43 3.24 18.11
C ASP A 49 -0.18 2.46 19.26
N ASP A 50 0.66 1.64 19.88
CA ASP A 50 0.32 0.96 21.13
C ASP A 50 1.57 0.66 21.94
N GLY A 51 2.54 1.54 21.79
CA GLY A 51 3.79 1.41 22.51
C GLY A 51 4.69 0.40 21.85
N THR A 52 4.10 -0.41 20.98
CA THR A 52 4.85 -1.43 20.26
C THR A 52 4.46 -1.46 18.78
N GLU A 53 5.40 -1.82 17.90
CA GLU A 53 5.21 -1.64 16.46
C GLU A 53 5.68 -2.82 15.58
N ARG A 54 5.46 -4.06 16.01
CA ARG A 54 5.98 -5.21 15.24
C ARG A 54 4.99 -5.77 14.20
N SER A 55 3.68 -5.63 14.43
CA SER A 55 2.66 -6.36 13.67
C SER A 55 2.79 -6.13 12.16
N ARG A 56 2.12 -5.08 11.66
CA ARG A 56 2.37 -4.57 10.31
C ARG A 56 1.73 -5.40 9.18
N TRP A 57 1.31 -4.70 8.10
CA TRP A 57 0.49 -5.29 7.05
C TRP A 57 1.31 -5.67 5.81
N ASN A 58 0.66 -6.40 4.91
CA ASN A 58 1.16 -6.64 3.55
C ASN A 58 -0.03 -6.53 2.58
N CYS A 59 0.11 -5.86 1.44
CA CYS A 59 -1.04 -5.69 0.55
C CYS A 59 -0.86 -6.44 -0.76
N LEU A 60 -1.98 -6.93 -1.29
CA LEU A 60 -1.99 -7.88 -2.39
C LEU A 60 -2.98 -7.38 -3.44
N PHE A 61 -2.49 -7.16 -4.64
CA PHE A 61 -3.25 -6.49 -5.69
C PHE A 61 -3.85 -7.46 -6.70
N ARG A 62 -5.16 -7.42 -6.88
CA ARG A 62 -5.82 -8.34 -7.82
C ARG A 62 -6.60 -7.53 -8.87
N GLN A 63 -7.20 -8.23 -9.83
CA GLN A 63 -8.06 -7.60 -10.81
C GLN A 63 -9.06 -8.60 -11.36
N GLY A 64 -8.56 -9.72 -11.85
CA GLY A 64 -9.42 -10.81 -12.25
C GLY A 64 -9.16 -11.31 -13.65
N ILE A 65 -8.67 -12.54 -13.69
CA ILE A 65 -8.29 -13.24 -14.90
C ILE A 65 -7.38 -14.40 -14.51
N ASN A 66 -7.44 -15.54 -15.19
CA ASN A 66 -6.37 -16.49 -14.98
C ASN A 66 -5.55 -16.64 -16.24
N MET A 67 -4.82 -15.59 -16.55
CA MET A 67 -3.55 -15.68 -17.24
C MET A 67 -2.48 -15.44 -16.20
N LYS A 68 -2.87 -14.56 -15.28
CA LYS A 68 -2.00 -13.96 -14.28
C LYS A 68 -2.88 -13.39 -13.19
N PHE A 69 -2.35 -13.17 -12.00
CA PHE A 69 -3.10 -12.49 -10.95
C PHE A 69 -2.23 -12.09 -9.78
N PHE A 70 -2.56 -10.94 -9.18
CA PHE A 70 -2.06 -10.56 -7.86
C PHE A 70 -0.63 -10.05 -7.83
N THR A 71 -0.40 -9.16 -6.88
CA THR A 71 0.94 -8.66 -6.55
C THR A 71 0.96 -8.20 -5.10
N GLU A 72 1.91 -8.67 -4.34
CA GLU A 72 1.95 -8.29 -2.95
C GLU A 72 3.09 -7.32 -2.69
N VAL A 73 2.72 -6.10 -2.35
CA VAL A 73 3.67 -5.13 -1.89
C VAL A 73 3.63 -5.11 -0.38
N GLU A 74 4.79 -5.14 0.25
CA GLU A 74 4.86 -5.02 1.68
C GLU A 74 4.25 -3.70 2.08
N ALA A 75 3.31 -3.73 3.01
CA ALA A 75 2.67 -2.52 3.47
C ALA A 75 3.73 -1.66 4.07
N TYR A 76 4.66 -2.29 4.78
CA TYR A 76 5.80 -1.57 5.29
C TYR A 76 6.78 -2.47 6.01
N ARG A 77 7.93 -2.71 5.40
CA ARG A 77 9.03 -3.40 6.06
C ARG A 77 10.34 -2.65 5.82
N PRO A 78 10.66 -1.70 6.69
CA PRO A 78 11.93 -0.97 6.63
C PRO A 78 13.00 -1.65 7.47
N ASP A 79 14.08 -0.94 7.75
CA ASP A 79 15.14 -1.50 8.59
C ASP A 79 14.63 -1.74 10.01
N LEU A 80 15.01 -2.88 10.58
CA LEU A 80 14.44 -3.35 11.84
C LEU A 80 14.92 -2.56 13.05
N LYS A 81 15.79 -1.59 12.83
CA LYS A 81 16.26 -0.74 13.92
C LYS A 81 15.36 0.48 14.05
N HIS A 82 14.42 0.61 13.12
CA HIS A 82 13.46 1.69 13.16
C HIS A 82 12.18 1.22 13.83
N PRO A 83 11.79 1.82 14.95
CA PRO A 83 10.52 1.50 15.59
C PRO A 83 9.36 2.18 14.88
N LEU A 84 8.51 1.37 14.28
CA LEU A 84 7.30 1.81 13.61
C LEU A 84 6.64 0.60 13.00
N CYS A 85 5.44 0.77 12.49
CA CYS A 85 4.63 -0.37 12.14
C CYS A 85 4.44 -0.48 10.63
N GLY A 86 3.29 -1.00 10.26
CA GLY A 86 3.10 -1.56 8.94
C GLY A 86 2.34 -0.69 8.00
N LYS A 87 2.32 0.59 8.23
CA LYS A 87 1.57 1.47 7.35
C LYS A 87 2.54 2.29 6.49
N ARG A 88 2.07 2.89 5.40
CA ARG A 88 3.01 3.36 4.38
C ARG A 88 2.51 4.49 3.50
N TYR A 89 3.46 5.07 2.83
CA TYR A 89 3.26 6.13 1.88
C TYR A 89 2.86 5.44 0.59
N GLU A 90 2.54 6.18 -0.44
CA GLU A 90 1.69 5.67 -1.49
C GLU A 90 2.41 4.78 -2.47
N LEU A 91 1.99 3.54 -2.46
CA LEU A 91 2.30 2.61 -3.52
C LEU A 91 1.12 2.64 -4.46
N SER A 92 1.37 3.08 -5.66
CA SER A 92 0.28 3.24 -6.59
C SER A 92 0.24 2.04 -7.49
N ALA A 93 -0.93 1.77 -7.95
CA ALA A 93 -1.15 0.61 -8.74
C ALA A 93 -1.24 1.01 -10.18
N ARG A 94 -0.82 0.12 -11.05
CA ARG A 94 -0.75 0.42 -12.45
C ARG A 94 0.24 1.53 -12.69
N MET A 95 -0.13 2.53 -13.46
CA MET A 95 0.87 3.31 -14.20
C MET A 95 1.85 2.34 -14.86
N ASP A 96 1.30 1.17 -15.25
CA ASP A 96 2.07 0.07 -15.82
C ASP A 96 3.04 -0.55 -14.81
N ALA A 97 2.70 -0.49 -13.52
CA ALA A 97 3.48 -1.13 -12.45
C ALA A 97 2.78 -0.97 -11.11
N ILE A 98 3.55 -1.04 -10.06
CA ILE A 98 3.16 -0.54 -8.78
C ILE A 98 4.21 0.48 -8.35
N TYR A 99 3.79 1.73 -8.30
CA TYR A 99 4.70 2.85 -8.14
C TYR A 99 4.94 3.17 -6.68
N PHE A 100 6.20 3.38 -6.35
CA PHE A 100 6.58 3.81 -5.03
C PHE A 100 6.61 5.33 -4.98
N LYS A 101 5.62 5.94 -4.34
CA LYS A 101 5.50 7.38 -4.34
C LYS A 101 5.46 7.95 -2.92
N MET A 102 6.28 8.96 -2.70
CA MET A 102 6.36 9.66 -1.42
C MET A 102 7.20 10.90 -1.61
N ASP A 103 7.12 11.84 -0.67
CA ASP A 103 7.98 13.00 -0.71
C ASP A 103 9.41 12.60 -0.39
N GLU A 104 10.35 13.51 -0.64
CA GLU A 104 11.78 13.26 -0.50
C GLU A 104 12.30 12.41 -1.67
N ARG A 105 11.39 11.69 -2.30
CA ARG A 105 11.77 10.71 -3.32
C ARG A 105 10.89 10.84 -4.56
N PRO A 106 11.42 10.44 -5.72
CA PRO A 106 10.65 10.43 -6.97
C PRO A 106 9.80 9.16 -7.12
N PRO A 107 8.53 9.30 -7.52
CA PRO A 107 7.65 8.15 -7.75
C PRO A 107 8.23 7.21 -8.80
N GLN A 108 8.59 6.01 -8.37
CA GLN A 108 9.32 5.08 -9.23
C GLN A 108 8.60 3.73 -9.32
N PRO A 109 8.70 3.07 -10.49
CA PRO A 109 8.20 1.70 -10.68
C PRO A 109 8.90 0.71 -9.77
N LEU A 110 8.30 0.43 -8.63
CA LEU A 110 8.90 -0.42 -7.62
C LEU A 110 8.57 -1.87 -7.90
N ASN A 111 7.37 -2.05 -8.39
CA ASN A 111 6.77 -3.36 -8.49
C ASN A 111 5.84 -3.30 -9.66
N LYS A 112 5.05 -4.31 -9.84
CA LYS A 112 3.96 -4.23 -10.75
C LYS A 112 2.82 -5.07 -10.28
N TRP A 113 1.63 -4.55 -10.45
CA TRP A 113 0.42 -5.28 -10.17
C TRP A 113 0.29 -6.43 -11.13
N ARG A 114 -0.72 -7.23 -10.96
CA ARG A 114 -0.89 -8.35 -11.85
C ARG A 114 -2.32 -8.79 -11.97
N SER A 115 -2.50 -9.45 -13.08
CA SER A 115 -3.77 -9.89 -13.66
C SER A 115 -3.73 -9.62 -15.17
N ALA A 1 12.24 1.01 16.08
CA ALA A 1 10.77 1.20 16.07
C ALA A 1 10.11 0.31 17.12
N MET A 2 10.16 0.75 18.37
CA MET A 2 9.57 -0.01 19.47
C MET A 2 8.18 0.50 19.80
N GLY A 3 7.88 1.71 19.32
CA GLY A 3 6.58 2.30 19.58
C GLY A 3 5.92 2.78 18.30
N CYS A 4 6.51 3.81 17.71
CA CYS A 4 6.07 4.36 16.43
C CYS A 4 4.74 5.11 16.53
N LYS A 5 4.61 6.12 15.70
CA LYS A 5 3.38 6.87 15.55
C LYS A 5 2.32 6.01 14.85
N GLU A 6 1.09 6.47 14.90
CA GLU A 6 0.01 5.89 14.11
C GLU A 6 0.35 6.03 12.64
N ILE A 7 0.81 4.94 12.05
CA ILE A 7 1.35 4.96 10.70
C ILE A 7 0.21 4.98 9.66
N GLU A 8 0.49 5.50 8.46
CA GLU A 8 -0.55 5.71 7.47
C GLU A 8 -0.11 5.19 6.10
N ILE A 9 -0.86 4.23 5.59
CA ILE A 9 -0.52 3.51 4.38
C ILE A 9 -1.25 4.10 3.19
N VAL A 10 -0.53 4.54 2.16
CA VAL A 10 -1.21 5.14 1.02
C VAL A 10 -1.05 4.33 -0.27
N ILE A 11 -2.19 4.03 -0.87
CA ILE A 11 -2.27 3.36 -2.15
C ILE A 11 -2.74 4.36 -3.18
N LYS A 12 -1.83 4.81 -4.03
CA LYS A 12 -2.18 5.77 -5.04
C LYS A 12 -2.36 5.09 -6.36
N ASN A 13 -3.57 4.76 -6.66
CA ASN A 13 -3.87 3.85 -7.75
C ASN A 13 -4.26 4.56 -9.03
N THR A 14 -3.95 3.90 -10.16
CA THR A 14 -4.54 4.15 -11.42
C THR A 14 -4.04 5.33 -12.18
N LEU A 15 -3.78 4.97 -13.43
CA LEU A 15 -3.20 5.84 -14.46
C LEU A 15 -3.88 7.19 -14.55
N GLY A 16 -5.16 7.10 -14.88
CA GLY A 16 -5.96 8.25 -15.21
C GLY A 16 -7.16 7.85 -16.04
N PRO A 17 -6.96 7.31 -17.25
CA PRO A 17 -8.02 6.72 -18.05
C PRO A 17 -8.00 5.17 -18.07
N SER A 18 -9.17 4.55 -17.86
CA SER A 18 -9.33 3.08 -17.92
C SER A 18 -8.34 2.34 -17.02
N ARG A 19 -8.65 2.30 -15.73
CA ARG A 19 -7.78 1.73 -14.70
C ARG A 19 -8.56 1.41 -13.44
N ILE A 20 -8.70 0.13 -13.13
CA ILE A 20 -9.31 -0.31 -11.87
C ILE A 20 -8.80 -1.69 -11.45
N LEU A 21 -8.22 -1.79 -10.27
CA LEU A 21 -7.85 -3.10 -9.71
C LEU A 21 -8.18 -3.12 -8.24
N GLN A 22 -8.27 -4.31 -7.68
CA GLN A 22 -8.47 -4.44 -6.28
C GLN A 22 -7.15 -4.53 -5.58
N TYR A 23 -6.94 -3.61 -4.71
CA TYR A 23 -5.85 -3.65 -3.78
C TYR A 23 -6.43 -4.20 -2.50
N HIS A 24 -5.60 -4.70 -1.62
CA HIS A 24 -6.05 -5.15 -0.32
C HIS A 24 -4.94 -5.01 0.68
N CYS A 25 -5.01 -3.93 1.42
CA CYS A 25 -4.06 -3.67 2.44
C CYS A 25 -4.79 -3.59 3.77
N ARG A 26 -4.23 -4.24 4.78
CA ARG A 26 -4.82 -4.22 6.09
C ARG A 26 -3.71 -4.22 7.12
N SER A 27 -3.98 -3.74 8.32
CA SER A 27 -2.94 -3.12 9.10
C SER A 27 -2.52 -3.90 10.31
N GLY A 28 -1.35 -4.46 10.22
CA GLY A 28 -0.60 -4.88 11.39
C GLY A 28 -1.23 -6.03 12.11
N ASN A 29 -1.08 -7.22 11.55
CA ASN A 29 -1.78 -8.42 12.04
C ASN A 29 -3.31 -8.27 11.94
N THR A 30 -3.78 -7.02 11.88
CA THR A 30 -5.19 -6.72 11.79
C THR A 30 -5.56 -6.76 10.32
N ASN A 31 -6.12 -7.88 9.89
CA ASN A 31 -6.35 -8.10 8.48
C ASN A 31 -7.83 -8.26 8.18
N VAL A 32 -8.30 -7.54 7.17
CA VAL A 32 -9.72 -7.57 6.82
C VAL A 32 -9.94 -8.11 5.41
N GLY A 33 -9.64 -7.30 4.42
CA GLY A 33 -9.85 -7.69 3.03
C GLY A 33 -10.37 -6.54 2.21
N VAL A 34 -9.86 -6.37 1.00
CA VAL A 34 -10.19 -5.18 0.24
C VAL A 34 -10.92 -5.51 -1.08
N GLN A 35 -11.07 -4.52 -1.93
CA GLN A 35 -11.96 -4.49 -3.04
C GLN A 35 -11.33 -3.51 -4.05
N TYR A 36 -12.03 -3.15 -5.10
CA TYR A 36 -11.43 -2.35 -6.16
C TYR A 36 -11.33 -0.89 -5.78
N LEU A 37 -10.27 -0.27 -6.24
CA LEU A 37 -10.10 1.15 -6.08
C LEU A 37 -10.05 1.75 -7.47
N ASN A 38 -10.95 2.68 -7.72
CA ASN A 38 -11.02 3.33 -9.00
C ASN A 38 -10.14 4.54 -9.05
N PHE A 39 -10.06 5.09 -10.23
CA PHE A 39 -9.18 6.22 -10.44
C PHE A 39 -9.81 7.50 -9.94
N LYS A 40 -9.12 8.17 -9.03
CA LYS A 40 -9.56 9.45 -8.51
C LYS A 40 -8.44 10.11 -7.72
N GLY A 41 -7.82 9.34 -6.84
CA GLY A 41 -6.74 9.88 -6.04
C GLY A 41 -6.07 8.83 -5.19
N THR A 42 -5.69 9.22 -3.98
CA THR A 42 -5.03 8.34 -3.05
C THR A 42 -6.02 7.50 -2.25
N ARG A 43 -5.50 6.45 -1.63
CA ARG A 43 -6.29 5.60 -0.78
C ARG A 43 -5.49 5.34 0.48
N ILE A 44 -5.91 5.91 1.58
CA ILE A 44 -5.10 5.87 2.78
C ILE A 44 -5.73 5.04 3.87
N ILE A 45 -4.91 4.17 4.44
CA ILE A 45 -5.30 3.35 5.57
C ILE A 45 -4.44 3.72 6.76
N LYS A 46 -4.86 3.38 7.95
CA LYS A 46 -4.02 3.65 9.12
C LYS A 46 -4.19 2.57 10.18
N PHE A 47 -3.36 2.68 11.21
CA PHE A 47 -3.27 1.70 12.28
C PHE A 47 -2.38 2.33 13.32
N LYS A 48 -2.48 1.90 14.56
CA LYS A 48 -1.88 2.66 15.63
C LYS A 48 -1.49 1.80 16.82
N ASP A 49 -0.84 0.68 16.55
CA ASP A 49 -0.36 -0.21 17.60
C ASP A 49 0.89 -0.95 17.11
N ASP A 50 1.69 -0.23 16.32
CA ASP A 50 2.85 -0.82 15.66
C ASP A 50 4.05 -0.91 16.59
N GLY A 51 3.78 -0.92 17.88
CA GLY A 51 4.83 -1.11 18.85
C GLY A 51 4.83 -2.52 19.42
N THR A 52 3.83 -3.29 19.02
CA THR A 52 3.67 -4.65 19.49
C THR A 52 3.95 -5.66 18.37
N GLU A 53 3.36 -6.84 18.47
CA GLU A 53 3.49 -7.85 17.41
C GLU A 53 2.61 -7.45 16.22
N ARG A 54 1.85 -6.39 16.41
CA ARG A 54 0.89 -5.91 15.43
C ARG A 54 1.52 -5.01 14.37
N SER A 55 2.84 -4.91 14.35
CA SER A 55 3.52 -4.04 13.39
C SER A 55 3.58 -4.64 11.98
N ARG A 56 2.50 -5.26 11.48
CA ARG A 56 2.66 -5.94 10.20
C ARG A 56 1.44 -5.91 9.27
N TRP A 57 1.58 -5.09 8.23
CA TRP A 57 0.54 -4.89 7.23
C TRP A 57 1.01 -5.36 5.85
N ASN A 58 0.06 -5.61 4.95
CA ASN A 58 0.37 -6.09 3.60
C ASN A 58 -0.72 -5.63 2.62
N CYS A 59 -0.33 -5.14 1.44
CA CYS A 59 -1.30 -4.72 0.41
C CYS A 59 -1.25 -5.73 -0.74
N LEU A 60 -2.41 -6.10 -1.30
CA LEU A 60 -2.44 -7.08 -2.38
C LEU A 60 -3.33 -6.56 -3.48
N PHE A 61 -2.74 -6.29 -4.62
CA PHE A 61 -3.51 -5.82 -5.75
C PHE A 61 -3.76 -7.01 -6.64
N ARG A 62 -4.97 -7.14 -7.14
CA ARG A 62 -5.34 -8.35 -7.85
C ARG A 62 -6.67 -8.18 -8.60
N GLN A 63 -7.09 -9.27 -9.25
CA GLN A 63 -8.34 -9.31 -9.99
C GLN A 63 -8.57 -10.73 -10.51
N GLY A 64 -8.50 -11.69 -9.60
CA GLY A 64 -8.69 -13.09 -9.96
C GLY A 64 -7.52 -13.70 -10.65
N ILE A 65 -7.35 -13.36 -11.93
CA ILE A 65 -6.11 -13.64 -12.68
C ILE A 65 -5.75 -15.14 -12.67
N ASN A 66 -4.56 -15.46 -13.18
CA ASN A 66 -3.99 -16.81 -13.02
C ASN A 66 -3.65 -17.06 -11.55
N MET A 67 -2.63 -17.86 -11.25
CA MET A 67 -2.20 -18.04 -9.87
C MET A 67 -2.09 -16.68 -9.18
N LYS A 68 -1.33 -15.76 -9.80
CA LYS A 68 -1.32 -14.35 -9.43
C LYS A 68 -0.21 -13.57 -10.12
N PHE A 69 -0.55 -12.99 -11.25
CA PHE A 69 0.28 -11.96 -11.88
C PHE A 69 0.18 -10.70 -11.05
N PHE A 70 -0.89 -10.66 -10.29
CA PHE A 70 -1.24 -9.53 -9.44
C PHE A 70 -0.27 -9.36 -8.27
N THR A 71 -0.16 -8.13 -7.79
CA THR A 71 0.99 -7.75 -6.96
C THR A 71 0.68 -7.77 -5.48
N GLU A 72 1.69 -8.10 -4.71
CA GLU A 72 1.63 -8.02 -3.27
C GLU A 72 2.68 -7.06 -2.77
N VAL A 73 2.25 -5.87 -2.36
CA VAL A 73 3.18 -4.87 -1.87
C VAL A 73 3.18 -4.90 -0.36
N GLU A 74 4.36 -5.10 0.23
CA GLU A 74 4.47 -5.06 1.67
C GLU A 74 4.15 -3.65 2.14
N ALA A 75 2.97 -3.52 2.72
CA ALA A 75 2.51 -2.27 3.30
C ALA A 75 3.61 -1.66 4.14
N TYR A 76 4.18 -2.49 5.00
CA TYR A 76 5.32 -2.13 5.80
C TYR A 76 6.48 -3.01 5.37
N ARG A 77 7.65 -2.44 5.21
CA ARG A 77 8.78 -3.18 4.68
C ARG A 77 9.37 -4.07 5.77
N PRO A 78 9.52 -5.38 5.48
CA PRO A 78 10.01 -6.35 6.47
C PRO A 78 11.48 -6.16 6.83
N ASP A 79 12.08 -5.14 6.23
CA ASP A 79 13.41 -4.73 6.61
C ASP A 79 13.30 -3.80 7.82
N LEU A 80 13.49 -4.38 9.00
CA LEU A 80 13.18 -3.70 10.25
C LEU A 80 14.29 -2.75 10.65
N LYS A 81 15.30 -2.66 9.81
CA LYS A 81 16.35 -1.67 9.96
C LYS A 81 15.82 -0.30 9.59
N HIS A 82 14.63 -0.29 8.99
CA HIS A 82 13.95 0.93 8.61
C HIS A 82 12.88 1.28 9.63
N PRO A 83 13.18 2.19 10.57
CA PRO A 83 12.21 2.67 11.54
C PRO A 83 11.42 3.85 10.99
N LEU A 84 10.11 3.69 10.87
CA LEU A 84 9.25 4.77 10.41
C LEU A 84 8.86 5.65 11.57
N CYS A 85 7.79 5.26 12.21
CA CYS A 85 7.29 5.90 13.42
C CYS A 85 6.74 7.30 13.16
N GLY A 86 6.72 7.70 11.91
CA GLY A 86 6.01 8.89 11.52
C GLY A 86 4.76 8.56 10.73
N LYS A 87 4.96 7.86 9.61
CA LYS A 87 3.86 7.35 8.79
C LYS A 87 4.35 6.31 7.80
N ARG A 88 3.49 5.97 6.85
CA ARG A 88 3.87 5.04 5.80
C ARG A 88 3.88 5.72 4.43
N TYR A 89 4.60 5.11 3.52
CA TYR A 89 4.90 5.67 2.22
C TYR A 89 3.92 5.12 1.19
N GLU A 90 3.86 5.78 0.07
CA GLU A 90 2.87 5.51 -0.94
C GLU A 90 3.33 4.48 -1.95
N LEU A 91 2.45 3.54 -2.24
CA LEU A 91 2.64 2.64 -3.35
C LEU A 91 1.69 3.06 -4.44
N SER A 92 2.23 3.56 -5.52
CA SER A 92 1.43 4.21 -6.52
C SER A 92 1.18 3.29 -7.69
N ALA A 93 -0.07 3.04 -7.93
CA ALA A 93 -0.49 2.14 -8.93
C ALA A 93 -0.69 2.84 -10.25
N ARG A 94 -0.03 2.33 -11.25
CA ARG A 94 -0.24 2.74 -12.63
C ARG A 94 -0.24 1.50 -13.45
N MET A 95 -1.44 1.05 -13.82
CA MET A 95 -1.73 -0.25 -14.48
C MET A 95 -0.51 -1.12 -14.81
N ASP A 96 0.48 -0.57 -15.52
CA ASP A 96 1.71 -1.29 -15.84
C ASP A 96 2.39 -1.84 -14.57
N ALA A 97 2.75 -0.97 -13.63
CA ALA A 97 3.39 -1.41 -12.39
C ALA A 97 2.85 -0.68 -11.17
N ILE A 98 3.35 -1.11 -10.04
CA ILE A 98 3.12 -0.47 -8.77
C ILE A 98 4.42 0.21 -8.34
N TYR A 99 4.33 1.49 -8.12
CA TYR A 99 5.49 2.32 -7.87
C TYR A 99 5.73 2.45 -6.38
N PHE A 100 6.99 2.53 -6.01
CA PHE A 100 7.36 2.70 -4.61
C PHE A 100 7.77 4.15 -4.37
N LYS A 101 6.96 4.86 -3.60
CA LYS A 101 7.21 6.26 -3.33
C LYS A 101 7.52 6.50 -1.86
N MET A 102 8.52 7.32 -1.62
CA MET A 102 8.90 7.71 -0.27
C MET A 102 9.05 9.22 -0.23
N ASP A 103 9.11 9.81 0.96
CA ASP A 103 9.31 11.25 1.06
C ASP A 103 10.50 11.68 0.23
N GLU A 104 10.35 12.80 -0.46
CA GLU A 104 11.36 13.32 -1.37
C GLU A 104 11.54 12.43 -2.61
N ARG A 105 11.46 11.13 -2.42
CA ARG A 105 11.70 10.16 -3.49
C ARG A 105 10.48 10.01 -4.41
N PRO A 106 10.64 10.32 -5.71
CA PRO A 106 9.58 10.12 -6.69
C PRO A 106 9.31 8.63 -6.94
N PRO A 107 8.02 8.26 -7.05
CA PRO A 107 7.60 6.87 -7.23
C PRO A 107 8.27 6.21 -8.43
N GLN A 108 8.94 5.09 -8.19
CA GLN A 108 9.58 4.34 -9.27
C GLN A 108 8.94 2.96 -9.41
N PRO A 109 8.84 2.46 -10.65
CA PRO A 109 8.31 1.11 -10.94
C PRO A 109 9.13 0.02 -10.25
N LEU A 110 8.58 -0.54 -9.19
CA LEU A 110 9.30 -1.56 -8.42
C LEU A 110 8.48 -2.81 -8.24
N ASN A 111 7.19 -2.68 -8.40
CA ASN A 111 6.27 -3.78 -8.22
C ASN A 111 5.31 -3.70 -9.36
N LYS A 112 4.45 -4.66 -9.55
CA LYS A 112 3.48 -4.54 -10.57
C LYS A 112 2.26 -5.36 -10.31
N TRP A 113 1.14 -4.68 -10.34
CA TRP A 113 -0.13 -5.32 -10.25
C TRP A 113 -0.46 -5.96 -11.58
N ARG A 114 -0.43 -7.28 -11.55
CA ARG A 114 -0.64 -8.17 -12.69
C ARG A 114 0.48 -8.07 -13.69
N SER A 115 0.36 -8.85 -14.74
CA SER A 115 1.43 -9.04 -15.69
C SER A 115 0.86 -9.38 -17.06
N ALA A 1 3.59 5.74 19.38
CA ALA A 1 2.84 6.98 19.13
C ALA A 1 1.50 6.94 19.86
N MET A 2 1.16 8.04 20.55
CA MET A 2 -0.07 8.11 21.32
C MET A 2 -1.04 9.15 20.75
N GLY A 3 -0.55 10.35 20.50
CA GLY A 3 -1.37 11.37 19.85
C GLY A 3 -1.31 11.24 18.36
N CYS A 4 -1.57 10.02 17.92
CA CYS A 4 -1.32 9.61 16.56
C CYS A 4 -1.85 8.20 16.37
N LYS A 5 -2.25 7.89 15.15
CA LYS A 5 -2.39 6.49 14.72
C LYS A 5 -1.08 5.78 14.97
N GLU A 6 -0.98 4.49 14.75
CA GLU A 6 0.35 3.99 14.53
C GLU A 6 0.41 3.32 13.18
N ILE A 7 0.18 4.15 12.16
CA ILE A 7 0.62 4.06 10.74
C ILE A 7 -0.31 4.91 9.87
N GLU A 8 -0.02 4.99 8.57
CA GLU A 8 -1.01 5.50 7.60
C GLU A 8 -0.73 4.96 6.20
N ILE A 9 -1.56 4.02 5.75
CA ILE A 9 -1.30 3.25 4.53
C ILE A 9 -1.99 3.85 3.32
N VAL A 10 -1.27 4.02 2.22
CA VAL A 10 -1.86 4.62 1.04
C VAL A 10 -1.60 3.81 -0.23
N ILE A 11 -2.67 3.55 -0.96
CA ILE A 11 -2.60 2.91 -2.25
C ILE A 11 -3.15 3.88 -3.29
N LYS A 12 -2.42 4.05 -4.38
CA LYS A 12 -2.89 4.89 -5.47
C LYS A 12 -3.25 4.02 -6.66
N ASN A 13 -3.95 4.60 -7.61
CA ASN A 13 -4.28 3.93 -8.84
C ASN A 13 -4.39 4.95 -9.95
N THR A 14 -3.68 4.71 -11.04
CA THR A 14 -3.66 5.63 -12.15
C THR A 14 -2.95 5.06 -13.37
N LEU A 15 -3.70 4.36 -14.20
CA LEU A 15 -3.20 3.90 -15.48
C LEU A 15 -3.64 4.86 -16.59
N GLY A 16 -4.46 5.82 -16.21
CA GLY A 16 -5.08 6.69 -17.18
C GLY A 16 -6.43 6.14 -17.54
N PRO A 17 -7.47 6.99 -17.57
CA PRO A 17 -8.89 6.61 -17.51
C PRO A 17 -9.21 5.17 -17.93
N SER A 18 -10.01 4.50 -17.08
CA SER A 18 -10.24 3.05 -17.14
C SER A 18 -9.10 2.29 -16.45
N ARG A 19 -9.05 2.43 -15.14
CA ARG A 19 -8.06 1.81 -14.28
C ARG A 19 -8.66 1.54 -12.93
N ILE A 20 -8.80 0.26 -12.58
CA ILE A 20 -9.30 -0.13 -11.26
C ILE A 20 -8.57 -1.40 -10.80
N LEU A 21 -8.15 -1.42 -9.55
CA LEU A 21 -7.58 -2.65 -8.97
C LEU A 21 -7.99 -2.77 -7.51
N GLN A 22 -8.15 -4.00 -7.06
CA GLN A 22 -8.53 -4.29 -5.70
C GLN A 22 -7.30 -4.68 -4.90
N TYR A 23 -6.97 -3.91 -3.87
CA TYR A 23 -5.80 -4.19 -3.07
C TYR A 23 -6.23 -4.67 -1.69
N HIS A 24 -5.45 -5.56 -1.12
CA HIS A 24 -5.69 -6.03 0.23
C HIS A 24 -4.46 -5.82 1.08
N CYS A 25 -4.53 -4.88 2.00
CA CYS A 25 -3.43 -4.66 2.91
C CYS A 25 -3.61 -5.49 4.18
N ARG A 26 -2.91 -6.62 4.20
CA ARG A 26 -2.85 -7.48 5.36
C ARG A 26 -1.53 -8.24 5.36
N SER A 27 -0.73 -8.02 6.37
CA SER A 27 0.41 -8.88 6.71
C SER A 27 1.11 -8.36 7.95
N GLY A 28 0.74 -8.87 9.09
CA GLY A 28 1.25 -8.34 10.34
C GLY A 28 0.26 -8.46 11.48
N ASN A 29 -0.51 -9.56 11.46
CA ASN A 29 -1.50 -9.86 12.50
C ASN A 29 -2.67 -8.89 12.50
N THR A 30 -2.63 -7.90 11.62
CA THR A 30 -3.68 -6.92 11.52
C THR A 30 -4.37 -7.01 10.15
N ASN A 31 -5.68 -7.17 10.16
CA ASN A 31 -6.42 -7.49 8.95
C ASN A 31 -7.64 -6.60 8.76
N VAL A 32 -7.50 -5.59 7.90
CA VAL A 32 -8.63 -4.77 7.50
C VAL A 32 -8.27 -3.82 6.36
N GLY A 33 -8.61 -4.21 5.14
CA GLY A 33 -8.27 -3.39 4.00
C GLY A 33 -8.36 -4.14 2.68
N VAL A 34 -9.57 -4.34 2.18
CA VAL A 34 -9.75 -4.86 0.83
C VAL A 34 -10.71 -3.96 0.07
N GLN A 35 -10.19 -3.23 -0.91
CA GLN A 35 -11.00 -2.33 -1.66
C GLN A 35 -10.38 -2.06 -3.03
N TYR A 36 -11.22 -1.83 -4.02
CA TYR A 36 -10.78 -1.37 -5.32
C TYR A 36 -10.66 0.14 -5.32
N LEU A 37 -9.64 0.65 -5.97
CA LEU A 37 -9.47 2.09 -6.06
C LEU A 37 -9.65 2.55 -7.48
N ASN A 38 -10.20 3.75 -7.63
CA ASN A 38 -10.31 4.40 -8.93
C ASN A 38 -9.20 5.42 -9.06
N PHE A 39 -8.94 5.84 -10.29
CA PHE A 39 -7.87 6.80 -10.53
C PHE A 39 -8.36 8.22 -10.36
N LYS A 40 -7.95 8.82 -9.25
CA LYS A 40 -8.18 10.23 -8.99
C LYS A 40 -7.28 10.68 -7.85
N GLY A 41 -7.42 10.01 -6.71
CA GLY A 41 -6.62 10.38 -5.55
C GLY A 41 -5.88 9.21 -4.97
N THR A 42 -6.15 8.92 -3.70
CA THR A 42 -5.48 7.86 -2.97
C THR A 42 -6.47 7.10 -2.11
N ARG A 43 -6.04 5.97 -1.57
CA ARG A 43 -6.88 5.16 -0.71
C ARG A 43 -6.11 4.91 0.57
N ILE A 44 -6.53 5.54 1.65
CA ILE A 44 -5.71 5.55 2.85
C ILE A 44 -6.35 4.81 4.01
N ILE A 45 -5.60 3.83 4.45
CA ILE A 45 -5.88 3.08 5.64
C ILE A 45 -5.19 3.70 6.83
N LYS A 46 -5.67 3.40 8.02
CA LYS A 46 -5.00 3.88 9.20
C LYS A 46 -5.30 2.97 10.38
N PHE A 47 -4.39 2.95 11.34
CA PHE A 47 -4.43 2.00 12.45
C PHE A 47 -3.48 2.52 13.51
N LYS A 48 -3.42 1.90 14.68
CA LYS A 48 -2.67 2.51 15.78
C LYS A 48 -2.56 1.58 16.98
N ASP A 49 -2.28 2.20 18.15
CA ASP A 49 -2.27 1.58 19.49
C ASP A 49 -2.58 0.09 19.50
N ASP A 50 -1.57 -0.69 19.85
CA ASP A 50 -1.68 -2.14 19.95
C ASP A 50 -2.07 -2.75 18.61
N GLY A 51 -1.31 -2.40 17.59
CA GLY A 51 -1.51 -2.97 16.27
C GLY A 51 -0.23 -3.57 15.75
N THR A 52 0.76 -3.63 16.62
CA THR A 52 2.11 -4.11 16.33
C THR A 52 2.81 -3.33 15.22
N GLU A 53 3.95 -2.78 15.56
CA GLU A 53 4.68 -1.89 14.69
C GLU A 53 5.59 -2.67 13.75
N ARG A 54 6.10 -3.78 14.24
CA ARG A 54 7.03 -4.60 13.47
C ARG A 54 6.30 -5.57 12.54
N SER A 55 5.12 -6.04 12.96
CA SER A 55 4.41 -7.06 12.22
C SER A 55 3.88 -6.54 10.90
N ARG A 56 3.33 -5.32 10.93
CA ARG A 56 3.08 -4.51 9.76
C ARG A 56 1.94 -4.99 8.86
N TRP A 57 1.91 -4.46 7.63
CA TRP A 57 0.88 -4.76 6.64
C TRP A 57 1.54 -4.96 5.27
N ASN A 58 0.98 -5.82 4.43
CA ASN A 58 1.38 -5.89 3.03
C ASN A 58 0.13 -5.83 2.15
N CYS A 59 0.20 -5.10 1.06
CA CYS A 59 -0.96 -4.89 0.21
C CYS A 59 -0.88 -5.76 -1.04
N LEU A 60 -1.97 -6.44 -1.34
CA LEU A 60 -1.99 -7.41 -2.41
C LEU A 60 -3.03 -6.98 -3.42
N PHE A 61 -2.63 -6.74 -4.66
CA PHE A 61 -3.58 -6.24 -5.63
C PHE A 61 -4.07 -7.42 -6.46
N ARG A 62 -5.36 -7.68 -6.40
CA ARG A 62 -5.91 -8.88 -6.99
C ARG A 62 -7.15 -8.57 -7.82
N GLN A 63 -7.16 -9.16 -9.00
CA GLN A 63 -8.22 -8.98 -9.97
C GLN A 63 -7.89 -9.85 -11.18
N GLY A 64 -7.82 -11.14 -10.93
CA GLY A 64 -7.43 -12.08 -11.96
C GLY A 64 -7.82 -13.50 -11.64
N ILE A 65 -6.85 -14.35 -11.36
CA ILE A 65 -7.11 -15.76 -11.16
C ILE A 65 -5.94 -16.51 -10.48
N ASN A 66 -4.80 -16.58 -11.17
CA ASN A 66 -3.65 -17.36 -10.70
C ASN A 66 -2.51 -16.44 -10.29
N MET A 67 -1.28 -16.92 -10.44
CA MET A 67 -0.10 -16.06 -10.30
C MET A 67 -0.11 -15.01 -11.40
N LYS A 68 -0.75 -15.35 -12.53
CA LYS A 68 -1.03 -14.38 -13.57
C LYS A 68 -1.98 -13.34 -13.01
N PHE A 69 -1.84 -12.09 -13.46
CA PHE A 69 -2.50 -10.96 -12.81
C PHE A 69 -1.84 -10.74 -11.45
N PHE A 70 -2.45 -9.95 -10.58
CA PHE A 70 -2.02 -9.84 -9.18
C PHE A 70 -0.69 -9.09 -9.00
N THR A 71 -0.52 -8.53 -7.81
CA THR A 71 0.78 -8.02 -7.34
C THR A 71 0.78 -7.96 -5.84
N GLU A 72 1.96 -8.03 -5.26
CA GLU A 72 2.10 -8.07 -3.82
C GLU A 72 3.09 -7.01 -3.39
N VAL A 73 2.58 -5.97 -2.76
CA VAL A 73 3.40 -4.84 -2.41
C VAL A 73 3.48 -4.65 -0.90
N GLU A 74 4.65 -4.29 -0.41
CA GLU A 74 4.81 -4.02 1.01
C GLU A 74 4.21 -2.67 1.36
N ALA A 75 3.27 -2.69 2.30
CA ALA A 75 2.64 -1.47 2.77
C ALA A 75 3.64 -0.64 3.52
N TYR A 76 4.62 -1.31 4.11
CA TYR A 76 5.64 -0.64 4.91
C TYR A 76 6.63 -1.65 5.47
N ARG A 77 7.90 -1.30 5.41
CA ARG A 77 8.93 -2.13 6.00
C ARG A 77 9.12 -1.70 7.46
N PRO A 78 9.30 -2.67 8.39
CA PRO A 78 9.27 -2.41 9.84
C PRO A 78 10.30 -1.39 10.30
N ASP A 79 9.85 -0.15 10.46
CA ASP A 79 10.68 0.92 10.99
C ASP A 79 10.33 1.13 12.46
N LEU A 80 11.14 0.57 13.35
CA LEU A 80 10.78 0.48 14.75
C LEU A 80 11.11 1.73 15.53
N LYS A 81 11.93 2.57 14.94
CA LYS A 81 12.36 3.80 15.60
C LYS A 81 11.43 4.96 15.25
N HIS A 82 10.73 4.83 14.13
CA HIS A 82 9.86 5.91 13.65
C HIS A 82 8.42 5.68 14.11
N PRO A 83 7.83 6.66 14.82
CA PRO A 83 6.44 6.59 15.27
C PRO A 83 5.46 6.51 14.11
N LEU A 84 4.66 5.45 14.10
CA LEU A 84 3.69 5.23 13.05
C LEU A 84 2.49 6.09 13.35
N CYS A 85 1.91 6.70 12.32
CA CYS A 85 0.57 7.31 12.36
C CYS A 85 0.30 7.97 11.07
N GLY A 86 1.35 8.53 10.58
CA GLY A 86 1.43 8.97 9.23
C GLY A 86 2.30 8.04 8.40
N LYS A 87 2.60 6.84 8.90
CA LYS A 87 3.74 6.13 8.32
C LYS A 87 3.39 4.81 7.72
N ARG A 88 3.35 4.83 6.42
CA ARG A 88 3.21 3.68 5.55
C ARG A 88 3.68 4.10 4.18
N TYR A 89 3.96 3.16 3.30
CA TYR A 89 4.42 3.52 1.96
C TYR A 89 3.21 3.62 1.05
N GLU A 90 3.30 4.51 0.09
CA GLU A 90 2.29 4.61 -0.95
C GLU A 90 2.66 3.74 -2.11
N LEU A 91 1.83 2.78 -2.39
CA LEU A 91 2.02 1.98 -3.57
C LEU A 91 0.96 2.35 -4.58
N SER A 92 1.41 2.84 -5.70
CA SER A 92 0.52 3.33 -6.71
C SER A 92 0.44 2.37 -7.86
N ALA A 93 -0.77 2.04 -8.22
CA ALA A 93 -1.01 1.19 -9.33
C ALA A 93 -1.11 2.01 -10.55
N ARG A 94 -0.03 2.10 -11.26
CA ARG A 94 0.06 3.04 -12.35
C ARG A 94 0.27 2.39 -13.66
N MET A 95 -0.21 3.15 -14.62
CA MET A 95 -0.10 2.89 -16.04
C MET A 95 0.99 1.85 -16.38
N ASP A 96 2.22 2.15 -15.99
CA ASP A 96 3.35 1.26 -16.26
C ASP A 96 3.48 0.18 -15.18
N ALA A 97 3.72 0.60 -13.94
CA ALA A 97 3.94 -0.32 -12.84
C ALA A 97 3.39 0.20 -11.54
N ILE A 98 3.54 -0.61 -10.52
CA ILE A 98 3.20 -0.24 -9.16
C ILE A 98 4.40 0.41 -8.53
N TYR A 99 4.23 1.63 -8.07
CA TYR A 99 5.35 2.40 -7.58
C TYR A 99 5.21 2.67 -6.09
N PHE A 100 6.31 2.53 -5.37
CA PHE A 100 6.29 2.72 -3.93
C PHE A 100 6.88 4.08 -3.59
N LYS A 101 6.56 4.61 -2.42
CA LYS A 101 7.02 5.92 -2.01
C LYS A 101 7.31 5.97 -0.52
N MET A 102 8.43 6.60 -0.19
CA MET A 102 8.81 6.87 1.18
C MET A 102 9.66 8.13 1.20
N ASP A 103 9.61 8.88 2.29
CA ASP A 103 10.38 10.11 2.40
C ASP A 103 11.87 9.82 2.41
N GLU A 104 12.66 10.85 2.11
CA GLU A 104 14.12 10.79 2.08
C GLU A 104 14.61 10.01 0.87
N ARG A 105 13.70 9.26 0.24
CA ARG A 105 14.05 8.49 -0.94
C ARG A 105 13.05 8.75 -2.07
N PRO A 106 13.47 8.54 -3.34
CA PRO A 106 12.64 8.85 -4.50
C PRO A 106 11.60 7.77 -4.81
N PRO A 107 10.31 8.16 -4.88
CA PRO A 107 9.22 7.24 -5.26
C PRO A 107 9.45 6.63 -6.64
N GLN A 108 9.39 5.31 -6.74
CA GLN A 108 9.74 4.64 -7.99
C GLN A 108 8.99 3.32 -8.16
N PRO A 109 8.74 2.91 -9.43
CA PRO A 109 8.11 1.63 -9.76
C PRO A 109 8.91 0.45 -9.23
N LEU A 110 8.26 -0.40 -8.45
CA LEU A 110 8.94 -1.55 -7.86
C LEU A 110 8.09 -2.80 -7.97
N ASN A 111 6.91 -2.66 -8.53
CA ASN A 111 5.99 -3.76 -8.66
C ASN A 111 5.18 -3.51 -9.89
N LYS A 112 4.26 -4.36 -10.21
CA LYS A 112 3.38 -4.08 -11.31
C LYS A 112 2.01 -4.62 -11.03
N TRP A 113 1.05 -3.89 -11.52
CA TRP A 113 -0.33 -4.20 -11.32
C TRP A 113 -0.71 -5.46 -12.08
N ARG A 114 -1.93 -5.89 -11.92
CA ARG A 114 -2.35 -7.17 -12.45
C ARG A 114 -2.19 -7.30 -13.94
N SER A 115 -1.49 -8.36 -14.27
CA SER A 115 -1.08 -8.70 -15.65
C SER A 115 -0.44 -7.51 -16.37
N ALA A 1 14.48 4.43 16.56
CA ALA A 1 13.40 5.33 16.10
C ALA A 1 12.71 5.99 17.30
N MET A 2 12.76 7.32 17.36
CA MET A 2 12.18 8.04 18.49
C MET A 2 11.18 9.09 18.00
N GLY A 3 11.69 10.16 17.40
CA GLY A 3 10.82 11.16 16.83
C GLY A 3 10.27 10.69 15.50
N CYS A 4 9.19 9.94 15.56
CA CYS A 4 8.73 9.22 14.39
C CYS A 4 7.23 9.35 14.18
N LYS A 5 6.85 9.39 12.91
CA LYS A 5 5.46 9.63 12.50
C LYS A 5 4.53 8.49 12.80
N GLU A 6 3.26 8.84 12.86
CA GLU A 6 2.16 7.92 12.81
C GLU A 6 1.99 7.48 11.38
N ILE A 7 1.82 6.20 11.17
CA ILE A 7 2.05 5.64 9.85
C ILE A 7 0.76 5.51 9.05
N GLU A 8 0.88 5.68 7.73
CA GLU A 8 -0.26 6.01 6.88
C GLU A 8 0.05 5.61 5.45
N ILE A 9 -0.61 4.59 4.97
CA ILE A 9 -0.23 4.02 3.70
C ILE A 9 -1.15 4.53 2.60
N VAL A 10 -0.56 4.96 1.50
CA VAL A 10 -1.34 5.36 0.35
C VAL A 10 -1.22 4.33 -0.76
N ILE A 11 -2.36 3.77 -1.13
CA ILE A 11 -2.45 2.94 -2.29
C ILE A 11 -3.09 3.75 -3.39
N LYS A 12 -2.30 4.12 -4.38
CA LYS A 12 -2.79 4.96 -5.46
C LYS A 12 -3.10 4.09 -6.67
N ASN A 13 -3.85 4.65 -7.59
CA ASN A 13 -4.33 3.90 -8.72
C ASN A 13 -4.54 4.82 -9.92
N THR A 14 -3.64 4.78 -10.87
CA THR A 14 -3.76 5.68 -11.99
C THR A 14 -2.81 5.36 -13.13
N LEU A 15 -3.29 4.62 -14.11
CA LEU A 15 -2.71 4.69 -15.42
C LEU A 15 -3.44 5.80 -16.14
N GLY A 16 -4.70 5.90 -15.76
CA GLY A 16 -5.61 6.90 -16.25
C GLY A 16 -7.04 6.46 -16.04
N PRO A 17 -7.99 6.99 -16.82
CA PRO A 17 -9.43 6.71 -16.62
C PRO A 17 -9.75 5.21 -16.56
N SER A 18 -10.52 4.84 -15.51
CA SER A 18 -11.04 3.48 -15.35
C SER A 18 -9.93 2.46 -15.02
N ARG A 19 -8.88 2.91 -14.34
CA ARG A 19 -7.88 1.98 -13.82
C ARG A 19 -8.25 1.59 -12.41
N ILE A 20 -8.70 0.35 -12.23
CA ILE A 20 -9.19 -0.09 -10.94
C ILE A 20 -8.56 -1.40 -10.52
N LEU A 21 -7.76 -1.35 -9.47
CA LEU A 21 -7.12 -2.53 -8.92
C LEU A 21 -7.77 -2.88 -7.58
N GLN A 22 -8.00 -4.15 -7.34
CA GLN A 22 -8.60 -4.58 -6.10
C GLN A 22 -7.51 -4.97 -5.11
N TYR A 23 -7.25 -4.12 -4.13
CA TYR A 23 -6.16 -4.36 -3.20
C TYR A 23 -6.68 -4.94 -1.89
N HIS A 24 -6.05 -6.02 -1.48
CA HIS A 24 -6.33 -6.64 -0.21
C HIS A 24 -5.19 -6.43 0.74
N CYS A 25 -5.32 -5.48 1.62
CA CYS A 25 -4.24 -5.23 2.54
C CYS A 25 -4.54 -5.82 3.90
N ARG A 26 -4.08 -7.05 4.09
CA ARG A 26 -3.92 -7.63 5.39
C ARG A 26 -2.92 -8.81 5.36
N SER A 27 -1.71 -8.54 5.66
CA SER A 27 -0.65 -9.55 5.90
C SER A 27 0.72 -8.93 6.26
N GLY A 28 1.05 -8.85 7.53
CA GLY A 28 2.36 -8.39 7.99
C GLY A 28 2.83 -6.99 7.53
N ASN A 29 1.90 -6.08 7.29
CA ASN A 29 2.20 -4.67 7.01
C ASN A 29 1.14 -3.69 7.66
N THR A 30 0.08 -3.26 6.95
CA THR A 30 -0.97 -2.40 7.56
C THR A 30 -2.38 -2.60 6.91
N ASN A 31 -3.37 -3.02 7.71
CA ASN A 31 -4.66 -3.57 7.20
C ASN A 31 -5.64 -2.51 6.74
N VAL A 32 -6.41 -2.87 5.73
CA VAL A 32 -7.60 -2.12 5.38
C VAL A 32 -8.72 -2.99 4.84
N GLY A 33 -8.40 -4.19 4.36
CA GLY A 33 -9.40 -5.05 3.84
C GLY A 33 -9.20 -5.22 2.38
N VAL A 34 -10.29 -5.20 1.64
CA VAL A 34 -10.24 -5.51 0.23
C VAL A 34 -11.17 -4.59 -0.54
N GLN A 35 -10.62 -3.54 -1.09
CA GLN A 35 -11.41 -2.55 -1.80
C GLN A 35 -10.89 -2.36 -3.21
N TYR A 36 -11.63 -1.60 -3.99
CA TYR A 36 -11.22 -1.28 -5.34
C TYR A 36 -10.61 0.10 -5.41
N LEU A 37 -9.65 0.24 -6.29
CA LEU A 37 -8.91 1.46 -6.45
C LEU A 37 -9.35 2.17 -7.72
N ASN A 38 -10.22 3.15 -7.60
CA ASN A 38 -10.70 3.88 -8.76
C ASN A 38 -9.84 5.08 -9.04
N PHE A 39 -9.55 5.26 -10.33
CA PHE A 39 -8.61 6.27 -10.82
C PHE A 39 -8.90 7.65 -10.23
N LYS A 40 -7.83 8.45 -10.10
CA LYS A 40 -7.81 9.70 -9.35
C LYS A 40 -8.33 9.53 -7.94
N GLY A 41 -7.41 9.36 -7.02
CA GLY A 41 -7.77 9.24 -5.65
C GLY A 41 -6.95 8.19 -4.93
N THR A 42 -6.59 8.49 -3.70
CA THR A 42 -5.78 7.61 -2.89
C THR A 42 -6.65 6.76 -1.98
N ARG A 43 -6.12 5.62 -1.58
CA ARG A 43 -6.79 4.75 -0.64
C ARG A 43 -5.87 4.62 0.55
N ILE A 44 -6.25 5.23 1.66
CA ILE A 44 -5.29 5.46 2.71
C ILE A 44 -5.52 4.58 3.92
N ILE A 45 -4.44 3.93 4.31
CA ILE A 45 -4.36 3.16 5.51
C ILE A 45 -3.75 3.98 6.61
N LYS A 46 -3.95 3.57 7.85
CA LYS A 46 -3.27 4.23 8.95
C LYS A 46 -3.31 3.41 10.25
N PHE A 47 -2.12 3.22 10.80
CA PHE A 47 -1.92 2.49 12.05
C PHE A 47 -0.77 3.19 12.76
N LYS A 48 -1.09 3.88 13.85
CA LYS A 48 -0.24 4.91 14.40
C LYS A 48 0.16 4.64 15.84
N ASP A 49 0.35 3.36 16.15
CA ASP A 49 0.81 2.95 17.47
C ASP A 49 2.32 2.77 17.44
N ASP A 50 2.94 2.64 18.60
CA ASP A 50 4.40 2.50 18.69
C ASP A 50 4.81 1.81 19.99
N GLY A 51 5.16 0.54 19.87
CA GLY A 51 5.64 -0.21 21.00
C GLY A 51 5.51 -1.70 20.81
N THR A 52 4.50 -2.09 20.03
CA THR A 52 4.23 -3.50 19.76
C THR A 52 4.01 -3.74 18.28
N GLU A 53 3.90 -5.01 17.89
CA GLU A 53 3.67 -5.36 16.50
C GLU A 53 2.19 -5.61 16.25
N ARG A 54 1.37 -4.66 16.68
CA ARG A 54 -0.09 -4.82 16.64
C ARG A 54 -0.66 -4.41 15.29
N SER A 55 0.20 -4.03 14.38
CA SER A 55 -0.21 -3.53 13.08
C SER A 55 0.64 -4.17 12.00
N ARG A 56 0.21 -5.32 11.52
CA ARG A 56 0.93 -6.01 10.49
C ARG A 56 -0.01 -6.69 9.47
N TRP A 57 -0.30 -5.95 8.38
CA TRP A 57 -1.22 -6.42 7.33
C TRP A 57 -0.95 -5.80 5.87
N ASN A 58 -0.38 -6.56 4.90
CA ASN A 58 0.14 -6.02 3.58
C ASN A 58 -0.92 -6.06 2.46
N CYS A 59 -0.71 -5.21 1.42
CA CYS A 59 -1.73 -4.97 0.38
C CYS A 59 -1.46 -5.85 -0.85
N LEU A 60 -2.50 -6.47 -1.39
CA LEU A 60 -2.35 -7.39 -2.48
C LEU A 60 -3.32 -7.03 -3.58
N PHE A 61 -2.83 -6.70 -4.76
CA PHE A 61 -3.69 -6.18 -5.81
C PHE A 61 -4.08 -7.32 -6.75
N ARG A 62 -5.38 -7.53 -6.95
CA ARG A 62 -5.85 -8.70 -7.67
C ARG A 62 -6.63 -8.31 -8.92
N GLN A 63 -6.17 -8.86 -10.05
CA GLN A 63 -6.81 -8.72 -11.34
C GLN A 63 -5.91 -9.40 -12.38
N GLY A 64 -6.50 -9.96 -13.42
CA GLY A 64 -5.68 -10.56 -14.47
C GLY A 64 -6.36 -11.72 -15.16
N ILE A 65 -5.56 -12.69 -15.57
CA ILE A 65 -6.05 -13.80 -16.38
C ILE A 65 -5.87 -15.15 -15.66
N ASN A 66 -4.67 -15.71 -15.71
CA ASN A 66 -4.36 -16.96 -15.04
C ASN A 66 -3.42 -16.69 -13.89
N MET A 67 -2.57 -17.65 -13.53
CA MET A 67 -1.59 -17.48 -12.46
C MET A 67 -0.69 -16.25 -12.69
N LYS A 68 -0.66 -15.76 -13.92
CA LYS A 68 0.05 -14.53 -14.24
C LYS A 68 -0.81 -13.31 -13.93
N PHE A 69 -0.82 -12.91 -12.65
CA PHE A 69 -1.57 -11.75 -12.23
C PHE A 69 -1.14 -11.33 -10.84
N PHE A 70 -1.89 -10.40 -10.21
CA PHE A 70 -1.64 -9.99 -8.82
C PHE A 70 -0.41 -9.08 -8.67
N THR A 71 -0.32 -8.46 -7.52
CA THR A 71 0.90 -7.79 -7.07
C THR A 71 0.81 -7.52 -5.58
N GLU A 72 1.87 -7.85 -4.89
CA GLU A 72 1.91 -7.68 -3.45
C GLU A 72 2.67 -6.41 -3.12
N VAL A 73 2.00 -5.47 -2.48
CA VAL A 73 2.63 -4.24 -2.10
C VAL A 73 2.45 -4.00 -0.62
N GLU A 74 3.53 -4.13 0.11
CA GLU A 74 3.51 -4.06 1.56
C GLU A 74 3.24 -2.66 2.05
N ALA A 75 2.19 -2.56 2.82
CA ALA A 75 1.77 -1.31 3.42
C ALA A 75 2.84 -0.77 4.38
N TYR A 76 3.02 -1.41 5.53
CA TYR A 76 4.00 -0.92 6.51
C TYR A 76 4.38 -2.01 7.51
N ARG A 77 5.60 -2.50 7.44
CA ARG A 77 6.03 -3.53 8.38
C ARG A 77 6.57 -2.89 9.66
N PRO A 78 6.07 -3.33 10.82
CA PRO A 78 6.43 -2.77 12.11
C PRO A 78 7.79 -3.27 12.62
N ASP A 79 8.58 -2.34 13.10
CA ASP A 79 9.85 -2.66 13.76
C ASP A 79 9.66 -2.58 15.27
N LEU A 80 10.02 -3.65 15.97
CA LEU A 80 9.81 -3.72 17.41
C LEU A 80 10.88 -2.90 18.13
N LYS A 81 12.01 -2.81 17.48
CA LYS A 81 13.14 -2.05 18.01
C LYS A 81 13.09 -0.61 17.52
N HIS A 82 12.84 -0.43 16.24
CA HIS A 82 12.80 0.90 15.64
C HIS A 82 11.35 1.35 15.44
N PRO A 83 10.78 2.13 16.38
CA PRO A 83 9.41 2.59 16.21
C PRO A 83 9.19 3.63 15.11
N LEU A 84 8.49 3.19 14.07
CA LEU A 84 8.00 4.03 12.97
C LEU A 84 9.11 4.86 12.30
N CYS A 85 8.68 5.90 11.55
CA CYS A 85 9.55 6.86 10.79
C CYS A 85 10.47 6.21 9.74
N GLY A 86 10.46 4.91 9.73
CA GLY A 86 11.13 4.11 8.69
C GLY A 86 10.10 3.62 7.71
N LYS A 87 9.04 4.40 7.66
CA LYS A 87 7.69 3.95 7.39
C LYS A 87 7.09 4.54 6.14
N ARG A 88 5.81 4.73 6.21
CA ARG A 88 4.86 4.57 5.11
C ARG A 88 5.22 5.31 3.82
N TYR A 89 4.84 4.66 2.73
CA TYR A 89 5.18 5.06 1.38
C TYR A 89 3.94 4.95 0.50
N GLU A 90 3.97 5.61 -0.65
CA GLU A 90 2.90 5.48 -1.63
C GLU A 90 3.18 4.34 -2.57
N LEU A 91 2.26 3.39 -2.58
CA LEU A 91 2.30 2.30 -3.53
C LEU A 91 1.17 2.52 -4.51
N SER A 92 1.52 2.80 -5.73
CA SER A 92 0.54 3.24 -6.69
C SER A 92 0.51 2.36 -7.90
N ALA A 93 -0.68 1.95 -8.26
CA ALA A 93 -0.91 1.17 -9.45
C ALA A 93 -1.05 2.09 -10.62
N ARG A 94 0.06 2.31 -11.23
CA ARG A 94 0.21 3.38 -12.22
C ARG A 94 0.58 2.90 -13.57
N MET A 95 0.30 3.84 -14.46
CA MET A 95 0.63 3.82 -15.86
C MET A 95 1.75 2.85 -16.19
N ASP A 96 2.88 2.99 -15.51
CA ASP A 96 4.00 2.07 -15.68
C ASP A 96 4.48 1.52 -14.35
N ALA A 97 3.60 0.71 -13.74
CA ALA A 97 3.93 -0.19 -12.62
C ALA A 97 3.48 0.37 -11.29
N ILE A 98 3.70 -0.44 -10.27
CA ILE A 98 3.35 -0.15 -8.91
C ILE A 98 4.52 0.53 -8.22
N TYR A 99 4.25 1.66 -7.60
CA TYR A 99 5.28 2.41 -6.90
C TYR A 99 5.39 1.93 -5.46
N PHE A 100 6.48 2.27 -4.81
CA PHE A 100 6.67 1.90 -3.41
C PHE A 100 7.48 2.99 -2.71
N LYS A 101 7.03 4.23 -2.83
CA LYS A 101 7.89 5.35 -2.48
C LYS A 101 7.10 6.53 -1.89
N MET A 102 7.72 7.22 -0.93
CA MET A 102 7.26 8.52 -0.49
C MET A 102 8.19 9.57 -1.11
N ASP A 103 7.71 10.23 -2.15
CA ASP A 103 8.61 11.00 -3.02
C ASP A 103 9.33 12.13 -2.30
N GLU A 104 10.45 12.47 -2.90
CA GLU A 104 11.46 13.35 -2.36
C GLU A 104 12.79 12.90 -2.95
N ARG A 105 12.91 11.58 -2.97
CA ARG A 105 14.11 10.88 -3.36
C ARG A 105 13.97 9.35 -3.14
N PRO A 106 13.09 8.85 -2.20
CA PRO A 106 12.78 7.41 -2.09
C PRO A 106 12.33 6.76 -3.42
N PRO A 107 11.94 5.44 -3.38
CA PRO A 107 11.70 4.59 -4.57
C PRO A 107 10.94 5.16 -5.79
N GLN A 108 10.71 4.25 -6.71
CA GLN A 108 10.08 4.52 -7.99
C GLN A 108 9.30 3.25 -8.36
N PRO A 109 8.71 3.09 -9.58
CA PRO A 109 8.01 1.85 -9.96
C PRO A 109 8.82 0.61 -9.60
N LEU A 110 8.39 -0.10 -8.57
CA LEU A 110 9.16 -1.19 -8.01
C LEU A 110 8.38 -2.50 -8.02
N ASN A 111 7.13 -2.42 -8.42
CA ASN A 111 6.25 -3.56 -8.43
C ASN A 111 5.40 -3.41 -9.64
N LYS A 112 4.70 -4.41 -10.06
CA LYS A 112 3.83 -4.25 -11.18
C LYS A 112 2.55 -5.01 -11.00
N TRP A 113 1.47 -4.37 -11.36
CA TRP A 113 0.18 -4.98 -11.25
C TRP A 113 0.02 -6.07 -12.28
N ARG A 114 -0.04 -7.29 -11.80
CA ARG A 114 -0.38 -8.47 -12.59
C ARG A 114 0.37 -8.54 -13.93
N SER A 115 -0.12 -9.36 -14.84
CA SER A 115 0.48 -9.50 -16.14
C SER A 115 -0.30 -8.67 -17.16
#